data_5ILV
# 
_entry.id   5ILV 
# 
_audit_conform.dict_name       mmcif_pdbx.dic 
_audit_conform.dict_version    5.398 
_audit_conform.dict_location   http://mmcif.pdb.org/dictionaries/ascii/mmcif_pdbx.dic 
# 
loop_
_database_2.database_id 
_database_2.database_code 
_database_2.pdbx_database_accession 
_database_2.pdbx_DOI 
PDB   5ILV         pdb_00005ilv 10.2210/pdb5ilv/pdb 
WWPDB D_1000219020 ?            ?                   
# 
loop_
_pdbx_audit_revision_history.ordinal 
_pdbx_audit_revision_history.data_content_type 
_pdbx_audit_revision_history.major_revision 
_pdbx_audit_revision_history.minor_revision 
_pdbx_audit_revision_history.revision_date 
1 'Structure model' 1 0 2017-02-22 
2 'Structure model' 1 1 2017-05-03 
3 'Structure model' 1 2 2017-09-20 
4 'Structure model' 1 3 2019-12-25 
5 'Structure model' 1 4 2024-11-13 
# 
_pdbx_audit_revision_details.ordinal             1 
_pdbx_audit_revision_details.revision_ordinal    1 
_pdbx_audit_revision_details.data_content_type   'Structure model' 
_pdbx_audit_revision_details.provider            repository 
_pdbx_audit_revision_details.type                'Initial release' 
_pdbx_audit_revision_details.description         ? 
_pdbx_audit_revision_details.details             ? 
# 
loop_
_pdbx_audit_revision_group.ordinal 
_pdbx_audit_revision_group.revision_ordinal 
_pdbx_audit_revision_group.data_content_type 
_pdbx_audit_revision_group.group 
1 2 'Structure model' 'Database references'        
2 3 'Structure model' 'Author supporting evidence' 
3 4 'Structure model' 'Author supporting evidence' 
4 5 'Structure model' 'Data collection'            
5 5 'Structure model' 'Database references'        
6 5 'Structure model' 'Structure summary'          
# 
loop_
_pdbx_audit_revision_category.ordinal 
_pdbx_audit_revision_category.revision_ordinal 
_pdbx_audit_revision_category.data_content_type 
_pdbx_audit_revision_category.category 
1 3 'Structure model' pdbx_audit_support        
2 4 'Structure model' pdbx_audit_support        
3 5 'Structure model' chem_comp_atom            
4 5 'Structure model' chem_comp_bond            
5 5 'Structure model' database_2                
6 5 'Structure model' pdbx_entry_details        
7 5 'Structure model' pdbx_modification_feature 
# 
loop_
_pdbx_audit_revision_item.ordinal 
_pdbx_audit_revision_item.revision_ordinal 
_pdbx_audit_revision_item.data_content_type 
_pdbx_audit_revision_item.item 
1 3 'Structure model' '_pdbx_audit_support.funding_organization' 
2 4 'Structure model' '_pdbx_audit_support.funding_organization' 
3 5 'Structure model' '_database_2.pdbx_DOI'                     
4 5 'Structure model' '_database_2.pdbx_database_accession'      
# 
_pdbx_database_status.status_code                     REL 
_pdbx_database_status.status_code_sf                  REL 
_pdbx_database_status.status_code_mr                  ? 
_pdbx_database_status.entry_id                        5ILV 
_pdbx_database_status.recvd_initial_deposition_date   2016-03-04 
_pdbx_database_status.SG_entry                        N 
_pdbx_database_status.deposit_site                    RCSB 
_pdbx_database_status.process_site                    RCSB 
_pdbx_database_status.status_code_cs                  ? 
_pdbx_database_status.methods_development_category    ? 
_pdbx_database_status.pdb_format_compatible           Y 
_pdbx_database_status.status_code_nmr_data            ? 
# 
loop_
_pdbx_database_related.db_name 
_pdbx_database_related.details 
_pdbx_database_related.db_id 
_pdbx_database_related.content_type 
PDB . 5ILS unspecified 
PDB . 5ILU unspecified 
# 
loop_
_audit_author.name 
_audit_author.pdbx_ordinal 
'Whitby, F.G.' 1 
'Currie, S.L.' 2 
# 
_citation.abstract                  ? 
_citation.abstract_id_CAS           ? 
_citation.book_id_ISBN              ? 
_citation.book_publisher            ? 
_citation.book_publisher_city       ? 
_citation.book_title                ? 
_citation.coordinate_linkage        ? 
_citation.country                   UK 
_citation.database_id_Medline       ? 
_citation.details                   ? 
_citation.id                        primary 
_citation.journal_abbrev            'Nucleic Acids Res.' 
_citation.journal_id_ASTM           NARHAD 
_citation.journal_id_CSD            0389 
_citation.journal_id_ISSN           1362-4962 
_citation.journal_full              ? 
_citation.journal_issue             ? 
_citation.journal_volume            45 
_citation.language                  ? 
_citation.page_first                2223 
_citation.page_last                 2241 
_citation.title                     
'Structured and disordered regions cooperatively mediate DNA-binding autoinhibition of ETS factors ETV1, ETV4 and ETV5.' 
_citation.year                      2017 
_citation.database_id_CSD           ? 
_citation.pdbx_database_id_DOI      10.1093/nar/gkx068 
_citation.pdbx_database_id_PubMed   28161714 
_citation.unpublished_flag          ? 
# 
loop_
_citation_author.citation_id 
_citation_author.name 
_citation_author.ordinal 
_citation_author.identifier_ORCID 
primary 'Currie, S.L.'   1 ? 
primary 'Lau, D.K.W.'    2 ? 
primary 'Doane, J.J.'    3 ? 
primary 'Whitby, F.G.'   4 ? 
primary 'Okon, M.'       5 ? 
primary 'McIntosh, L.P.' 6 ? 
primary 'Graves, B.J.'   7 ? 
# 
loop_
_entity.id 
_entity.type 
_entity.src_method 
_entity.pdbx_description 
_entity.formula_weight 
_entity.pdbx_number_of_molecules 
_entity.pdbx_ec 
_entity.pdbx_mutation 
_entity.pdbx_fragment 
_entity.details 
1 polymer man 'ETS translocation variant 5' 10883.551 1   ? ? ? ? 
2 water   nat water                         18.015    110 ? ? ? ? 
# 
_entity_name_com.entity_id   1 
_entity_name_com.name        'Ets-related protein ERM' 
# 
_entity_poly.entity_id                      1 
_entity_poly.type                           'polypeptide(L)' 
_entity_poly.nstd_linkage                   no 
_entity_poly.nstd_monomer                   no 
_entity_poly.pdbx_seq_one_letter_code       
;GSLQLWQFLVTLLDDPANAHFIAWTGRGMEFKLIEPEEVARRWGIQKNRPAMNYDKLSRSLRYYYEKGIMQKVAGERYVY
KFVCDPDALFSM
;
_entity_poly.pdbx_seq_one_letter_code_can   
;GSLQLWQFLVTLLDDPANAHFIAWTGRGMEFKLIEPEEVARRWGIQKNRPAMNYDKLSRSLRYYYEKGIMQKVAGERYVY
KFVCDPDALFSM
;
_entity_poly.pdbx_strand_id                 A 
_entity_poly.pdbx_target_identifier         ? 
# 
_pdbx_entity_nonpoly.entity_id   2 
_pdbx_entity_nonpoly.name        water 
_pdbx_entity_nonpoly.comp_id     HOH 
# 
loop_
_entity_poly_seq.entity_id 
_entity_poly_seq.num 
_entity_poly_seq.mon_id 
_entity_poly_seq.hetero 
1 1  GLY n 
1 2  SER n 
1 3  LEU n 
1 4  GLN n 
1 5  LEU n 
1 6  TRP n 
1 7  GLN n 
1 8  PHE n 
1 9  LEU n 
1 10 VAL n 
1 11 THR n 
1 12 LEU n 
1 13 LEU n 
1 14 ASP n 
1 15 ASP n 
1 16 PRO n 
1 17 ALA n 
1 18 ASN n 
1 19 ALA n 
1 20 HIS n 
1 21 PHE n 
1 22 ILE n 
1 23 ALA n 
1 24 TRP n 
1 25 THR n 
1 26 GLY n 
1 27 ARG n 
1 28 GLY n 
1 29 MET n 
1 30 GLU n 
1 31 PHE n 
1 32 LYS n 
1 33 LEU n 
1 34 ILE n 
1 35 GLU n 
1 36 PRO n 
1 37 GLU n 
1 38 GLU n 
1 39 VAL n 
1 40 ALA n 
1 41 ARG n 
1 42 ARG n 
1 43 TRP n 
1 44 GLY n 
1 45 ILE n 
1 46 GLN n 
1 47 LYS n 
1 48 ASN n 
1 49 ARG n 
1 50 PRO n 
1 51 ALA n 
1 52 MET n 
1 53 ASN n 
1 54 TYR n 
1 55 ASP n 
1 56 LYS n 
1 57 LEU n 
1 58 SER n 
1 59 ARG n 
1 60 SER n 
1 61 LEU n 
1 62 ARG n 
1 63 TYR n 
1 64 TYR n 
1 65 TYR n 
1 66 GLU n 
1 67 LYS n 
1 68 GLY n 
1 69 ILE n 
1 70 MET n 
1 71 GLN n 
1 72 LYS n 
1 73 VAL n 
1 74 ALA n 
1 75 GLY n 
1 76 GLU n 
1 77 ARG n 
1 78 TYR n 
1 79 VAL n 
1 80 TYR n 
1 81 LYS n 
1 82 PHE n 
1 83 VAL n 
1 84 CYS n 
1 85 ASP n 
1 86 PRO n 
1 87 ASP n 
1 88 ALA n 
1 89 LEU n 
1 90 PHE n 
1 91 SER n 
1 92 MET n 
# 
_entity_src_gen.entity_id                          1 
_entity_src_gen.pdbx_src_id                        1 
_entity_src_gen.pdbx_alt_source_flag               sample 
_entity_src_gen.pdbx_seq_type                      'Biological sequence' 
_entity_src_gen.pdbx_beg_seq_num                   1 
_entity_src_gen.pdbx_end_seq_num                   92 
_entity_src_gen.gene_src_common_name               Human 
_entity_src_gen.gene_src_genus                     ? 
_entity_src_gen.pdbx_gene_src_gene                 'ETV5, ERM' 
_entity_src_gen.gene_src_species                   ? 
_entity_src_gen.gene_src_strain                    ? 
_entity_src_gen.gene_src_tissue                    ? 
_entity_src_gen.gene_src_tissue_fraction           ? 
_entity_src_gen.gene_src_details                   ? 
_entity_src_gen.pdbx_gene_src_fragment             ? 
_entity_src_gen.pdbx_gene_src_scientific_name      'Homo sapiens' 
_entity_src_gen.pdbx_gene_src_ncbi_taxonomy_id     9606 
_entity_src_gen.pdbx_gene_src_variant              ? 
_entity_src_gen.pdbx_gene_src_cell_line            ? 
_entity_src_gen.pdbx_gene_src_atcc                 ? 
_entity_src_gen.pdbx_gene_src_organ                ? 
_entity_src_gen.pdbx_gene_src_organelle            ? 
_entity_src_gen.pdbx_gene_src_cell                 ? 
_entity_src_gen.pdbx_gene_src_cellular_location    ? 
_entity_src_gen.host_org_common_name               ? 
_entity_src_gen.pdbx_host_org_scientific_name      'Escherichia coli' 
_entity_src_gen.pdbx_host_org_ncbi_taxonomy_id     562 
_entity_src_gen.host_org_genus                     ? 
_entity_src_gen.pdbx_host_org_gene                 ? 
_entity_src_gen.pdbx_host_org_organ                ? 
_entity_src_gen.host_org_species                   ? 
_entity_src_gen.pdbx_host_org_tissue               ? 
_entity_src_gen.pdbx_host_org_tissue_fraction      ? 
_entity_src_gen.pdbx_host_org_strain               ? 
_entity_src_gen.pdbx_host_org_variant              ? 
_entity_src_gen.pdbx_host_org_cell_line            ? 
_entity_src_gen.pdbx_host_org_atcc                 ? 
_entity_src_gen.pdbx_host_org_culture_collection   ? 
_entity_src_gen.pdbx_host_org_cell                 ? 
_entity_src_gen.pdbx_host_org_organelle            ? 
_entity_src_gen.pdbx_host_org_cellular_location    ? 
_entity_src_gen.pdbx_host_org_vector_type          ? 
_entity_src_gen.pdbx_host_org_vector               ? 
_entity_src_gen.host_org_details                   ? 
_entity_src_gen.expression_system_id               ? 
_entity_src_gen.plasmid_name                       ? 
_entity_src_gen.plasmid_details                    ? 
_entity_src_gen.pdbx_description                   ? 
# 
loop_
_chem_comp.id 
_chem_comp.type 
_chem_comp.mon_nstd_flag 
_chem_comp.name 
_chem_comp.pdbx_synonyms 
_chem_comp.formula 
_chem_comp.formula_weight 
ALA 'L-peptide linking' y ALANINE         ? 'C3 H7 N O2'     89.093  
ARG 'L-peptide linking' y ARGININE        ? 'C6 H15 N4 O2 1' 175.209 
ASN 'L-peptide linking' y ASPARAGINE      ? 'C4 H8 N2 O3'    132.118 
ASP 'L-peptide linking' y 'ASPARTIC ACID' ? 'C4 H7 N O4'     133.103 
CYS 'L-peptide linking' y CYSTEINE        ? 'C3 H7 N O2 S'   121.158 
GLN 'L-peptide linking' y GLUTAMINE       ? 'C5 H10 N2 O3'   146.144 
GLU 'L-peptide linking' y 'GLUTAMIC ACID' ? 'C5 H9 N O4'     147.129 
GLY 'peptide linking'   y GLYCINE         ? 'C2 H5 N O2'     75.067  
HIS 'L-peptide linking' y HISTIDINE       ? 'C6 H10 N3 O2 1' 156.162 
HOH non-polymer         . WATER           ? 'H2 O'           18.015  
ILE 'L-peptide linking' y ISOLEUCINE      ? 'C6 H13 N O2'    131.173 
LEU 'L-peptide linking' y LEUCINE         ? 'C6 H13 N O2'    131.173 
LYS 'L-peptide linking' y LYSINE          ? 'C6 H15 N2 O2 1' 147.195 
MET 'L-peptide linking' y METHIONINE      ? 'C5 H11 N O2 S'  149.211 
PHE 'L-peptide linking' y PHENYLALANINE   ? 'C9 H11 N O2'    165.189 
PRO 'L-peptide linking' y PROLINE         ? 'C5 H9 N O2'     115.130 
SER 'L-peptide linking' y SERINE          ? 'C3 H7 N O3'     105.093 
THR 'L-peptide linking' y THREONINE       ? 'C4 H9 N O3'     119.119 
TRP 'L-peptide linking' y TRYPTOPHAN      ? 'C11 H12 N2 O2'  204.225 
TYR 'L-peptide linking' y TYROSINE        ? 'C9 H11 N O3'    181.189 
VAL 'L-peptide linking' y VALINE          ? 'C5 H11 N O2'    117.146 
# 
loop_
_pdbx_poly_seq_scheme.asym_id 
_pdbx_poly_seq_scheme.entity_id 
_pdbx_poly_seq_scheme.seq_id 
_pdbx_poly_seq_scheme.mon_id 
_pdbx_poly_seq_scheme.ndb_seq_num 
_pdbx_poly_seq_scheme.pdb_seq_num 
_pdbx_poly_seq_scheme.auth_seq_num 
_pdbx_poly_seq_scheme.pdb_mon_id 
_pdbx_poly_seq_scheme.auth_mon_id 
_pdbx_poly_seq_scheme.pdb_strand_id 
_pdbx_poly_seq_scheme.pdb_ins_code 
_pdbx_poly_seq_scheme.hetero 
A 1 1  GLY 1  366 366 GLY GLY A . n 
A 1 2  SER 2  367 367 SER SER A . n 
A 1 3  LEU 3  368 368 LEU LEU A . n 
A 1 4  GLN 4  369 369 GLN GLN A . n 
A 1 5  LEU 5  370 370 LEU LEU A . n 
A 1 6  TRP 6  371 371 TRP TRP A . n 
A 1 7  GLN 7  372 372 GLN GLN A . n 
A 1 8  PHE 8  373 373 PHE PHE A . n 
A 1 9  LEU 9  374 374 LEU LEU A . n 
A 1 10 VAL 10 375 375 VAL VAL A . n 
A 1 11 THR 11 376 376 THR THR A . n 
A 1 12 LEU 12 377 377 LEU LEU A . n 
A 1 13 LEU 13 378 378 LEU LEU A . n 
A 1 14 ASP 14 379 379 ASP ASP A . n 
A 1 15 ASP 15 380 380 ASP ASP A . n 
A 1 16 PRO 16 381 381 PRO PRO A . n 
A 1 17 ALA 17 382 382 ALA ALA A . n 
A 1 18 ASN 18 383 383 ASN ASN A . n 
A 1 19 ALA 19 384 384 ALA ALA A . n 
A 1 20 HIS 20 385 385 HIS HIS A . n 
A 1 21 PHE 21 386 386 PHE PHE A . n 
A 1 22 ILE 22 387 387 ILE ILE A . n 
A 1 23 ALA 23 388 388 ALA ALA A . n 
A 1 24 TRP 24 389 389 TRP TRP A . n 
A 1 25 THR 25 390 390 THR THR A . n 
A 1 26 GLY 26 391 391 GLY GLY A . n 
A 1 27 ARG 27 392 392 ARG ARG A . n 
A 1 28 GLY 28 393 393 GLY GLY A . n 
A 1 29 MET 29 394 394 MET MET A . n 
A 1 30 GLU 30 395 395 GLU GLU A . n 
A 1 31 PHE 31 396 396 PHE PHE A . n 
A 1 32 LYS 32 397 397 LYS LYS A . n 
A 1 33 LEU 33 398 398 LEU LEU A . n 
A 1 34 ILE 34 399 399 ILE ILE A . n 
A 1 35 GLU 35 400 400 GLU GLU A . n 
A 1 36 PRO 36 401 401 PRO PRO A . n 
A 1 37 GLU 37 402 402 GLU GLU A . n 
A 1 38 GLU 38 403 403 GLU GLU A . n 
A 1 39 VAL 39 404 404 VAL VAL A . n 
A 1 40 ALA 40 405 405 ALA ALA A . n 
A 1 41 ARG 41 406 406 ARG ARG A . n 
A 1 42 ARG 42 407 407 ARG ARG A . n 
A 1 43 TRP 43 408 408 TRP TRP A . n 
A 1 44 GLY 44 409 409 GLY GLY A . n 
A 1 45 ILE 45 410 410 ILE ILE A . n 
A 1 46 GLN 46 411 411 GLN GLN A . n 
A 1 47 LYS 47 412 412 LYS LYS A . n 
A 1 48 ASN 48 413 413 ASN ASN A . n 
A 1 49 ARG 49 414 414 ARG ARG A . n 
A 1 50 PRO 50 415 415 PRO PRO A . n 
A 1 51 ALA 51 416 416 ALA ALA A . n 
A 1 52 MET 52 417 417 MET MET A . n 
A 1 53 ASN 53 418 418 ASN ASN A . n 
A 1 54 TYR 54 419 419 TYR TYR A . n 
A 1 55 ASP 55 420 420 ASP ASP A . n 
A 1 56 LYS 56 421 421 LYS LYS A . n 
A 1 57 LEU 57 422 422 LEU LEU A . n 
A 1 58 SER 58 423 423 SER SER A . n 
A 1 59 ARG 59 424 424 ARG ARG A . n 
A 1 60 SER 60 425 425 SER SER A . n 
A 1 61 LEU 61 426 426 LEU LEU A . n 
A 1 62 ARG 62 427 427 ARG ARG A . n 
A 1 63 TYR 63 428 428 TYR TYR A . n 
A 1 64 TYR 64 429 429 TYR TYR A . n 
A 1 65 TYR 65 430 430 TYR TYR A . n 
A 1 66 GLU 66 431 431 GLU GLU A . n 
A 1 67 LYS 67 432 432 LYS LYS A . n 
A 1 68 GLY 68 433 433 GLY GLY A . n 
A 1 69 ILE 69 434 434 ILE ILE A . n 
A 1 70 MET 70 435 435 MET MET A . n 
A 1 71 GLN 71 436 436 GLN GLN A . n 
A 1 72 LYS 72 437 437 LYS LYS A . n 
A 1 73 VAL 73 438 438 VAL VAL A . n 
A 1 74 ALA 74 439 439 ALA ALA A . n 
A 1 75 GLY 75 440 440 GLY GLY A . n 
A 1 76 GLU 76 441 441 GLU GLU A . n 
A 1 77 ARG 77 442 442 ARG ARG A . n 
A 1 78 TYR 78 443 443 TYR TYR A . n 
A 1 79 VAL 79 444 444 VAL VAL A . n 
A 1 80 TYR 80 445 445 TYR TYR A . n 
A 1 81 LYS 81 446 446 LYS LYS A . n 
A 1 82 PHE 82 447 447 PHE PHE A . n 
A 1 83 VAL 83 448 448 VAL VAL A . n 
A 1 84 CYS 84 449 449 CYS CYS A . n 
A 1 85 ASP 85 450 450 ASP ASP A . n 
A 1 86 PRO 86 451 451 PRO PRO A . n 
A 1 87 ASP 87 452 452 ASP ASP A . n 
A 1 88 ALA 88 453 453 ALA ALA A . n 
A 1 89 LEU 89 454 454 LEU LEU A . n 
A 1 90 PHE 90 455 455 PHE PHE A . n 
A 1 91 SER 91 456 456 SER SER A . n 
A 1 92 MET 92 457 457 MET MET A . n 
# 
loop_
_pdbx_nonpoly_scheme.asym_id 
_pdbx_nonpoly_scheme.entity_id 
_pdbx_nonpoly_scheme.mon_id 
_pdbx_nonpoly_scheme.ndb_seq_num 
_pdbx_nonpoly_scheme.pdb_seq_num 
_pdbx_nonpoly_scheme.auth_seq_num 
_pdbx_nonpoly_scheme.pdb_mon_id 
_pdbx_nonpoly_scheme.auth_mon_id 
_pdbx_nonpoly_scheme.pdb_strand_id 
_pdbx_nonpoly_scheme.pdb_ins_code 
B 2 HOH 1   501 44  HOH HOH A . 
B 2 HOH 2   502 9   HOH HOH A . 
B 2 HOH 3   503 53  HOH HOH A . 
B 2 HOH 4   504 15  HOH HOH A . 
B 2 HOH 5   505 1   HOH HOH A . 
B 2 HOH 6   506 54  HOH HOH A . 
B 2 HOH 7   507 5   HOH HOH A . 
B 2 HOH 8   508 49  HOH HOH A . 
B 2 HOH 9   509 7   HOH HOH A . 
B 2 HOH 10  510 70  HOH HOH A . 
B 2 HOH 11  511 75  HOH HOH A . 
B 2 HOH 12  512 27  HOH HOH A . 
B 2 HOH 13  513 94  HOH HOH A . 
B 2 HOH 14  514 20  HOH HOH A . 
B 2 HOH 15  515 22  HOH HOH A . 
B 2 HOH 16  516 10  HOH HOH A . 
B 2 HOH 17  517 98  HOH HOH A . 
B 2 HOH 18  518 30  HOH HOH A . 
B 2 HOH 19  519 12  HOH HOH A . 
B 2 HOH 20  520 3   HOH HOH A . 
B 2 HOH 21  521 40  HOH HOH A . 
B 2 HOH 22  522 110 HOH HOH A . 
B 2 HOH 23  523 77  HOH HOH A . 
B 2 HOH 24  524 45  HOH HOH A . 
B 2 HOH 25  525 6   HOH HOH A . 
B 2 HOH 26  526 32  HOH HOH A . 
B 2 HOH 27  527 33  HOH HOH A . 
B 2 HOH 28  528 11  HOH HOH A . 
B 2 HOH 29  529 55  HOH HOH A . 
B 2 HOH 30  530 67  HOH HOH A . 
B 2 HOH 31  531 25  HOH HOH A . 
B 2 HOH 32  532 4   HOH HOH A . 
B 2 HOH 33  533 80  HOH HOH A . 
B 2 HOH 34  534 16  HOH HOH A . 
B 2 HOH 35  535 91  HOH HOH A . 
B 2 HOH 36  536 35  HOH HOH A . 
B 2 HOH 37  537 56  HOH HOH A . 
B 2 HOH 38  538 57  HOH HOH A . 
B 2 HOH 39  539 51  HOH HOH A . 
B 2 HOH 40  540 81  HOH HOH A . 
B 2 HOH 41  541 34  HOH HOH A . 
B 2 HOH 42  542 65  HOH HOH A . 
B 2 HOH 43  543 109 HOH HOH A . 
B 2 HOH 44  544 43  HOH HOH A . 
B 2 HOH 45  545 23  HOH HOH A . 
B 2 HOH 46  546 96  HOH HOH A . 
B 2 HOH 47  547 97  HOH HOH A . 
B 2 HOH 48  548 71  HOH HOH A . 
B 2 HOH 49  549 13  HOH HOH A . 
B 2 HOH 50  550 2   HOH HOH A . 
B 2 HOH 51  551 61  HOH HOH A . 
B 2 HOH 52  552 14  HOH HOH A . 
B 2 HOH 53  553 46  HOH HOH A . 
B 2 HOH 54  554 52  HOH HOH A . 
B 2 HOH 55  555 17  HOH HOH A . 
B 2 HOH 56  556 8   HOH HOH A . 
B 2 HOH 57  557 104 HOH HOH A . 
B 2 HOH 58  558 41  HOH HOH A . 
B 2 HOH 59  559 37  HOH HOH A . 
B 2 HOH 60  560 69  HOH HOH A . 
B 2 HOH 61  561 18  HOH HOH A . 
B 2 HOH 62  562 85  HOH HOH A . 
B 2 HOH 63  563 24  HOH HOH A . 
B 2 HOH 64  564 38  HOH HOH A . 
B 2 HOH 65  565 29  HOH HOH A . 
B 2 HOH 66  566 19  HOH HOH A . 
B 2 HOH 67  567 63  HOH HOH A . 
B 2 HOH 68  568 76  HOH HOH A . 
B 2 HOH 69  569 83  HOH HOH A . 
B 2 HOH 70  570 28  HOH HOH A . 
B 2 HOH 71  571 59  HOH HOH A . 
B 2 HOH 72  572 95  HOH HOH A . 
B 2 HOH 73  573 102 HOH HOH A . 
B 2 HOH 74  574 93  HOH HOH A . 
B 2 HOH 75  575 106 HOH HOH A . 
B 2 HOH 76  576 60  HOH HOH A . 
B 2 HOH 77  577 74  HOH HOH A . 
B 2 HOH 78  578 73  HOH HOH A . 
B 2 HOH 79  579 107 HOH HOH A . 
B 2 HOH 80  580 100 HOH HOH A . 
B 2 HOH 81  581 86  HOH HOH A . 
B 2 HOH 82  582 92  HOH HOH A . 
B 2 HOH 83  583 58  HOH HOH A . 
B 2 HOH 84  584 87  HOH HOH A . 
B 2 HOH 85  585 26  HOH HOH A . 
B 2 HOH 86  586 99  HOH HOH A . 
B 2 HOH 87  587 39  HOH HOH A . 
B 2 HOH 88  588 108 HOH HOH A . 
B 2 HOH 89  589 89  HOH HOH A . 
B 2 HOH 90  590 64  HOH HOH A . 
B 2 HOH 91  591 90  HOH HOH A . 
B 2 HOH 92  592 66  HOH HOH A . 
B 2 HOH 93  593 82  HOH HOH A . 
B 2 HOH 94  594 42  HOH HOH A . 
B 2 HOH 95  595 72  HOH HOH A . 
B 2 HOH 96  596 105 HOH HOH A . 
B 2 HOH 97  597 103 HOH HOH A . 
B 2 HOH 98  598 50  HOH HOH A . 
B 2 HOH 99  599 48  HOH HOH A . 
B 2 HOH 100 600 31  HOH HOH A . 
B 2 HOH 101 601 47  HOH HOH A . 
B 2 HOH 102 602 21  HOH HOH A . 
B 2 HOH 103 603 79  HOH HOH A . 
B 2 HOH 104 604 68  HOH HOH A . 
B 2 HOH 105 605 36  HOH HOH A . 
B 2 HOH 106 606 62  HOH HOH A . 
B 2 HOH 107 607 84  HOH HOH A . 
B 2 HOH 108 608 78  HOH HOH A . 
B 2 HOH 109 609 88  HOH HOH A . 
B 2 HOH 110 610 101 HOH HOH A . 
# 
loop_
_software.citation_id 
_software.classification 
_software.compiler_name 
_software.compiler_version 
_software.contact_author 
_software.contact_author_email 
_software.date 
_software.description 
_software.dependencies 
_software.hardware 
_software.language 
_software.location 
_software.mods 
_software.name 
_software.os 
_software.os_version 
_software.type 
_software.version 
_software.pdbx_ordinal 
? 'data collection' ? ? ? ? ? ? ? ? ? ? ? HKL-2000    ? ? ? .     1 
? 'data scaling'    ? ? ? ? ? ? ? ? ? ? ? SCALEPACK   ? ? ? .     2 
? phasing           ? ? ? ? ? ? ? ? ? ? ? PHASER      ? ? ? 2.3.0 3 
? refinement        ? ? ? ? ? ? ? ? ? ? ? PHENIX      ? ? ? .     4 
? 'data extraction' ? ? ? ? ? ? ? ? ? ? ? PDB_EXTRACT ? ? ? 3.20  5 
# 
_cell.angle_alpha                  90.000 
_cell.angle_alpha_esd              ? 
_cell.angle_beta                   90.000 
_cell.angle_beta_esd               ? 
_cell.angle_gamma                  90.000 
_cell.angle_gamma_esd              ? 
_cell.entry_id                     5ILV 
_cell.details                      ? 
_cell.formula_units_Z              ? 
_cell.length_a                     57.371 
_cell.length_a_esd                 ? 
_cell.length_b                     65.611 
_cell.length_b_esd                 ? 
_cell.length_c                     52.677 
_cell.length_c_esd                 ? 
_cell.volume                       ? 
_cell.volume_esd                   ? 
_cell.Z_PDB                        8 
_cell.reciprocal_angle_alpha       ? 
_cell.reciprocal_angle_beta        ? 
_cell.reciprocal_angle_gamma       ? 
_cell.reciprocal_angle_alpha_esd   ? 
_cell.reciprocal_angle_beta_esd    ? 
_cell.reciprocal_angle_gamma_esd   ? 
_cell.reciprocal_length_a          ? 
_cell.reciprocal_length_b          ? 
_cell.reciprocal_length_c          ? 
_cell.reciprocal_length_a_esd      ? 
_cell.reciprocal_length_b_esd      ? 
_cell.reciprocal_length_c_esd      ? 
_cell.pdbx_unique_axis             ? 
# 
_symmetry.entry_id                         5ILV 
_symmetry.cell_setting                     ? 
_symmetry.Int_Tables_number                20 
_symmetry.space_group_name_Hall            ? 
_symmetry.space_group_name_H-M             'C 2 2 21' 
_symmetry.pdbx_full_space_group_name_H-M   ? 
# 
_exptl.absorpt_coefficient_mu     ? 
_exptl.absorpt_correction_T_max   ? 
_exptl.absorpt_correction_T_min   ? 
_exptl.absorpt_correction_type    ? 
_exptl.absorpt_process_details    ? 
_exptl.entry_id                   5ILV 
_exptl.crystals_number            1 
_exptl.details                    ? 
_exptl.method                     'X-RAY DIFFRACTION' 
_exptl.method_details             ? 
# 
_exptl_crystal.colour                      ? 
_exptl_crystal.density_diffrn              ? 
_exptl_crystal.density_Matthews            2.28 
_exptl_crystal.density_method              ? 
_exptl_crystal.density_percent_sol         45.99 
_exptl_crystal.description                 ? 
_exptl_crystal.F_000                       ? 
_exptl_crystal.id                          1 
_exptl_crystal.preparation                 ? 
_exptl_crystal.size_max                    ? 
_exptl_crystal.size_mid                    ? 
_exptl_crystal.size_min                    ? 
_exptl_crystal.size_rad                    ? 
_exptl_crystal.colour_lustre               ? 
_exptl_crystal.colour_modifier             ? 
_exptl_crystal.colour_primary              ? 
_exptl_crystal.density_meas                ? 
_exptl_crystal.density_meas_esd            ? 
_exptl_crystal.density_meas_gt             ? 
_exptl_crystal.density_meas_lt             ? 
_exptl_crystal.density_meas_temp           ? 
_exptl_crystal.density_meas_temp_esd       ? 
_exptl_crystal.density_meas_temp_gt        ? 
_exptl_crystal.density_meas_temp_lt        ? 
_exptl_crystal.pdbx_crystal_image_url      ? 
_exptl_crystal.pdbx_crystal_image_format   ? 
_exptl_crystal.pdbx_mosaicity              ? 
_exptl_crystal.pdbx_mosaicity_esd          ? 
# 
_exptl_crystal_grow.apparatus       ? 
_exptl_crystal_grow.atmosphere      ? 
_exptl_crystal_grow.crystal_id      1 
_exptl_crystal_grow.details         ? 
_exptl_crystal_grow.method          'VAPOR DIFFUSION, SITTING DROP' 
_exptl_crystal_grow.method_ref      ? 
_exptl_crystal_grow.pH              5.0 
_exptl_crystal_grow.pressure        ? 
_exptl_crystal_grow.pressure_esd    ? 
_exptl_crystal_grow.seeding         ? 
_exptl_crystal_grow.seeding_ref     ? 
_exptl_crystal_grow.temp            277 
_exptl_crystal_grow.temp_details    ? 
_exptl_crystal_grow.temp_esd        ? 
_exptl_crystal_grow.time            ? 
_exptl_crystal_grow.pdbx_details    '20% PEG 3350, 200 mM (NH4)2SO4, pH 5.0' 
_exptl_crystal_grow.pdbx_pH_range   ? 
# 
_diffrn.ambient_environment    ? 
_diffrn.ambient_temp           100 
_diffrn.ambient_temp_details   ? 
_diffrn.ambient_temp_esd       ? 
_diffrn.crystal_id             1 
_diffrn.crystal_support        ? 
_diffrn.crystal_treatment      ? 
_diffrn.details                ? 
_diffrn.id                     1 
_diffrn.ambient_pressure       ? 
_diffrn.ambient_pressure_esd   ? 
_diffrn.ambient_pressure_gt    ? 
_diffrn.ambient_pressure_lt    ? 
_diffrn.ambient_temp_gt        ? 
_diffrn.ambient_temp_lt        ? 
# 
_diffrn_detector.details                      ? 
_diffrn_detector.detector                     CCD 
_diffrn_detector.diffrn_id                    1 
_diffrn_detector.type                         'ADSC QUANTUM 315r' 
_diffrn_detector.area_resol_mean              ? 
_diffrn_detector.dtime                        ? 
_diffrn_detector.pdbx_frames_total            ? 
_diffrn_detector.pdbx_collection_time_total   ? 
_diffrn_detector.pdbx_collection_date         2013-01-12 
# 
_diffrn_radiation.collimation                      ? 
_diffrn_radiation.diffrn_id                        1 
_diffrn_radiation.filter_edge                      ? 
_diffrn_radiation.inhomogeneity                    ? 
_diffrn_radiation.monochromator                    ? 
_diffrn_radiation.polarisn_norm                    ? 
_diffrn_radiation.polarisn_ratio                   ? 
_diffrn_radiation.probe                            ? 
_diffrn_radiation.type                             ? 
_diffrn_radiation.xray_symbol                      ? 
_diffrn_radiation.wavelength_id                    1 
_diffrn_radiation.pdbx_monochromatic_or_laue_m_l   M 
_diffrn_radiation.pdbx_wavelength_list             ? 
_diffrn_radiation.pdbx_wavelength                  ? 
_diffrn_radiation.pdbx_diffrn_protocol             'SINGLE WAVELENGTH' 
_diffrn_radiation.pdbx_analyzer                    ? 
_diffrn_radiation.pdbx_scattering_type             x-ray 
# 
_diffrn_radiation_wavelength.id           1 
_diffrn_radiation_wavelength.wavelength   1.1271 
_diffrn_radiation_wavelength.wt           1.0 
# 
_diffrn_source.current                     ? 
_diffrn_source.details                     ? 
_diffrn_source.diffrn_id                   1 
_diffrn_source.power                       ? 
_diffrn_source.size                        ? 
_diffrn_source.source                      SYNCHROTRON 
_diffrn_source.target                      ? 
_diffrn_source.type                        'SSRL BEAMLINE BL7-1' 
_diffrn_source.voltage                     ? 
_diffrn_source.take-off_angle              ? 
_diffrn_source.pdbx_wavelength_list        1.1271 
_diffrn_source.pdbx_wavelength             ? 
_diffrn_source.pdbx_synchrotron_beamline   BL7-1 
_diffrn_source.pdbx_synchrotron_site       SSRL 
# 
_reflns.B_iso_Wilson_estimate            23.030 
_reflns.entry_id                         5ILV 
_reflns.data_reduction_details           ? 
_reflns.data_reduction_method            ? 
_reflns.d_resolution_high                1.800 
_reflns.d_resolution_low                 30.000 
_reflns.details                          ? 
_reflns.limit_h_max                      ? 
_reflns.limit_h_min                      ? 
_reflns.limit_k_max                      ? 
_reflns.limit_k_min                      ? 
_reflns.limit_l_max                      ? 
_reflns.limit_l_min                      ? 
_reflns.number_all                       ? 
_reflns.number_obs                       9566 
_reflns.observed_criterion               ? 
_reflns.observed_criterion_F_max         ? 
_reflns.observed_criterion_F_min         ? 
_reflns.observed_criterion_I_max         ? 
_reflns.observed_criterion_I_min         ? 
_reflns.observed_criterion_sigma_F       ? 
_reflns.observed_criterion_sigma_I       ? 
_reflns.percent_possible_obs             99.200 
_reflns.R_free_details                   ? 
_reflns.Rmerge_F_all                     ? 
_reflns.Rmerge_F_obs                     ? 
_reflns.Friedel_coverage                 ? 
_reflns.number_gt                        ? 
_reflns.threshold_expression             ? 
_reflns.pdbx_redundancy                  5.200 
_reflns.pdbx_Rmerge_I_obs                0.082 
_reflns.pdbx_Rmerge_I_all                ? 
_reflns.pdbx_Rsym_value                  ? 
_reflns.pdbx_netI_over_av_sigmaI         16.355 
_reflns.pdbx_netI_over_sigmaI            12.200 
_reflns.pdbx_res_netI_over_av_sigmaI_2   ? 
_reflns.pdbx_res_netI_over_sigmaI_2      ? 
_reflns.pdbx_chi_squared                 1.001 
_reflns.pdbx_scaling_rejects             ? 
_reflns.pdbx_d_res_high_opt              ? 
_reflns.pdbx_d_res_low_opt               ? 
_reflns.pdbx_d_res_opt_method            ? 
_reflns.phase_calculation_details        ? 
_reflns.pdbx_Rrim_I_all                  0.092 
_reflns.pdbx_Rpim_I_all                  0.039 
_reflns.pdbx_d_opt                       ? 
_reflns.pdbx_number_measured_all         50220 
_reflns.pdbx_diffrn_id                   1 
_reflns.pdbx_ordinal                     1 
_reflns.pdbx_CC_half                     ? 
_reflns.pdbx_R_split                     ? 
# 
loop_
_reflns_shell.d_res_high 
_reflns_shell.d_res_low 
_reflns_shell.meanI_over_sigI_all 
_reflns_shell.meanI_over_sigI_obs 
_reflns_shell.number_measured_all 
_reflns_shell.number_measured_obs 
_reflns_shell.number_possible 
_reflns_shell.number_unique_all 
_reflns_shell.number_unique_obs 
_reflns_shell.percent_possible_all 
_reflns_shell.percent_possible_obs 
_reflns_shell.Rmerge_F_all 
_reflns_shell.Rmerge_F_obs 
_reflns_shell.Rmerge_I_all 
_reflns_shell.Rmerge_I_obs 
_reflns_shell.meanI_over_sigI_gt 
_reflns_shell.meanI_over_uI_all 
_reflns_shell.meanI_over_uI_gt 
_reflns_shell.number_measured_gt 
_reflns_shell.number_unique_gt 
_reflns_shell.percent_possible_gt 
_reflns_shell.Rmerge_F_gt 
_reflns_shell.Rmerge_I_gt 
_reflns_shell.pdbx_redundancy 
_reflns_shell.pdbx_Rsym_value 
_reflns_shell.pdbx_chi_squared 
_reflns_shell.pdbx_netI_over_sigmaI_all 
_reflns_shell.pdbx_netI_over_sigmaI_obs 
_reflns_shell.pdbx_Rrim_I_all 
_reflns_shell.pdbx_Rpim_I_all 
_reflns_shell.pdbx_rejects 
_reflns_shell.pdbx_ordinal 
_reflns_shell.pdbx_diffrn_id 
_reflns_shell.pdbx_CC_half 
_reflns_shell.pdbx_R_split 
1.800 1.860  ? ? ? ? ? ? ? 97.300 ? ? ? ? 0.705 ? ? ? ? ? ? ? ? 4.200 ? ? ? ? ? ? ? 1  1 ? ? 
1.860 1.940  ? ? ? ? ? ? ? 98.700 ? ? ? ? 0.535 ? ? ? ? ? ? ? ? 4.600 ? ? ? ? ? ? ? 2  1 ? ? 
1.940 2.030  ? ? ? ? ? ? ? 99.500 ? ? ? ? 0.361 ? ? ? ? ? ? ? ? 5.100 ? ? ? ? ? ? ? 3  1 ? ? 
2.030 2.130  ? ? ? ? ? ? ? 99.900 ? ? ? ? 0.249 ? ? ? ? ? ? ? ? 5.500 ? ? ? ? ? ? ? 4  1 ? ? 
2.130 2.270  ? ? ? ? ? ? ? 99.900 ? ? ? ? 0.199 ? ? ? ? ? ? ? ? 5.600 ? ? ? ? ? ? ? 5  1 ? ? 
2.270 2.440  ? ? ? ? ? ? ? 99.700 ? ? ? ? 0.160 ? ? ? ? ? ? ? ? 5.600 ? ? ? ? ? ? ? 6  1 ? ? 
2.440 2.690  ? ? ? ? ? ? ? 99.900 ? ? ? ? 0.107 ? ? ? ? ? ? ? ? 5.600 ? ? ? ? ? ? ? 7  1 ? ? 
2.690 3.080  ? ? ? ? ? ? ? 99.700 ? ? ? ? 0.078 ? ? ? ? ? ? ? ? 5.600 ? ? ? ? ? ? ? 8  1 ? ? 
3.080 3.880  ? ? ? ? ? ? ? 99.500 ? ? ? ? 0.055 ? ? ? ? ? ? ? ? 5.400 ? ? ? ? ? ? ? 9  1 ? ? 
3.880 30.000 ? ? ? ? ? ? ? 98.200 ? ? ? ? 0.040 ? ? ? ? ? ? ? ? 5.100 ? ? ? ? ? ? ? 10 1 ? ? 
# 
_refine.aniso_B[1][1]                            ? 
_refine.aniso_B[1][2]                            ? 
_refine.aniso_B[1][3]                            ? 
_refine.aniso_B[2][2]                            ? 
_refine.aniso_B[2][3]                            ? 
_refine.aniso_B[3][3]                            ? 
_refine.B_iso_max                                99.710 
_refine.B_iso_mean                               33.0053 
_refine.B_iso_min                                14.020 
_refine.correlation_coeff_Fo_to_Fc               ? 
_refine.correlation_coeff_Fo_to_Fc_free          ? 
_refine.details                                  ? 
_refine.diff_density_max                         ? 
_refine.diff_density_max_esd                     ? 
_refine.diff_density_min                         ? 
_refine.diff_density_min_esd                     ? 
_refine.diff_density_rms                         ? 
_refine.diff_density_rms_esd                     ? 
_refine.entry_id                                 5ILV 
_refine.pdbx_refine_id                           'X-RAY DIFFRACTION' 
_refine.ls_abs_structure_details                 ? 
_refine.ls_abs_structure_Flack                   ? 
_refine.ls_abs_structure_Flack_esd               ? 
_refine.ls_abs_structure_Rogers                  ? 
_refine.ls_abs_structure_Rogers_esd              ? 
_refine.ls_d_res_high                            1.8000 
_refine.ls_d_res_low                             22.4870 
_refine.ls_extinction_coef                       ? 
_refine.ls_extinction_coef_esd                   ? 
_refine.ls_extinction_expression                 ? 
_refine.ls_extinction_method                     ? 
_refine.ls_goodness_of_fit_all                   ? 
_refine.ls_goodness_of_fit_all_esd               ? 
_refine.ls_goodness_of_fit_obs                   ? 
_refine.ls_goodness_of_fit_obs_esd               ? 
_refine.ls_hydrogen_treatment                    ? 
_refine.ls_matrix_type                           ? 
_refine.ls_number_constraints                    ? 
_refine.ls_number_parameters                     ? 
_refine.ls_number_reflns_all                     ? 
_refine.ls_number_reflns_obs                     9542 
_refine.ls_number_reflns_R_free                  479 
_refine.ls_number_reflns_R_work                  ? 
_refine.ls_number_restraints                     ? 
_refine.ls_percent_reflns_obs                    98.8200 
_refine.ls_percent_reflns_R_free                 5.0200 
_refine.ls_R_factor_all                          ? 
_refine.ls_R_factor_obs                          0.1886 
_refine.ls_R_factor_R_free                       0.2345 
_refine.ls_R_factor_R_free_error                 ? 
_refine.ls_R_factor_R_free_error_details         ? 
_refine.ls_R_factor_R_work                       0.1862 
_refine.ls_R_Fsqd_factor_obs                     ? 
_refine.ls_R_I_factor_obs                        ? 
_refine.ls_redundancy_reflns_all                 ? 
_refine.ls_redundancy_reflns_obs                 ? 
_refine.ls_restrained_S_all                      ? 
_refine.ls_restrained_S_obs                      ? 
_refine.ls_shift_over_esd_max                    ? 
_refine.ls_shift_over_esd_mean                   ? 
_refine.ls_structure_factor_coef                 ? 
_refine.ls_weighting_details                     ? 
_refine.ls_weighting_scheme                      ? 
_refine.ls_wR_factor_all                         ? 
_refine.ls_wR_factor_obs                         ? 
_refine.ls_wR_factor_R_free                      ? 
_refine.ls_wR_factor_R_work                      ? 
_refine.occupancy_max                            ? 
_refine.occupancy_min                            ? 
_refine.solvent_model_details                    ? 
_refine.solvent_model_param_bsol                 ? 
_refine.solvent_model_param_ksol                 ? 
_refine.ls_R_factor_gt                           ? 
_refine.ls_goodness_of_fit_gt                    ? 
_refine.ls_goodness_of_fit_ref                   ? 
_refine.ls_shift_over_su_max                     ? 
_refine.ls_shift_over_su_max_lt                  ? 
_refine.ls_shift_over_su_mean                    ? 
_refine.ls_shift_over_su_mean_lt                 ? 
_refine.pdbx_ls_sigma_I                          ? 
_refine.pdbx_ls_sigma_F                          1.340 
_refine.pdbx_ls_sigma_Fsqd                       ? 
_refine.pdbx_data_cutoff_high_absF               ? 
_refine.pdbx_data_cutoff_high_rms_absF           ? 
_refine.pdbx_data_cutoff_low_absF                ? 
_refine.pdbx_isotropic_thermal_model             ? 
_refine.pdbx_ls_cross_valid_method               'FREE R-VALUE' 
_refine.pdbx_method_to_determine_struct          'MOLECULAR REPLACEMENT' 
_refine.pdbx_starting_model                      ? 
_refine.pdbx_stereochemistry_target_values       ? 
_refine.pdbx_R_Free_selection_details            'Random selection' 
_refine.pdbx_stereochem_target_val_spec_case     ? 
_refine.pdbx_overall_ESU_R                       ? 
_refine.pdbx_overall_ESU_R_Free                  ? 
_refine.pdbx_solvent_vdw_probe_radii             0.9000 
_refine.pdbx_solvent_ion_probe_radii             ? 
_refine.pdbx_solvent_shrinkage_radii             0.6000 
_refine.pdbx_real_space_R                        ? 
_refine.pdbx_density_correlation                 ? 
_refine.pdbx_pd_number_of_powder_patterns        ? 
_refine.pdbx_pd_number_of_points                 ? 
_refine.pdbx_pd_meas_number_of_points            ? 
_refine.pdbx_pd_proc_ls_prof_R_factor            ? 
_refine.pdbx_pd_proc_ls_prof_wR_factor           ? 
_refine.pdbx_pd_Marquardt_correlation_coeff      ? 
_refine.pdbx_pd_Fsqrd_R_factor                   ? 
_refine.pdbx_pd_ls_matrix_band_width             ? 
_refine.pdbx_overall_phase_error                 26.0000 
_refine.pdbx_overall_SU_R_free_Cruickshank_DPI   ? 
_refine.pdbx_overall_SU_R_free_Blow_DPI          ? 
_refine.pdbx_overall_SU_R_Blow_DPI               ? 
_refine.pdbx_TLS_residual_ADP_flag               ? 
_refine.pdbx_diffrn_id                           1 
_refine.overall_SU_B                             ? 
_refine.overall_SU_ML                            0.1600 
_refine.overall_SU_R_Cruickshank_DPI             ? 
_refine.overall_SU_R_free                        ? 
_refine.overall_FOM_free_R_set                   ? 
_refine.overall_FOM_work_R_set                   ? 
_refine.pdbx_average_fsc_overall                 ? 
_refine.pdbx_average_fsc_work                    ? 
_refine.pdbx_average_fsc_free                    ? 
# 
_refine_hist.cycle_id                         final 
_refine_hist.pdbx_refine_id                   'X-RAY DIFFRACTION' 
_refine_hist.d_res_high                       1.8000 
_refine_hist.d_res_low                        22.4870 
_refine_hist.pdbx_number_atoms_ligand         0 
_refine_hist.number_atoms_solvent             110 
_refine_hist.number_atoms_total               877 
_refine_hist.pdbx_number_residues_total       92 
_refine_hist.pdbx_B_iso_mean_solvent          44.59 
_refine_hist.pdbx_number_atoms_protein        767 
_refine_hist.pdbx_number_atoms_nucleic_acid   0 
# 
loop_
_refine_ls_restr.pdbx_refine_id 
_refine_ls_restr.criterion 
_refine_ls_restr.dev_ideal 
_refine_ls_restr.dev_ideal_target 
_refine_ls_restr.number 
_refine_ls_restr.rejects 
_refine_ls_restr.type 
_refine_ls_restr.weight 
_refine_ls_restr.pdbx_restraint_function 
'X-RAY DIFFRACTION' ? 0.006  ? 795  ? f_bond_d           ? ? 
'X-RAY DIFFRACTION' ? 0.841  ? 1074 ? f_angle_d          ? ? 
'X-RAY DIFFRACTION' ? 0.049  ? 107  ? f_chiral_restr     ? ? 
'X-RAY DIFFRACTION' ? 0.006  ? 138  ? f_plane_restr      ? ? 
'X-RAY DIFFRACTION' ? 12.833 ? 472  ? f_dihedral_angle_d ? ? 
# 
loop_
_refine_ls_shell.pdbx_refine_id 
_refine_ls_shell.d_res_high 
_refine_ls_shell.d_res_low 
_refine_ls_shell.number_reflns_all 
_refine_ls_shell.number_reflns_obs 
_refine_ls_shell.number_reflns_R_free 
_refine_ls_shell.number_reflns_R_work 
_refine_ls_shell.percent_reflns_obs 
_refine_ls_shell.percent_reflns_R_free 
_refine_ls_shell.R_factor_all 
_refine_ls_shell.R_factor_obs 
_refine_ls_shell.R_factor_R_free 
_refine_ls_shell.R_factor_R_free_error 
_refine_ls_shell.R_factor_R_work 
_refine_ls_shell.redundancy_reflns_all 
_refine_ls_shell.redundancy_reflns_obs 
_refine_ls_shell.wR_factor_all 
_refine_ls_shell.wR_factor_obs 
_refine_ls_shell.wR_factor_R_free 
_refine_ls_shell.wR_factor_R_work 
_refine_ls_shell.pdbx_total_number_of_bins_used 
_refine_ls_shell.pdbx_phase_error 
_refine_ls_shell.pdbx_fsc_work 
_refine_ls_shell.pdbx_fsc_free 
'X-RAY DIFFRACTION' 1.7912 2.0502  3079 . 155 2924 97.0000  . . . 0.2977 . 0.2438 . . . . . . 3 . . . 
'X-RAY DIFFRACTION' 2.0502 2.5825  3177 . 160 3017 100.0000 . . . 0.2719 . 0.2128 . . . . . . 3 . . . 
'X-RAY DIFFRACTION' 2.5825 22.4886 3286 . 164 3122 99.0000  . . . 0.2049 . 0.1633 . . . . . . 3 . . . 
# 
_struct.entry_id                     5ILV 
_struct.title                        'Uninhibited ETV5' 
_struct.pdbx_model_details           ? 
_struct.pdbx_formula_weight          ? 
_struct.pdbx_formula_weight_method   ? 
_struct.pdbx_model_type_details      ? 
_struct.pdbx_CASP_flag               ? 
# 
_struct_keywords.entry_id        5ILV 
_struct_keywords.text            'ETV5, ETS, transcription factor, autoinhibition transcription, DNA binding, DNA BINDING PROTEIN' 
_struct_keywords.pdbx_keywords   'DNA BINDING PROTEIN' 
# 
loop_
_struct_asym.id 
_struct_asym.pdbx_blank_PDB_chainid_flag 
_struct_asym.pdbx_modified 
_struct_asym.entity_id 
_struct_asym.details 
A N N 1 ? 
B N N 2 ? 
# 
_struct_ref.id                         1 
_struct_ref.db_name                    UNP 
_struct_ref.db_code                    ETV5_HUMAN 
_struct_ref.pdbx_db_accession          P41161 
_struct_ref.pdbx_db_isoform            P41161-2 
_struct_ref.entity_id                  1 
_struct_ref.pdbx_seq_one_letter_code   
;GSLQLWQFLVTLLDDPANAHFIAWTGRGMEFKLIEPEEVARRWGIQKNRPAMNYDKLSRSLRYYYEKGIMQKVAGERYVY
KFVCDPDALFSM
;
_struct_ref.pdbx_align_begin           408 
# 
_struct_ref_seq.align_id                      1 
_struct_ref_seq.ref_id                        1 
_struct_ref_seq.pdbx_PDB_id_code              5ILV 
_struct_ref_seq.pdbx_strand_id                A 
_struct_ref_seq.seq_align_beg                 1 
_struct_ref_seq.pdbx_seq_align_beg_ins_code   ? 
_struct_ref_seq.seq_align_end                 92 
_struct_ref_seq.pdbx_seq_align_end_ins_code   ? 
_struct_ref_seq.pdbx_db_accession             P41161 
_struct_ref_seq.db_align_beg                  408 
_struct_ref_seq.pdbx_db_align_beg_ins_code    ? 
_struct_ref_seq.db_align_end                  499 
_struct_ref_seq.pdbx_db_align_end_ins_code    ? 
_struct_ref_seq.pdbx_auth_seq_align_beg       366 
_struct_ref_seq.pdbx_auth_seq_align_end       457 
# 
loop_
_pdbx_struct_assembly.id 
_pdbx_struct_assembly.details 
_pdbx_struct_assembly.method_details 
_pdbx_struct_assembly.oligomeric_details 
_pdbx_struct_assembly.oligomeric_count 
1 author_defined_assembly   ?    monomeric 1 
2 software_defined_assembly PISA dimeric   2 
# 
loop_
_pdbx_struct_assembly_prop.biol_id 
_pdbx_struct_assembly_prop.type 
_pdbx_struct_assembly_prop.value 
_pdbx_struct_assembly_prop.details 
1 'ABSA (A^2)' 0     ? 
1 MORE         0     ? 
1 'SSA (A^2)'  5960  ? 
2 'ABSA (A^2)' 1820  ? 
2 MORE         -14   ? 
2 'SSA (A^2)'  10090 ? 
# 
loop_
_pdbx_struct_assembly_gen.assembly_id 
_pdbx_struct_assembly_gen.oper_expression 
_pdbx_struct_assembly_gen.asym_id_list 
1 1   A,B 
2 1,2 A,B 
# 
loop_
_pdbx_struct_oper_list.id 
_pdbx_struct_oper_list.type 
_pdbx_struct_oper_list.name 
_pdbx_struct_oper_list.symmetry_operation 
_pdbx_struct_oper_list.matrix[1][1] 
_pdbx_struct_oper_list.matrix[1][2] 
_pdbx_struct_oper_list.matrix[1][3] 
_pdbx_struct_oper_list.vector[1] 
_pdbx_struct_oper_list.matrix[2][1] 
_pdbx_struct_oper_list.matrix[2][2] 
_pdbx_struct_oper_list.matrix[2][3] 
_pdbx_struct_oper_list.vector[2] 
_pdbx_struct_oper_list.matrix[3][1] 
_pdbx_struct_oper_list.matrix[3][2] 
_pdbx_struct_oper_list.matrix[3][3] 
_pdbx_struct_oper_list.vector[3] 
1 'identity operation'         1_555 x,y,z       1.0000000000  0.0000000000 0.0000000000  0.0000000000   0.0000000000 1.0000000000 0.0000000000  0.0000000000 0.0000000000  0.0000000000  1.0000000000  0.0000000000  
2 'crystal symmetry operation' 3_554 -x,y,-z-1/2 -0.6339311015 0.7612552404 -0.1364617804 -12.5047038898 0.7612552404 0.5830613947 -0.2837778514 9.8360636613 -0.1364617804 -0.2837778514 -0.9491302932 21.3259113183 
# 
loop_
_struct_conf.conf_type_id 
_struct_conf.id 
_struct_conf.pdbx_PDB_helix_id 
_struct_conf.beg_label_comp_id 
_struct_conf.beg_label_asym_id 
_struct_conf.beg_label_seq_id 
_struct_conf.pdbx_beg_PDB_ins_code 
_struct_conf.end_label_comp_id 
_struct_conf.end_label_asym_id 
_struct_conf.end_label_seq_id 
_struct_conf.pdbx_end_PDB_ins_code 
_struct_conf.beg_auth_comp_id 
_struct_conf.beg_auth_asym_id 
_struct_conf.beg_auth_seq_id 
_struct_conf.end_auth_comp_id 
_struct_conf.end_auth_asym_id 
_struct_conf.end_auth_seq_id 
_struct_conf.pdbx_PDB_helix_class 
_struct_conf.details 
_struct_conf.pdbx_PDB_helix_length 
HELX_P HELX_P1 AA1 GLN A 4  ? ASP A 14 ? GLN A 369 ASP A 379 1 ? 11 
HELX_P HELX_P2 AA2 ASP A 15 ? ALA A 19 ? ASP A 380 ALA A 384 5 ? 5  
HELX_P HELX_P3 AA3 GLU A 35 ? ASN A 48 ? GLU A 400 ASN A 413 1 ? 14 
HELX_P HELX_P4 AA4 ASN A 53 ? LYS A 67 ? ASN A 418 LYS A 432 1 ? 15 
HELX_P HELX_P5 AA5 ASP A 87 ? SER A 91 ? ASP A 452 SER A 456 5 ? 5  
# 
_struct_conf_type.id          HELX_P 
_struct_conf_type.criteria    ? 
_struct_conf_type.reference   ? 
# 
_struct_conn.id                            disulf1 
_struct_conn.conn_type_id                  disulf 
_struct_conn.pdbx_leaving_atom_flag        ? 
_struct_conn.pdbx_PDB_id                   ? 
_struct_conn.ptnr1_label_asym_id           A 
_struct_conn.ptnr1_label_comp_id           CYS 
_struct_conn.ptnr1_label_seq_id            84 
_struct_conn.ptnr1_label_atom_id           SG 
_struct_conn.pdbx_ptnr1_label_alt_id       B 
_struct_conn.pdbx_ptnr1_PDB_ins_code       ? 
_struct_conn.pdbx_ptnr1_standard_comp_id   ? 
_struct_conn.ptnr1_symmetry                1_555 
_struct_conn.ptnr2_label_asym_id           A 
_struct_conn.ptnr2_label_comp_id           CYS 
_struct_conn.ptnr2_label_seq_id            84 
_struct_conn.ptnr2_label_atom_id           SG 
_struct_conn.pdbx_ptnr2_label_alt_id       B 
_struct_conn.pdbx_ptnr2_PDB_ins_code       ? 
_struct_conn.ptnr1_auth_asym_id            A 
_struct_conn.ptnr1_auth_comp_id            CYS 
_struct_conn.ptnr1_auth_seq_id             449 
_struct_conn.ptnr2_auth_asym_id            A 
_struct_conn.ptnr2_auth_comp_id            CYS 
_struct_conn.ptnr2_auth_seq_id             449 
_struct_conn.ptnr2_symmetry                3_554 
_struct_conn.pdbx_ptnr3_label_atom_id      ? 
_struct_conn.pdbx_ptnr3_label_seq_id       ? 
_struct_conn.pdbx_ptnr3_label_comp_id      ? 
_struct_conn.pdbx_ptnr3_label_asym_id      ? 
_struct_conn.pdbx_ptnr3_label_alt_id       ? 
_struct_conn.pdbx_ptnr3_PDB_ins_code       ? 
_struct_conn.details                       ? 
_struct_conn.pdbx_dist_value               2.109 
_struct_conn.pdbx_value_order              ? 
_struct_conn.pdbx_role                     ? 
# 
_struct_conn_type.id          disulf 
_struct_conn_type.criteria    ? 
_struct_conn_type.reference   ? 
# 
_pdbx_modification_feature.ordinal                            1 
_pdbx_modification_feature.label_comp_id                      CYS 
_pdbx_modification_feature.label_asym_id                      A 
_pdbx_modification_feature.label_seq_id                       84 
_pdbx_modification_feature.label_alt_id                       B 
_pdbx_modification_feature.modified_residue_label_comp_id     CYS 
_pdbx_modification_feature.modified_residue_label_asym_id     A 
_pdbx_modification_feature.modified_residue_label_seq_id      84 
_pdbx_modification_feature.modified_residue_label_alt_id      B 
_pdbx_modification_feature.auth_comp_id                       CYS 
_pdbx_modification_feature.auth_asym_id                       A 
_pdbx_modification_feature.auth_seq_id                        449 
_pdbx_modification_feature.PDB_ins_code                       ? 
_pdbx_modification_feature.symmetry                           1_555 
_pdbx_modification_feature.modified_residue_auth_comp_id      CYS 
_pdbx_modification_feature.modified_residue_auth_asym_id      A 
_pdbx_modification_feature.modified_residue_auth_seq_id       449 
_pdbx_modification_feature.modified_residue_PDB_ins_code      ? 
_pdbx_modification_feature.modified_residue_symmetry          3_554 
_pdbx_modification_feature.comp_id_linking_atom               SG 
_pdbx_modification_feature.modified_residue_id_linking_atom   SG 
_pdbx_modification_feature.modified_residue_id                . 
_pdbx_modification_feature.ref_pcm_id                         . 
_pdbx_modification_feature.ref_comp_id                        . 
_pdbx_modification_feature.type                               None 
_pdbx_modification_feature.category                           'Disulfide bridge' 
# 
_struct_mon_prot_cis.pdbx_id                1 
_struct_mon_prot_cis.label_comp_id          PRO 
_struct_mon_prot_cis.label_seq_id           50 
_struct_mon_prot_cis.label_asym_id          A 
_struct_mon_prot_cis.label_alt_id           . 
_struct_mon_prot_cis.pdbx_PDB_ins_code      ? 
_struct_mon_prot_cis.auth_comp_id           PRO 
_struct_mon_prot_cis.auth_seq_id            415 
_struct_mon_prot_cis.auth_asym_id           A 
_struct_mon_prot_cis.pdbx_label_comp_id_2   ALA 
_struct_mon_prot_cis.pdbx_label_seq_id_2    51 
_struct_mon_prot_cis.pdbx_label_asym_id_2   A 
_struct_mon_prot_cis.pdbx_PDB_ins_code_2    ? 
_struct_mon_prot_cis.pdbx_auth_comp_id_2    ALA 
_struct_mon_prot_cis.pdbx_auth_seq_id_2     416 
_struct_mon_prot_cis.pdbx_auth_asym_id_2    A 
_struct_mon_prot_cis.pdbx_PDB_model_num     1 
_struct_mon_prot_cis.pdbx_omega_angle       -1.60 
# 
_struct_sheet.id               AA1 
_struct_sheet.type             ? 
_struct_sheet.number_strands   4 
_struct_sheet.details          ? 
# 
loop_
_struct_sheet_order.sheet_id 
_struct_sheet_order.range_id_1 
_struct_sheet_order.range_id_2 
_struct_sheet_order.offset 
_struct_sheet_order.sense 
AA1 1 2 ? anti-parallel 
AA1 2 3 ? anti-parallel 
AA1 3 4 ? anti-parallel 
# 
loop_
_struct_sheet_range.sheet_id 
_struct_sheet_range.id 
_struct_sheet_range.beg_label_comp_id 
_struct_sheet_range.beg_label_asym_id 
_struct_sheet_range.beg_label_seq_id 
_struct_sheet_range.pdbx_beg_PDB_ins_code 
_struct_sheet_range.end_label_comp_id 
_struct_sheet_range.end_label_asym_id 
_struct_sheet_range.end_label_seq_id 
_struct_sheet_range.pdbx_end_PDB_ins_code 
_struct_sheet_range.beg_auth_comp_id 
_struct_sheet_range.beg_auth_asym_id 
_struct_sheet_range.beg_auth_seq_id 
_struct_sheet_range.end_auth_comp_id 
_struct_sheet_range.end_auth_asym_id 
_struct_sheet_range.end_auth_seq_id 
AA1 1 ILE A 22 ? TRP A 24 ? ILE A 387 TRP A 389 
AA1 2 GLU A 30 ? LEU A 33 ? GLU A 395 LEU A 398 
AA1 3 VAL A 79 ? PHE A 82 ? VAL A 444 PHE A 447 
AA1 4 MET A 70 ? LYS A 72 ? MET A 435 LYS A 437 
# 
loop_
_pdbx_struct_sheet_hbond.sheet_id 
_pdbx_struct_sheet_hbond.range_id_1 
_pdbx_struct_sheet_hbond.range_id_2 
_pdbx_struct_sheet_hbond.range_1_label_atom_id 
_pdbx_struct_sheet_hbond.range_1_label_comp_id 
_pdbx_struct_sheet_hbond.range_1_label_asym_id 
_pdbx_struct_sheet_hbond.range_1_label_seq_id 
_pdbx_struct_sheet_hbond.range_1_PDB_ins_code 
_pdbx_struct_sheet_hbond.range_1_auth_atom_id 
_pdbx_struct_sheet_hbond.range_1_auth_comp_id 
_pdbx_struct_sheet_hbond.range_1_auth_asym_id 
_pdbx_struct_sheet_hbond.range_1_auth_seq_id 
_pdbx_struct_sheet_hbond.range_2_label_atom_id 
_pdbx_struct_sheet_hbond.range_2_label_comp_id 
_pdbx_struct_sheet_hbond.range_2_label_asym_id 
_pdbx_struct_sheet_hbond.range_2_label_seq_id 
_pdbx_struct_sheet_hbond.range_2_PDB_ins_code 
_pdbx_struct_sheet_hbond.range_2_auth_atom_id 
_pdbx_struct_sheet_hbond.range_2_auth_comp_id 
_pdbx_struct_sheet_hbond.range_2_auth_asym_id 
_pdbx_struct_sheet_hbond.range_2_auth_seq_id 
AA1 1 2 N ALA A 23 ? N ALA A 388 O LYS A 32 ? O LYS A 397 
AA1 2 3 N PHE A 31 ? N PHE A 396 O TYR A 80 ? O TYR A 445 
AA1 3 4 O LYS A 81 ? O LYS A 446 N GLN A 71 ? N GLN A 436 
# 
_pdbx_entry_details.entry_id                   5ILV 
_pdbx_entry_details.compound_details           ? 
_pdbx_entry_details.source_details             ? 
_pdbx_entry_details.nonpolymer_details         ? 
_pdbx_entry_details.sequence_details           ? 
_pdbx_entry_details.has_ligand_of_interest     ? 
_pdbx_entry_details.has_protein_modification   Y 
# 
_pdbx_validate_close_contact.id               1 
_pdbx_validate_close_contact.PDB_model_num    1 
_pdbx_validate_close_contact.auth_atom_id_1   O 
_pdbx_validate_close_contact.auth_asym_id_1   A 
_pdbx_validate_close_contact.auth_comp_id_1   HOH 
_pdbx_validate_close_contact.auth_seq_id_1    567 
_pdbx_validate_close_contact.PDB_ins_code_1   ? 
_pdbx_validate_close_contact.label_alt_id_1   ? 
_pdbx_validate_close_contact.auth_atom_id_2   O 
_pdbx_validate_close_contact.auth_asym_id_2   A 
_pdbx_validate_close_contact.auth_comp_id_2   HOH 
_pdbx_validate_close_contact.auth_seq_id_2    592 
_pdbx_validate_close_contact.PDB_ins_code_2   ? 
_pdbx_validate_close_contact.label_alt_id_2   ? 
_pdbx_validate_close_contact.dist             2.15 
# 
_pdbx_validate_symm_contact.id                1 
_pdbx_validate_symm_contact.PDB_model_num     1 
_pdbx_validate_symm_contact.auth_atom_id_1    O 
_pdbx_validate_symm_contact.auth_asym_id_1    A 
_pdbx_validate_symm_contact.auth_comp_id_1    HOH 
_pdbx_validate_symm_contact.auth_seq_id_1     547 
_pdbx_validate_symm_contact.PDB_ins_code_1    ? 
_pdbx_validate_symm_contact.label_alt_id_1    ? 
_pdbx_validate_symm_contact.site_symmetry_1   1_555 
_pdbx_validate_symm_contact.auth_atom_id_2    O 
_pdbx_validate_symm_contact.auth_asym_id_2    A 
_pdbx_validate_symm_contact.auth_comp_id_2    HOH 
_pdbx_validate_symm_contact.auth_seq_id_2     581 
_pdbx_validate_symm_contact.PDB_ins_code_2    ? 
_pdbx_validate_symm_contact.label_alt_id_2    ? 
_pdbx_validate_symm_contact.site_symmetry_2   4_554 
_pdbx_validate_symm_contact.dist              2.17 
# 
_pdbx_validate_torsion.id              1 
_pdbx_validate_torsion.PDB_model_num   1 
_pdbx_validate_torsion.auth_comp_id    ARG 
_pdbx_validate_torsion.auth_asym_id    A 
_pdbx_validate_torsion.auth_seq_id     414 
_pdbx_validate_torsion.PDB_ins_code    ? 
_pdbx_validate_torsion.label_alt_id    ? 
_pdbx_validate_torsion.phi             -159.27 
_pdbx_validate_torsion.psi             70.51 
# 
loop_
_pdbx_struct_special_symmetry.id 
_pdbx_struct_special_symmetry.PDB_model_num 
_pdbx_struct_special_symmetry.auth_asym_id 
_pdbx_struct_special_symmetry.auth_comp_id 
_pdbx_struct_special_symmetry.auth_seq_id 
_pdbx_struct_special_symmetry.PDB_ins_code 
_pdbx_struct_special_symmetry.label_asym_id 
_pdbx_struct_special_symmetry.label_comp_id 
_pdbx_struct_special_symmetry.label_seq_id 
1 1 A HOH 519 ? B HOH . 
2 1 A HOH 524 ? B HOH . 
# 
_pdbx_refine_tls.pdbx_refine_id   'X-RAY DIFFRACTION' 
_pdbx_refine_tls.id               1 
_pdbx_refine_tls.details          ? 
_pdbx_refine_tls.method           refined 
_pdbx_refine_tls.origin_x         -0.0002 
_pdbx_refine_tls.origin_y         0.1881 
_pdbx_refine_tls.origin_z         -0.2309 
_pdbx_refine_tls.T[1][1]          0.1233 
_pdbx_refine_tls.T[2][2]          0.1220 
_pdbx_refine_tls.T[3][3]          0.1313 
_pdbx_refine_tls.T[1][2]          -0.0274 
_pdbx_refine_tls.T[1][3]          0.0059 
_pdbx_refine_tls.T[2][3]          0.0124 
_pdbx_refine_tls.L[1][1]          2.2283 
_pdbx_refine_tls.L[2][2]          1.6905 
_pdbx_refine_tls.L[3][3]          2.7092 
_pdbx_refine_tls.L[1][2]          -0.7960 
_pdbx_refine_tls.L[1][3]          0.0583 
_pdbx_refine_tls.L[2][3]          0.3217 
_pdbx_refine_tls.S[1][1]          0.0396 
_pdbx_refine_tls.S[2][2]          -0.0059 
_pdbx_refine_tls.S[3][3]          -0.0012 
_pdbx_refine_tls.S[1][2]          -0.0212 
_pdbx_refine_tls.S[1][3]          -0.0200 
_pdbx_refine_tls.S[2][3]          0.0100 
_pdbx_refine_tls.S[2][1]          -0.0580 
_pdbx_refine_tls.S[3][1]          -0.0663 
_pdbx_refine_tls.S[3][2]          0.0688 
# 
loop_
_pdbx_refine_tls_group.pdbx_refine_id 
_pdbx_refine_tls_group.id 
_pdbx_refine_tls_group.refine_tls_id 
_pdbx_refine_tls_group.beg_auth_asym_id 
_pdbx_refine_tls_group.beg_auth_seq_id 
_pdbx_refine_tls_group.end_auth_asym_id 
_pdbx_refine_tls_group.end_auth_seq_id 
_pdbx_refine_tls_group.selection_details 
_pdbx_refine_tls_group.beg_label_asym_id 
_pdbx_refine_tls_group.beg_label_seq_id 
_pdbx_refine_tls_group.end_label_asym_id 
_pdbx_refine_tls_group.end_label_seq_id 
_pdbx_refine_tls_group.selection 
'X-RAY DIFFRACTION' 1 1 A 366 A 457 all ? ? ? ? ? 
'X-RAY DIFFRACTION' 2 1 S 1   S 110 all ? ? ? ? ? 
# 
_pdbx_phasing_MR.entry_id                     5ILV 
_pdbx_phasing_MR.method_rotation              ? 
_pdbx_phasing_MR.method_translation           ? 
_pdbx_phasing_MR.model_details                ? 
_pdbx_phasing_MR.R_factor                     ? 
_pdbx_phasing_MR.R_rigid_body                 ? 
_pdbx_phasing_MR.correlation_coeff_Fo_to_Fc   ? 
_pdbx_phasing_MR.correlation_coeff_Io_to_Ic   ? 
_pdbx_phasing_MR.d_res_high_rotation          2.500 
_pdbx_phasing_MR.d_res_low_rotation           22.490 
_pdbx_phasing_MR.d_res_high_translation       2.500 
_pdbx_phasing_MR.d_res_low_translation        22.490 
_pdbx_phasing_MR.packing                      ? 
_pdbx_phasing_MR.reflns_percent_rotation      ? 
_pdbx_phasing_MR.reflns_percent_translation   ? 
_pdbx_phasing_MR.sigma_F_rotation             ? 
_pdbx_phasing_MR.sigma_F_translation          ? 
_pdbx_phasing_MR.sigma_I_rotation             ? 
_pdbx_phasing_MR.sigma_I_translation          ? 
# 
_phasing.method   MR 
# 
loop_
_chem_comp_atom.comp_id 
_chem_comp_atom.atom_id 
_chem_comp_atom.type_symbol 
_chem_comp_atom.pdbx_aromatic_flag 
_chem_comp_atom.pdbx_stereo_config 
_chem_comp_atom.pdbx_ordinal 
ALA N    N N N 1   
ALA CA   C N S 2   
ALA C    C N N 3   
ALA O    O N N 4   
ALA CB   C N N 5   
ALA OXT  O N N 6   
ALA H    H N N 7   
ALA H2   H N N 8   
ALA HA   H N N 9   
ALA HB1  H N N 10  
ALA HB2  H N N 11  
ALA HB3  H N N 12  
ALA HXT  H N N 13  
ARG N    N N N 14  
ARG CA   C N S 15  
ARG C    C N N 16  
ARG O    O N N 17  
ARG CB   C N N 18  
ARG CG   C N N 19  
ARG CD   C N N 20  
ARG NE   N N N 21  
ARG CZ   C N N 22  
ARG NH1  N N N 23  
ARG NH2  N N N 24  
ARG OXT  O N N 25  
ARG H    H N N 26  
ARG H2   H N N 27  
ARG HA   H N N 28  
ARG HB2  H N N 29  
ARG HB3  H N N 30  
ARG HG2  H N N 31  
ARG HG3  H N N 32  
ARG HD2  H N N 33  
ARG HD3  H N N 34  
ARG HE   H N N 35  
ARG HH11 H N N 36  
ARG HH12 H N N 37  
ARG HH21 H N N 38  
ARG HH22 H N N 39  
ARG HXT  H N N 40  
ASN N    N N N 41  
ASN CA   C N S 42  
ASN C    C N N 43  
ASN O    O N N 44  
ASN CB   C N N 45  
ASN CG   C N N 46  
ASN OD1  O N N 47  
ASN ND2  N N N 48  
ASN OXT  O N N 49  
ASN H    H N N 50  
ASN H2   H N N 51  
ASN HA   H N N 52  
ASN HB2  H N N 53  
ASN HB3  H N N 54  
ASN HD21 H N N 55  
ASN HD22 H N N 56  
ASN HXT  H N N 57  
ASP N    N N N 58  
ASP CA   C N S 59  
ASP C    C N N 60  
ASP O    O N N 61  
ASP CB   C N N 62  
ASP CG   C N N 63  
ASP OD1  O N N 64  
ASP OD2  O N N 65  
ASP OXT  O N N 66  
ASP H    H N N 67  
ASP H2   H N N 68  
ASP HA   H N N 69  
ASP HB2  H N N 70  
ASP HB3  H N N 71  
ASP HD2  H N N 72  
ASP HXT  H N N 73  
CYS N    N N N 74  
CYS CA   C N R 75  
CYS C    C N N 76  
CYS O    O N N 77  
CYS CB   C N N 78  
CYS SG   S N N 79  
CYS OXT  O N N 80  
CYS H    H N N 81  
CYS H2   H N N 82  
CYS HA   H N N 83  
CYS HB2  H N N 84  
CYS HB3  H N N 85  
CYS HG   H N N 86  
CYS HXT  H N N 87  
GLN N    N N N 88  
GLN CA   C N S 89  
GLN C    C N N 90  
GLN O    O N N 91  
GLN CB   C N N 92  
GLN CG   C N N 93  
GLN CD   C N N 94  
GLN OE1  O N N 95  
GLN NE2  N N N 96  
GLN OXT  O N N 97  
GLN H    H N N 98  
GLN H2   H N N 99  
GLN HA   H N N 100 
GLN HB2  H N N 101 
GLN HB3  H N N 102 
GLN HG2  H N N 103 
GLN HG3  H N N 104 
GLN HE21 H N N 105 
GLN HE22 H N N 106 
GLN HXT  H N N 107 
GLU N    N N N 108 
GLU CA   C N S 109 
GLU C    C N N 110 
GLU O    O N N 111 
GLU CB   C N N 112 
GLU CG   C N N 113 
GLU CD   C N N 114 
GLU OE1  O N N 115 
GLU OE2  O N N 116 
GLU OXT  O N N 117 
GLU H    H N N 118 
GLU H2   H N N 119 
GLU HA   H N N 120 
GLU HB2  H N N 121 
GLU HB3  H N N 122 
GLU HG2  H N N 123 
GLU HG3  H N N 124 
GLU HE2  H N N 125 
GLU HXT  H N N 126 
GLY N    N N N 127 
GLY CA   C N N 128 
GLY C    C N N 129 
GLY O    O N N 130 
GLY OXT  O N N 131 
GLY H    H N N 132 
GLY H2   H N N 133 
GLY HA2  H N N 134 
GLY HA3  H N N 135 
GLY HXT  H N N 136 
HIS N    N N N 137 
HIS CA   C N S 138 
HIS C    C N N 139 
HIS O    O N N 140 
HIS CB   C N N 141 
HIS CG   C Y N 142 
HIS ND1  N Y N 143 
HIS CD2  C Y N 144 
HIS CE1  C Y N 145 
HIS NE2  N Y N 146 
HIS OXT  O N N 147 
HIS H    H N N 148 
HIS H2   H N N 149 
HIS HA   H N N 150 
HIS HB2  H N N 151 
HIS HB3  H N N 152 
HIS HD1  H N N 153 
HIS HD2  H N N 154 
HIS HE1  H N N 155 
HIS HE2  H N N 156 
HIS HXT  H N N 157 
HOH O    O N N 158 
HOH H1   H N N 159 
HOH H2   H N N 160 
ILE N    N N N 161 
ILE CA   C N S 162 
ILE C    C N N 163 
ILE O    O N N 164 
ILE CB   C N S 165 
ILE CG1  C N N 166 
ILE CG2  C N N 167 
ILE CD1  C N N 168 
ILE OXT  O N N 169 
ILE H    H N N 170 
ILE H2   H N N 171 
ILE HA   H N N 172 
ILE HB   H N N 173 
ILE HG12 H N N 174 
ILE HG13 H N N 175 
ILE HG21 H N N 176 
ILE HG22 H N N 177 
ILE HG23 H N N 178 
ILE HD11 H N N 179 
ILE HD12 H N N 180 
ILE HD13 H N N 181 
ILE HXT  H N N 182 
LEU N    N N N 183 
LEU CA   C N S 184 
LEU C    C N N 185 
LEU O    O N N 186 
LEU CB   C N N 187 
LEU CG   C N N 188 
LEU CD1  C N N 189 
LEU CD2  C N N 190 
LEU OXT  O N N 191 
LEU H    H N N 192 
LEU H2   H N N 193 
LEU HA   H N N 194 
LEU HB2  H N N 195 
LEU HB3  H N N 196 
LEU HG   H N N 197 
LEU HD11 H N N 198 
LEU HD12 H N N 199 
LEU HD13 H N N 200 
LEU HD21 H N N 201 
LEU HD22 H N N 202 
LEU HD23 H N N 203 
LEU HXT  H N N 204 
LYS N    N N N 205 
LYS CA   C N S 206 
LYS C    C N N 207 
LYS O    O N N 208 
LYS CB   C N N 209 
LYS CG   C N N 210 
LYS CD   C N N 211 
LYS CE   C N N 212 
LYS NZ   N N N 213 
LYS OXT  O N N 214 
LYS H    H N N 215 
LYS H2   H N N 216 
LYS HA   H N N 217 
LYS HB2  H N N 218 
LYS HB3  H N N 219 
LYS HG2  H N N 220 
LYS HG3  H N N 221 
LYS HD2  H N N 222 
LYS HD3  H N N 223 
LYS HE2  H N N 224 
LYS HE3  H N N 225 
LYS HZ1  H N N 226 
LYS HZ2  H N N 227 
LYS HZ3  H N N 228 
LYS HXT  H N N 229 
MET N    N N N 230 
MET CA   C N S 231 
MET C    C N N 232 
MET O    O N N 233 
MET CB   C N N 234 
MET CG   C N N 235 
MET SD   S N N 236 
MET CE   C N N 237 
MET OXT  O N N 238 
MET H    H N N 239 
MET H2   H N N 240 
MET HA   H N N 241 
MET HB2  H N N 242 
MET HB3  H N N 243 
MET HG2  H N N 244 
MET HG3  H N N 245 
MET HE1  H N N 246 
MET HE2  H N N 247 
MET HE3  H N N 248 
MET HXT  H N N 249 
PHE N    N N N 250 
PHE CA   C N S 251 
PHE C    C N N 252 
PHE O    O N N 253 
PHE CB   C N N 254 
PHE CG   C Y N 255 
PHE CD1  C Y N 256 
PHE CD2  C Y N 257 
PHE CE1  C Y N 258 
PHE CE2  C Y N 259 
PHE CZ   C Y N 260 
PHE OXT  O N N 261 
PHE H    H N N 262 
PHE H2   H N N 263 
PHE HA   H N N 264 
PHE HB2  H N N 265 
PHE HB3  H N N 266 
PHE HD1  H N N 267 
PHE HD2  H N N 268 
PHE HE1  H N N 269 
PHE HE2  H N N 270 
PHE HZ   H N N 271 
PHE HXT  H N N 272 
PRO N    N N N 273 
PRO CA   C N S 274 
PRO C    C N N 275 
PRO O    O N N 276 
PRO CB   C N N 277 
PRO CG   C N N 278 
PRO CD   C N N 279 
PRO OXT  O N N 280 
PRO H    H N N 281 
PRO HA   H N N 282 
PRO HB2  H N N 283 
PRO HB3  H N N 284 
PRO HG2  H N N 285 
PRO HG3  H N N 286 
PRO HD2  H N N 287 
PRO HD3  H N N 288 
PRO HXT  H N N 289 
SER N    N N N 290 
SER CA   C N S 291 
SER C    C N N 292 
SER O    O N N 293 
SER CB   C N N 294 
SER OG   O N N 295 
SER OXT  O N N 296 
SER H    H N N 297 
SER H2   H N N 298 
SER HA   H N N 299 
SER HB2  H N N 300 
SER HB3  H N N 301 
SER HG   H N N 302 
SER HXT  H N N 303 
THR N    N N N 304 
THR CA   C N S 305 
THR C    C N N 306 
THR O    O N N 307 
THR CB   C N R 308 
THR OG1  O N N 309 
THR CG2  C N N 310 
THR OXT  O N N 311 
THR H    H N N 312 
THR H2   H N N 313 
THR HA   H N N 314 
THR HB   H N N 315 
THR HG1  H N N 316 
THR HG21 H N N 317 
THR HG22 H N N 318 
THR HG23 H N N 319 
THR HXT  H N N 320 
TRP N    N N N 321 
TRP CA   C N S 322 
TRP C    C N N 323 
TRP O    O N N 324 
TRP CB   C N N 325 
TRP CG   C Y N 326 
TRP CD1  C Y N 327 
TRP CD2  C Y N 328 
TRP NE1  N Y N 329 
TRP CE2  C Y N 330 
TRP CE3  C Y N 331 
TRP CZ2  C Y N 332 
TRP CZ3  C Y N 333 
TRP CH2  C Y N 334 
TRP OXT  O N N 335 
TRP H    H N N 336 
TRP H2   H N N 337 
TRP HA   H N N 338 
TRP HB2  H N N 339 
TRP HB3  H N N 340 
TRP HD1  H N N 341 
TRP HE1  H N N 342 
TRP HE3  H N N 343 
TRP HZ2  H N N 344 
TRP HZ3  H N N 345 
TRP HH2  H N N 346 
TRP HXT  H N N 347 
TYR N    N N N 348 
TYR CA   C N S 349 
TYR C    C N N 350 
TYR O    O N N 351 
TYR CB   C N N 352 
TYR CG   C Y N 353 
TYR CD1  C Y N 354 
TYR CD2  C Y N 355 
TYR CE1  C Y N 356 
TYR CE2  C Y N 357 
TYR CZ   C Y N 358 
TYR OH   O N N 359 
TYR OXT  O N N 360 
TYR H    H N N 361 
TYR H2   H N N 362 
TYR HA   H N N 363 
TYR HB2  H N N 364 
TYR HB3  H N N 365 
TYR HD1  H N N 366 
TYR HD2  H N N 367 
TYR HE1  H N N 368 
TYR HE2  H N N 369 
TYR HH   H N N 370 
TYR HXT  H N N 371 
VAL N    N N N 372 
VAL CA   C N S 373 
VAL C    C N N 374 
VAL O    O N N 375 
VAL CB   C N N 376 
VAL CG1  C N N 377 
VAL CG2  C N N 378 
VAL OXT  O N N 379 
VAL H    H N N 380 
VAL H2   H N N 381 
VAL HA   H N N 382 
VAL HB   H N N 383 
VAL HG11 H N N 384 
VAL HG12 H N N 385 
VAL HG13 H N N 386 
VAL HG21 H N N 387 
VAL HG22 H N N 388 
VAL HG23 H N N 389 
VAL HXT  H N N 390 
# 
loop_
_chem_comp_bond.comp_id 
_chem_comp_bond.atom_id_1 
_chem_comp_bond.atom_id_2 
_chem_comp_bond.value_order 
_chem_comp_bond.pdbx_aromatic_flag 
_chem_comp_bond.pdbx_stereo_config 
_chem_comp_bond.pdbx_ordinal 
ALA N   CA   sing N N 1   
ALA N   H    sing N N 2   
ALA N   H2   sing N N 3   
ALA CA  C    sing N N 4   
ALA CA  CB   sing N N 5   
ALA CA  HA   sing N N 6   
ALA C   O    doub N N 7   
ALA C   OXT  sing N N 8   
ALA CB  HB1  sing N N 9   
ALA CB  HB2  sing N N 10  
ALA CB  HB3  sing N N 11  
ALA OXT HXT  sing N N 12  
ARG N   CA   sing N N 13  
ARG N   H    sing N N 14  
ARG N   H2   sing N N 15  
ARG CA  C    sing N N 16  
ARG CA  CB   sing N N 17  
ARG CA  HA   sing N N 18  
ARG C   O    doub N N 19  
ARG C   OXT  sing N N 20  
ARG CB  CG   sing N N 21  
ARG CB  HB2  sing N N 22  
ARG CB  HB3  sing N N 23  
ARG CG  CD   sing N N 24  
ARG CG  HG2  sing N N 25  
ARG CG  HG3  sing N N 26  
ARG CD  NE   sing N N 27  
ARG CD  HD2  sing N N 28  
ARG CD  HD3  sing N N 29  
ARG NE  CZ   sing N N 30  
ARG NE  HE   sing N N 31  
ARG CZ  NH1  sing N N 32  
ARG CZ  NH2  doub N N 33  
ARG NH1 HH11 sing N N 34  
ARG NH1 HH12 sing N N 35  
ARG NH2 HH21 sing N N 36  
ARG NH2 HH22 sing N N 37  
ARG OXT HXT  sing N N 38  
ASN N   CA   sing N N 39  
ASN N   H    sing N N 40  
ASN N   H2   sing N N 41  
ASN CA  C    sing N N 42  
ASN CA  CB   sing N N 43  
ASN CA  HA   sing N N 44  
ASN C   O    doub N N 45  
ASN C   OXT  sing N N 46  
ASN CB  CG   sing N N 47  
ASN CB  HB2  sing N N 48  
ASN CB  HB3  sing N N 49  
ASN CG  OD1  doub N N 50  
ASN CG  ND2  sing N N 51  
ASN ND2 HD21 sing N N 52  
ASN ND2 HD22 sing N N 53  
ASN OXT HXT  sing N N 54  
ASP N   CA   sing N N 55  
ASP N   H    sing N N 56  
ASP N   H2   sing N N 57  
ASP CA  C    sing N N 58  
ASP CA  CB   sing N N 59  
ASP CA  HA   sing N N 60  
ASP C   O    doub N N 61  
ASP C   OXT  sing N N 62  
ASP CB  CG   sing N N 63  
ASP CB  HB2  sing N N 64  
ASP CB  HB3  sing N N 65  
ASP CG  OD1  doub N N 66  
ASP CG  OD2  sing N N 67  
ASP OD2 HD2  sing N N 68  
ASP OXT HXT  sing N N 69  
CYS N   CA   sing N N 70  
CYS N   H    sing N N 71  
CYS N   H2   sing N N 72  
CYS CA  C    sing N N 73  
CYS CA  CB   sing N N 74  
CYS CA  HA   sing N N 75  
CYS C   O    doub N N 76  
CYS C   OXT  sing N N 77  
CYS CB  SG   sing N N 78  
CYS CB  HB2  sing N N 79  
CYS CB  HB3  sing N N 80  
CYS SG  HG   sing N N 81  
CYS OXT HXT  sing N N 82  
GLN N   CA   sing N N 83  
GLN N   H    sing N N 84  
GLN N   H2   sing N N 85  
GLN CA  C    sing N N 86  
GLN CA  CB   sing N N 87  
GLN CA  HA   sing N N 88  
GLN C   O    doub N N 89  
GLN C   OXT  sing N N 90  
GLN CB  CG   sing N N 91  
GLN CB  HB2  sing N N 92  
GLN CB  HB3  sing N N 93  
GLN CG  CD   sing N N 94  
GLN CG  HG2  sing N N 95  
GLN CG  HG3  sing N N 96  
GLN CD  OE1  doub N N 97  
GLN CD  NE2  sing N N 98  
GLN NE2 HE21 sing N N 99  
GLN NE2 HE22 sing N N 100 
GLN OXT HXT  sing N N 101 
GLU N   CA   sing N N 102 
GLU N   H    sing N N 103 
GLU N   H2   sing N N 104 
GLU CA  C    sing N N 105 
GLU CA  CB   sing N N 106 
GLU CA  HA   sing N N 107 
GLU C   O    doub N N 108 
GLU C   OXT  sing N N 109 
GLU CB  CG   sing N N 110 
GLU CB  HB2  sing N N 111 
GLU CB  HB3  sing N N 112 
GLU CG  CD   sing N N 113 
GLU CG  HG2  sing N N 114 
GLU CG  HG3  sing N N 115 
GLU CD  OE1  doub N N 116 
GLU CD  OE2  sing N N 117 
GLU OE2 HE2  sing N N 118 
GLU OXT HXT  sing N N 119 
GLY N   CA   sing N N 120 
GLY N   H    sing N N 121 
GLY N   H2   sing N N 122 
GLY CA  C    sing N N 123 
GLY CA  HA2  sing N N 124 
GLY CA  HA3  sing N N 125 
GLY C   O    doub N N 126 
GLY C   OXT  sing N N 127 
GLY OXT HXT  sing N N 128 
HIS N   CA   sing N N 129 
HIS N   H    sing N N 130 
HIS N   H2   sing N N 131 
HIS CA  C    sing N N 132 
HIS CA  CB   sing N N 133 
HIS CA  HA   sing N N 134 
HIS C   O    doub N N 135 
HIS C   OXT  sing N N 136 
HIS CB  CG   sing N N 137 
HIS CB  HB2  sing N N 138 
HIS CB  HB3  sing N N 139 
HIS CG  ND1  sing Y N 140 
HIS CG  CD2  doub Y N 141 
HIS ND1 CE1  doub Y N 142 
HIS ND1 HD1  sing N N 143 
HIS CD2 NE2  sing Y N 144 
HIS CD2 HD2  sing N N 145 
HIS CE1 NE2  sing Y N 146 
HIS CE1 HE1  sing N N 147 
HIS NE2 HE2  sing N N 148 
HIS OXT HXT  sing N N 149 
HOH O   H1   sing N N 150 
HOH O   H2   sing N N 151 
ILE N   CA   sing N N 152 
ILE N   H    sing N N 153 
ILE N   H2   sing N N 154 
ILE CA  C    sing N N 155 
ILE CA  CB   sing N N 156 
ILE CA  HA   sing N N 157 
ILE C   O    doub N N 158 
ILE C   OXT  sing N N 159 
ILE CB  CG1  sing N N 160 
ILE CB  CG2  sing N N 161 
ILE CB  HB   sing N N 162 
ILE CG1 CD1  sing N N 163 
ILE CG1 HG12 sing N N 164 
ILE CG1 HG13 sing N N 165 
ILE CG2 HG21 sing N N 166 
ILE CG2 HG22 sing N N 167 
ILE CG2 HG23 sing N N 168 
ILE CD1 HD11 sing N N 169 
ILE CD1 HD12 sing N N 170 
ILE CD1 HD13 sing N N 171 
ILE OXT HXT  sing N N 172 
LEU N   CA   sing N N 173 
LEU N   H    sing N N 174 
LEU N   H2   sing N N 175 
LEU CA  C    sing N N 176 
LEU CA  CB   sing N N 177 
LEU CA  HA   sing N N 178 
LEU C   O    doub N N 179 
LEU C   OXT  sing N N 180 
LEU CB  CG   sing N N 181 
LEU CB  HB2  sing N N 182 
LEU CB  HB3  sing N N 183 
LEU CG  CD1  sing N N 184 
LEU CG  CD2  sing N N 185 
LEU CG  HG   sing N N 186 
LEU CD1 HD11 sing N N 187 
LEU CD1 HD12 sing N N 188 
LEU CD1 HD13 sing N N 189 
LEU CD2 HD21 sing N N 190 
LEU CD2 HD22 sing N N 191 
LEU CD2 HD23 sing N N 192 
LEU OXT HXT  sing N N 193 
LYS N   CA   sing N N 194 
LYS N   H    sing N N 195 
LYS N   H2   sing N N 196 
LYS CA  C    sing N N 197 
LYS CA  CB   sing N N 198 
LYS CA  HA   sing N N 199 
LYS C   O    doub N N 200 
LYS C   OXT  sing N N 201 
LYS CB  CG   sing N N 202 
LYS CB  HB2  sing N N 203 
LYS CB  HB3  sing N N 204 
LYS CG  CD   sing N N 205 
LYS CG  HG2  sing N N 206 
LYS CG  HG3  sing N N 207 
LYS CD  CE   sing N N 208 
LYS CD  HD2  sing N N 209 
LYS CD  HD3  sing N N 210 
LYS CE  NZ   sing N N 211 
LYS CE  HE2  sing N N 212 
LYS CE  HE3  sing N N 213 
LYS NZ  HZ1  sing N N 214 
LYS NZ  HZ2  sing N N 215 
LYS NZ  HZ3  sing N N 216 
LYS OXT HXT  sing N N 217 
MET N   CA   sing N N 218 
MET N   H    sing N N 219 
MET N   H2   sing N N 220 
MET CA  C    sing N N 221 
MET CA  CB   sing N N 222 
MET CA  HA   sing N N 223 
MET C   O    doub N N 224 
MET C   OXT  sing N N 225 
MET CB  CG   sing N N 226 
MET CB  HB2  sing N N 227 
MET CB  HB3  sing N N 228 
MET CG  SD   sing N N 229 
MET CG  HG2  sing N N 230 
MET CG  HG3  sing N N 231 
MET SD  CE   sing N N 232 
MET CE  HE1  sing N N 233 
MET CE  HE2  sing N N 234 
MET CE  HE3  sing N N 235 
MET OXT HXT  sing N N 236 
PHE N   CA   sing N N 237 
PHE N   H    sing N N 238 
PHE N   H2   sing N N 239 
PHE CA  C    sing N N 240 
PHE CA  CB   sing N N 241 
PHE CA  HA   sing N N 242 
PHE C   O    doub N N 243 
PHE C   OXT  sing N N 244 
PHE CB  CG   sing N N 245 
PHE CB  HB2  sing N N 246 
PHE CB  HB3  sing N N 247 
PHE CG  CD1  doub Y N 248 
PHE CG  CD2  sing Y N 249 
PHE CD1 CE1  sing Y N 250 
PHE CD1 HD1  sing N N 251 
PHE CD2 CE2  doub Y N 252 
PHE CD2 HD2  sing N N 253 
PHE CE1 CZ   doub Y N 254 
PHE CE1 HE1  sing N N 255 
PHE CE2 CZ   sing Y N 256 
PHE CE2 HE2  sing N N 257 
PHE CZ  HZ   sing N N 258 
PHE OXT HXT  sing N N 259 
PRO N   CA   sing N N 260 
PRO N   CD   sing N N 261 
PRO N   H    sing N N 262 
PRO CA  C    sing N N 263 
PRO CA  CB   sing N N 264 
PRO CA  HA   sing N N 265 
PRO C   O    doub N N 266 
PRO C   OXT  sing N N 267 
PRO CB  CG   sing N N 268 
PRO CB  HB2  sing N N 269 
PRO CB  HB3  sing N N 270 
PRO CG  CD   sing N N 271 
PRO CG  HG2  sing N N 272 
PRO CG  HG3  sing N N 273 
PRO CD  HD2  sing N N 274 
PRO CD  HD3  sing N N 275 
PRO OXT HXT  sing N N 276 
SER N   CA   sing N N 277 
SER N   H    sing N N 278 
SER N   H2   sing N N 279 
SER CA  C    sing N N 280 
SER CA  CB   sing N N 281 
SER CA  HA   sing N N 282 
SER C   O    doub N N 283 
SER C   OXT  sing N N 284 
SER CB  OG   sing N N 285 
SER CB  HB2  sing N N 286 
SER CB  HB3  sing N N 287 
SER OG  HG   sing N N 288 
SER OXT HXT  sing N N 289 
THR N   CA   sing N N 290 
THR N   H    sing N N 291 
THR N   H2   sing N N 292 
THR CA  C    sing N N 293 
THR CA  CB   sing N N 294 
THR CA  HA   sing N N 295 
THR C   O    doub N N 296 
THR C   OXT  sing N N 297 
THR CB  OG1  sing N N 298 
THR CB  CG2  sing N N 299 
THR CB  HB   sing N N 300 
THR OG1 HG1  sing N N 301 
THR CG2 HG21 sing N N 302 
THR CG2 HG22 sing N N 303 
THR CG2 HG23 sing N N 304 
THR OXT HXT  sing N N 305 
TRP N   CA   sing N N 306 
TRP N   H    sing N N 307 
TRP N   H2   sing N N 308 
TRP CA  C    sing N N 309 
TRP CA  CB   sing N N 310 
TRP CA  HA   sing N N 311 
TRP C   O    doub N N 312 
TRP C   OXT  sing N N 313 
TRP CB  CG   sing N N 314 
TRP CB  HB2  sing N N 315 
TRP CB  HB3  sing N N 316 
TRP CG  CD1  doub Y N 317 
TRP CG  CD2  sing Y N 318 
TRP CD1 NE1  sing Y N 319 
TRP CD1 HD1  sing N N 320 
TRP CD2 CE2  doub Y N 321 
TRP CD2 CE3  sing Y N 322 
TRP NE1 CE2  sing Y N 323 
TRP NE1 HE1  sing N N 324 
TRP CE2 CZ2  sing Y N 325 
TRP CE3 CZ3  doub Y N 326 
TRP CE3 HE3  sing N N 327 
TRP CZ2 CH2  doub Y N 328 
TRP CZ2 HZ2  sing N N 329 
TRP CZ3 CH2  sing Y N 330 
TRP CZ3 HZ3  sing N N 331 
TRP CH2 HH2  sing N N 332 
TRP OXT HXT  sing N N 333 
TYR N   CA   sing N N 334 
TYR N   H    sing N N 335 
TYR N   H2   sing N N 336 
TYR CA  C    sing N N 337 
TYR CA  CB   sing N N 338 
TYR CA  HA   sing N N 339 
TYR C   O    doub N N 340 
TYR C   OXT  sing N N 341 
TYR CB  CG   sing N N 342 
TYR CB  HB2  sing N N 343 
TYR CB  HB3  sing N N 344 
TYR CG  CD1  doub Y N 345 
TYR CG  CD2  sing Y N 346 
TYR CD1 CE1  sing Y N 347 
TYR CD1 HD1  sing N N 348 
TYR CD2 CE2  doub Y N 349 
TYR CD2 HD2  sing N N 350 
TYR CE1 CZ   doub Y N 351 
TYR CE1 HE1  sing N N 352 
TYR CE2 CZ   sing Y N 353 
TYR CE2 HE2  sing N N 354 
TYR CZ  OH   sing N N 355 
TYR OH  HH   sing N N 356 
TYR OXT HXT  sing N N 357 
VAL N   CA   sing N N 358 
VAL N   H    sing N N 359 
VAL N   H2   sing N N 360 
VAL CA  C    sing N N 361 
VAL CA  CB   sing N N 362 
VAL CA  HA   sing N N 363 
VAL C   O    doub N N 364 
VAL C   OXT  sing N N 365 
VAL CB  CG1  sing N N 366 
VAL CB  CG2  sing N N 367 
VAL CB  HB   sing N N 368 
VAL CG1 HG11 sing N N 369 
VAL CG1 HG12 sing N N 370 
VAL CG1 HG13 sing N N 371 
VAL CG2 HG21 sing N N 372 
VAL CG2 HG22 sing N N 373 
VAL CG2 HG23 sing N N 374 
VAL OXT HXT  sing N N 375 
# 
_pdbx_audit_support.funding_organization   
'National Institutes of Health/National Institute of General Medical Sciences (NIH/NIGMS)' 
_pdbx_audit_support.country                'United States' 
_pdbx_audit_support.grant_number           R01GM38663 
_pdbx_audit_support.ordinal                1 
# 
_atom_sites.entry_id                    5ILV 
_atom_sites.fract_transf_matrix[1][1]   0.00759335 
_atom_sites.fract_transf_matrix[1][2]   -0.00623243 
_atom_sites.fract_transf_matrix[1][3]   -0.01439802 
_atom_sites.fract_transf_matrix[2][1]   -0.00652048 
_atom_sites.fract_transf_matrix[2][2]   -0.01355961 
_atom_sites.fract_transf_matrix[2][3]   0.00243068 
_atom_sites.fract_transf_matrix[3][1]   -0.01503428 
_atom_sites.fract_transf_matrix[3][2]   0.00539005 
_atom_sites.fract_transf_matrix[3][3]   -0.01026208 
_atom_sites.fract_transf_vector[1]      0.231653 
_atom_sites.fract_transf_vector[2]      0.190346 
_atom_sites.fract_transf_vector[3]      -0.261089 
# 
loop_
_atom_type.symbol 
C 
N 
O 
S 
# 
loop_
_atom_site.group_PDB 
_atom_site.id 
_atom_site.type_symbol 
_atom_site.label_atom_id 
_atom_site.label_alt_id 
_atom_site.label_comp_id 
_atom_site.label_asym_id 
_atom_site.label_entity_id 
_atom_site.label_seq_id 
_atom_site.pdbx_PDB_ins_code 
_atom_site.Cartn_x 
_atom_site.Cartn_y 
_atom_site.Cartn_z 
_atom_site.occupancy 
_atom_site.B_iso_or_equiv 
_atom_site.pdbx_formal_charge 
_atom_site.auth_seq_id 
_atom_site.auth_comp_id 
_atom_site.auth_asym_id 
_atom_site.auth_atom_id 
_atom_site.pdbx_PDB_model_num 
ATOM   1   N N   . GLY A 1 1  ? -14.759 -8.324  8.603   1.00 55.41 ? 366 GLY A N   1 
ATOM   2   C CA  . GLY A 1 1  ? -13.641 -9.167  8.214   1.00 57.73 ? 366 GLY A CA  1 
ATOM   3   C C   . GLY A 1 1  ? -13.251 -9.097  6.743   1.00 62.18 ? 366 GLY A C   1 
ATOM   4   O O   . GLY A 1 1  ? -12.615 -10.014 6.218   1.00 67.43 ? 366 GLY A O   1 
ATOM   5   N N   . SER A 1 2  ? -13.623 -8.010  6.073   1.00 55.79 ? 367 SER A N   1 
ATOM   6   C CA  . SER A 1 2  ? -13.306 -7.824  4.664   1.00 45.17 ? 367 SER A CA  1 
ATOM   7   C C   . SER A 1 2  ? -11.930 -7.179  4.515   1.00 39.00 ? 367 SER A C   1 
ATOM   8   O O   . SER A 1 2  ? -11.604 -6.217  5.219   1.00 37.59 ? 367 SER A O   1 
ATOM   9   C CB  . SER A 1 2  ? -14.372 -6.960  3.989   1.00 44.33 ? 367 SER A CB  1 
ATOM   10  O OG  . SER A 1 2  ? -14.123 -6.826  2.600   1.00 48.01 ? 367 SER A OG  1 
ATOM   11  N N   . LEU A 1 3  ? -11.132 -7.701  3.581   1.00 37.90 ? 368 LEU A N   1 
ATOM   12  C CA  . LEU A 1 3  ? -9.747  -7.258  3.453   1.00 34.63 ? 368 LEU A CA  1 
ATOM   13  C C   . LEU A 1 3  ? -9.653  -5.853  2.869   1.00 29.86 ? 368 LEU A C   1 
ATOM   14  O O   . LEU A 1 3  ? -10.180 -5.576  1.787   1.00 28.52 ? 368 LEU A O   1 
ATOM   15  C CB  . LEU A 1 3  ? -8.952  -8.218  2.581   1.00 34.82 ? 368 LEU A CB  1 
ATOM   16  C CG  . LEU A 1 3  ? -7.490  -7.778  2.554   1.00 34.72 ? 368 LEU A CG  1 
ATOM   17  C CD1 . LEU A 1 3  ? -6.895  -7.848  3.951   1.00 37.36 ? 368 LEU A CD1 1 
ATOM   18  C CD2 . LEU A 1 3  ? -6.698  -8.617  1.589   1.00 35.05 ? 368 LEU A CD2 1 
ATOM   19  N N   . GLN A 1 4  ? -8.943  -4.980  3.573   1.00 24.77 ? 369 GLN A N   1 
ATOM   20  C CA  . GLN A 1 4  ? -8.733  -3.596  3.173   1.00 19.10 ? 369 GLN A CA  1 
ATOM   21  C C   . GLN A 1 4  ? -7.396  -3.456  2.469   1.00 20.82 ? 369 GLN A C   1 
ATOM   22  O O   . GLN A 1 4  ? -6.434  -4.178  2.774   1.00 18.21 ? 369 GLN A O   1 
ATOM   23  C CB  . GLN A 1 4  ? -8.756  -2.684  4.396   1.00 16.19 ? 369 GLN A CB  1 
ATOM   24  C CG  . GLN A 1 4  ? -10.022 -2.813  5.228   1.00 19.87 ? 369 GLN A CG  1 
ATOM   25  C CD  . GLN A 1 4  ? -11.283 -2.671  4.408   1.00 27.32 ? 369 GLN A CD  1 
ATOM   26  O OE1 . GLN A 1 4  ? -12.093 -3.599  4.297   1.00 32.37 ? 369 GLN A OE1 1 
ATOM   27  N NE2 . GLN A 1 4  ? -11.445 -1.508  3.808   1.00 18.64 ? 369 GLN A NE2 1 
ATOM   28  N N   . LEU A 1 5  ? -7.318  -2.496  1.547   1.00 18.79 ? 370 LEU A N   1 
ATOM   29  C CA  . LEU A 1 5  ? -6.062  -2.301  0.826   1.00 15.69 ? 370 LEU A CA  1 
ATOM   30  C C   . LEU A 1 5  ? -4.921  -1.941  1.773   1.00 21.22 ? 370 LEU A C   1 
ATOM   31  O O   . LEU A 1 5  ? -3.806  -2.450  1.618   1.00 18.08 ? 370 LEU A O   1 
ATOM   32  C CB  . LEU A 1 5  ? -6.213  -1.232  -0.256  1.00 22.21 ? 370 LEU A CB  1 
ATOM   33  C CG  . LEU A 1 5  ? -4.937  -0.851  -1.018  1.00 21.18 ? 370 LEU A CG  1 
ATOM   34  C CD1 . LEU A 1 5  ? -4.297  -2.058  -1.673  1.00 21.58 ? 370 LEU A CD1 1 
ATOM   35  C CD2 . LEU A 1 5  ? -5.241  0.219   -2.059  1.00 21.13 ? 370 LEU A CD2 1 
ATOM   36  N N   . TRP A 1 6  ? -5.170  -1.081  2.768   1.00 18.80 ? 371 TRP A N   1 
ATOM   37  C CA  . TRP A 1 6  ? -4.080  -0.729  3.672   1.00 19.42 ? 371 TRP A CA  1 
ATOM   38  C C   . TRP A 1 6  ? -3.583  -1.957  4.427   1.00 20.67 ? 371 TRP A C   1 
ATOM   39  O O   . TRP A 1 6  ? -2.380  -2.098  4.665   1.00 22.67 ? 371 TRP A O   1 
ATOM   40  C CB  . TRP A 1 6  ? -4.505  0.371   4.642   1.00 17.99 ? 371 TRP A CB  1 
ATOM   41  C CG  . TRP A 1 6  ? -5.600  0.011   5.590   1.00 15.69 ? 371 TRP A CG  1 
ATOM   42  C CD1 . TRP A 1 6  ? -6.958  0.204   5.402   1.00 16.47 ? 371 TRP A CD1 1 
ATOM   43  C CD2 . TRP A 1 6  ? -5.460  -0.576  6.893   1.00 23.81 ? 371 TRP A CD2 1 
ATOM   44  N NE1 . TRP A 1 6  ? -7.655  -0.236  6.510   1.00 21.40 ? 371 TRP A NE1 1 
ATOM   45  C CE2 . TRP A 1 6  ? -6.760  -0.722  7.435   1.00 25.56 ? 371 TRP A CE2 1 
ATOM   46  C CE3 . TRP A 1 6  ? -4.361  -0.998  7.655   1.00 27.58 ? 371 TRP A CE3 1 
ATOM   47  C CZ2 . TRP A 1 6  ? -6.986  -1.272  8.704   1.00 28.80 ? 371 TRP A CZ2 1 
ATOM   48  C CZ3 . TRP A 1 6  ? -4.594  -1.548  8.913   1.00 29.37 ? 371 TRP A CZ3 1 
ATOM   49  C CH2 . TRP A 1 6  ? -5.892  -1.679  9.421   1.00 30.35 ? 371 TRP A CH2 1 
ATOM   50  N N   . GLN A 1 7  ? -4.488  -2.877  4.770   1.00 16.98 ? 372 GLN A N   1 
ATOM   51  C CA  . GLN A 1 7  ? -4.084  -4.102  5.464   1.00 18.92 ? 372 GLN A CA  1 
ATOM   52  C C   . GLN A 1 7  ? -3.265  -5.005  4.550   1.00 25.15 ? 372 GLN A C   1 
ATOM   53  O O   . GLN A 1 7  ? -2.234  -5.555  4.961   1.00 23.91 ? 372 GLN A O   1 
ATOM   54  C CB  . GLN A 1 7  ? -5.312  -4.857  5.971   1.00 23.70 ? 372 GLN A CB  1 
ATOM   55  C CG  . GLN A 1 7  ? -6.130  -4.129  7.002   1.00 24.90 ? 372 GLN A CG  1 
ATOM   56  C CD  . GLN A 1 7  ? -7.398  -4.889  7.353   1.00 31.41 ? 372 GLN A CD  1 
ATOM   57  O OE1 . GLN A 1 7  ? -8.079  -5.428  6.474   1.00 31.61 ? 372 GLN A OE1 1 
ATOM   58  N NE2 . GLN A 1 7  ? -7.706  -4.960  8.643   1.00 34.38 ? 372 GLN A NE2 1 
ATOM   59  N N   . PHE A 1 8  ? -3.718  -5.166  3.307   1.00 21.40 ? 373 PHE A N   1 
ATOM   60  C CA  . PHE A 1 8  ? -2.984  -5.959  2.328   1.00 20.72 ? 373 PHE A CA  1 
ATOM   61  C C   . PHE A 1 8  ? -1.579  -5.415  2.106   1.00 22.34 ? 373 PHE A C   1 
ATOM   62  O O   . PHE A 1 8  ? -0.614  -6.186  2.017   1.00 22.55 ? 373 PHE A O   1 
ATOM   63  C CB  . PHE A 1 8  ? -3.760  -5.973  1.015   1.00 24.65 ? 373 PHE A CB  1 
ATOM   64  C CG  . PHE A 1 8  ? -3.060  -6.687  -0.099  1.00 19.69 ? 373 PHE A CG  1 
ATOM   65  C CD1 . PHE A 1 8  ? -2.933  -8.068  -0.079  1.00 30.23 ? 373 PHE A CD1 1 
ATOM   66  C CD2 . PHE A 1 8  ? -2.550  -5.976  -1.181  1.00 23.52 ? 373 PHE A CD2 1 
ATOM   67  C CE1 . PHE A 1 8  ? -2.300  -8.730  -1.112  1.00 36.06 ? 373 PHE A CE1 1 
ATOM   68  C CE2 . PHE A 1 8  ? -1.910  -6.640  -2.225  1.00 25.27 ? 373 PHE A CE2 1 
ATOM   69  C CZ  . PHE A 1 8  ? -1.792  -8.016  -2.186  1.00 30.91 ? 373 PHE A CZ  1 
ATOM   70  N N   . LEU A 1 9  ? -1.447  -4.093  1.983   1.00 19.00 ? 374 LEU A N   1 
ATOM   71  C CA  . LEU A 1 9  ? -0.132  -3.504  1.771   1.00 18.15 ? 374 LEU A CA  1 
ATOM   72  C C   . LEU A 1 9  ? 0.784   -3.772  2.960   1.00 22.34 ? 374 LEU A C   1 
ATOM   73  O O   . LEU A 1 9  ? 1.967   -4.083  2.784   1.00 17.78 ? 374 LEU A O   1 
ATOM   74  C CB  . LEU A 1 9  ? -0.260  -2.004  1.520   1.00 17.67 ? 374 LEU A CB  1 
ATOM   75  C CG  . LEU A 1 9  ? -0.895  -1.595  0.184   1.00 18.76 ? 374 LEU A CG  1 
ATOM   76  C CD1 . LEU A 1 9  ? -1.063  -0.088  0.166   1.00 22.85 ? 374 LEU A CD1 1 
ATOM   77  C CD2 . LEU A 1 9  ? -0.036  -2.053  -1.004  1.00 16.58 ? 374 LEU A CD2 1 
ATOM   78  N N   . VAL A 1 10 ? 0.255   -3.662  4.177   1.00 17.52 ? 375 VAL A N   1 
ATOM   79  C CA  . VAL A 1 10 ? 1.073   -3.977  5.348   1.00 22.87 ? 375 VAL A CA  1 
ATOM   80  C C   . VAL A 1 10 ? 1.569   -5.415  5.276   1.00 21.46 ? 375 VAL A C   1 
ATOM   81  O O   . VAL A 1 10 ? 2.750   -5.695  5.522   1.00 22.05 ? 375 VAL A O   1 
ATOM   82  C CB  . VAL A 1 10 ? 0.288   -3.708  6.647   1.00 22.21 ? 375 VAL A CB  1 
ATOM   83  C CG1 . VAL A 1 10 ? 1.079   -4.213  7.851   1.00 30.03 ? 375 VAL A CG1 1 
ATOM   84  C CG2 . VAL A 1 10 ? 0.006   -2.224  6.796   1.00 28.58 ? 375 VAL A CG2 1 
ATOM   85  N N   . THR A 1 11 ? 0.684   -6.344  4.911   1.00 19.34 ? 376 THR A N   1 
ATOM   86  C CA  . THR A 1 11 ? 1.071   -7.747  4.828   1.00 23.63 ? 376 THR A CA  1 
ATOM   87  C C   . THR A 1 11 ? 2.166   -7.953  3.788   1.00 22.01 ? 376 THR A C   1 
ATOM   88  O O   . THR A 1 11 ? 3.120   -8.707  4.023   1.00 22.08 ? 376 THR A O   1 
ATOM   89  C CB  . THR A 1 11 ? -0.163  -8.596  4.513   1.00 26.07 ? 376 THR A CB  1 
ATOM   90  O OG1 . THR A 1 11 ? -1.109  -8.461  5.581   1.00 27.38 ? 376 THR A OG1 1 
ATOM   91  C CG2 . THR A 1 11 ? 0.200   -10.057 4.358   1.00 31.80 ? 376 THR A CG2 1 
ATOM   92  N N   . LEU A 1 12 ? 2.036   -7.310  2.620   1.00 18.15 ? 377 LEU A N   1 
ATOM   93  C CA  . LEU A 1 12 ? 3.110   -7.368  1.628   1.00 20.83 ? 377 LEU A CA  1 
ATOM   94  C C   . LEU A 1 12 ? 4.419   -6.847  2.200   1.00 19.51 ? 377 LEU A C   1 
ATOM   95  O O   . LEU A 1 12 ? 5.480   -7.439  1.985   1.00 19.05 ? 377 LEU A O   1 
ATOM   96  C CB  . LEU A 1 12 ? 2.739   -6.561  0.382   1.00 19.25 ? 377 LEU A CB  1 
ATOM   97  C CG  . LEU A 1 12 ? 1.628   -7.109  -0.515  1.00 18.09 ? 377 LEU A CG  1 
ATOM   98  C CD1 . LEU A 1 12 ? 1.516   -6.253  -1.770  1.00 17.77 ? 377 LEU A CD1 1 
ATOM   99  C CD2 . LEU A 1 12 ? 1.871   -8.575  -0.860  1.00 20.92 ? 377 LEU A CD2 1 
ATOM   100 N N   . LEU A 1 13 ? 4.362   -5.729  2.924   1.00 21.01 ? 378 LEU A N   1 
ATOM   101 C CA  . LEU A 1 13 ? 5.568   -5.052  3.377   1.00 18.82 ? 378 LEU A CA  1 
ATOM   102 C C   . LEU A 1 13 ? 6.289   -5.802  4.490   1.00 23.48 ? 378 LEU A C   1 
ATOM   103 O O   . LEU A 1 13 ? 7.500   -5.621  4.651   1.00 21.93 ? 378 LEU A O   1 
ATOM   104 C CB  . LEU A 1 13 ? 5.214   -3.639  3.849   1.00 22.18 ? 378 LEU A CB  1 
ATOM   105 C CG  . LEU A 1 13 ? 4.853   -2.633  2.749   1.00 19.50 ? 378 LEU A CG  1 
ATOM   106 C CD1 . LEU A 1 13 ? 4.086   -1.464  3.357   1.00 19.42 ? 378 LEU A CD1 1 
ATOM   107 C CD2 . LEU A 1 13 ? 6.127   -2.154  2.065   1.00 23.98 ? 378 LEU A CD2 1 
ATOM   108 N N   . ASP A 1 14 ? 5.582   -6.630  5.255   1.00 20.05 ? 379 ASP A N   1 
ATOM   109 C CA  . ASP A 1 14 ? 6.192   -7.347  6.360   1.00 23.24 ? 379 ASP A CA  1 
ATOM   110 C C   . ASP A 1 14 ? 6.636   -8.755  5.973   1.00 27.75 ? 379 ASP A C   1 
ATOM   111 O O   . ASP A 1 14 ? 7.116   -9.507  6.830   1.00 28.74 ? 379 ASP A O   1 
ATOM   112 C CB  . ASP A 1 14 ? 5.243   -7.375  7.565   1.00 22.56 ? 379 ASP A CB  1 
ATOM   113 C CG  . ASP A 1 14 ? 5.076   -5.993  8.210   1.00 29.75 ? 379 ASP A CG  1 
ATOM   114 O OD1 . ASP A 1 14 ? 3.985   -5.693  8.738   1.00 38.88 ? 379 ASP A OD1 1 
ATOM   115 O OD2 . ASP A 1 14 ? 6.030   -5.187  8.146   1.00 35.82 ? 379 ASP A OD2 1 
ATOM   116 N N   . ASP A 1 15 ? 6.540   -9.102  4.696   1.00 22.35 ? 380 ASP A N   1 
ATOM   117 C CA  . ASP A 1 15 ? 7.029   -10.378 4.184   1.00 26.36 ? 380 ASP A CA  1 
ATOM   118 C C   . ASP A 1 15 ? 8.197   -10.122 3.242   1.00 24.87 ? 380 ASP A C   1 
ATOM   119 O O   . ASP A 1 15 ? 7.996   -9.550  2.156   1.00 25.45 ? 380 ASP A O   1 
ATOM   120 C CB  . ASP A 1 15 ? 5.906   -11.125 3.459   1.00 32.07 ? 380 ASP A CB  1 
ATOM   121 C CG  . ASP A 1 15 ? 6.287   -12.553 3.086   1.00 44.02 ? 380 ASP A CG  1 
ATOM   122 O OD1 . ASP A 1 15 ? 7.480   -12.927 3.181   1.00 42.74 ? 380 ASP A OD1 1 
ATOM   123 O OD2 . ASP A 1 15 ? 5.375   -13.308 2.683   1.00 51.04 ? 380 ASP A OD2 1 
ATOM   124 N N   . PRO A 1 16 ? 9.420   -10.537 3.587   1.00 23.69 ? 381 PRO A N   1 
ATOM   125 C CA  . PRO A 1 16 ? 10.572  -10.244 2.718   1.00 19.02 ? 381 PRO A CA  1 
ATOM   126 C C   . PRO A 1 16 ? 10.525  -10.955 1.379   1.00 23.45 ? 381 PRO A C   1 
ATOM   127 O O   . PRO A 1 16 ? 11.308  -10.601 0.479   1.00 23.75 ? 381 PRO A O   1 
ATOM   128 C CB  . PRO A 1 16 ? 11.778  -10.690 3.548   1.00 23.92 ? 381 PRO A CB  1 
ATOM   129 C CG  . PRO A 1 16 ? 11.227  -11.341 4.795   1.00 24.47 ? 381 PRO A CG  1 
ATOM   130 C CD  . PRO A 1 16 ? 9.757   -11.468 4.680   1.00 23.99 ? 381 PRO A CD  1 
ATOM   131 N N   . ALA A 1 17 ? 9.632   -11.933 1.210   1.00 20.30 ? 382 ALA A N   1 
ATOM   132 C CA  . ALA A 1 17 ? 9.454   -12.532 -0.106  1.00 22.92 ? 382 ALA A CA  1 
ATOM   133 C C   . ALA A 1 17 ? 8.957   -11.521 -1.127  1.00 27.36 ? 382 ALA A C   1 
ATOM   134 O O   . ALA A 1 17 ? 9.082   -11.769 -2.330  1.00 27.23 ? 382 ALA A O   1 
ATOM   135 C CB  . ALA A 1 17 ? 8.476   -13.707 -0.037  1.00 23.09 ? 382 ALA A CB  1 
ATOM   136 N N   . ASN A 1 18 ? 8.399   -10.389 -0.683  1.00 23.94 ? 383 ASN A N   1 
ATOM   137 C CA  . ASN A 1 18 ? 7.874   -9.369  -1.586  1.00 24.47 ? 383 ASN A CA  1 
ATOM   138 C C   . ASN A 1 18 ? 8.815   -8.190  -1.777  1.00 20.78 ? 383 ASN A C   1 
ATOM   139 O O   . ASN A 1 18 ? 8.465   -7.246  -2.495  1.00 19.56 ? 383 ASN A O   1 
ATOM   140 C CB  . ASN A 1 18 ? 6.528   -8.852  -1.077  1.00 24.54 ? 383 ASN A CB  1 
ATOM   141 C CG  . ASN A 1 18 ? 5.552   -9.958  -0.802  1.00 24.59 ? 383 ASN A CG  1 
ATOM   142 O OD1 . ASN A 1 18 ? 5.363   -10.854 -1.627  1.00 27.98 ? 383 ASN A OD1 1 
ATOM   143 N ND2 . ASN A 1 18 ? 4.919   -9.911  0.372   1.00 23.08 ? 383 ASN A ND2 1 
ATOM   144 N N   . ALA A 1 19 ? 10.000  -8.228  -1.173  1.00 19.99 ? 384 ALA A N   1 
ATOM   145 C CA  . ALA A 1 19 ? 10.841  -7.039  -1.095  1.00 24.84 ? 384 ALA A CA  1 
ATOM   146 C C   . ALA A 1 19 ? 11.314  -6.557  -2.462  1.00 28.74 ? 384 ALA A C   1 
ATOM   147 O O   . ALA A 1 19 ? 11.623  -5.371  -2.609  1.00 28.58 ? 384 ALA A O   1 
ATOM   148 C CB  . ALA A 1 19 ? 12.043  -7.314  -0.184  1.00 27.31 ? 384 ALA A CB  1 
ATOM   149 N N   . HIS A 1 20 ? 11.370  -7.436  -3.469  1.00 24.07 ? 385 HIS A N   1 
ATOM   150 C CA  . HIS A 1 20 ? 11.795  -6.996  -4.794  1.00 23.66 ? 385 HIS A CA  1 
ATOM   151 C C   . HIS A 1 20 ? 10.760  -6.121  -5.503  1.00 26.35 ? 385 HIS A C   1 
ATOM   152 O O   . HIS A 1 20 ? 11.118  -5.446  -6.476  1.00 28.46 ? 385 HIS A O   1 
ATOM   153 C CB  . HIS A 1 20 ? 12.148  -8.201  -5.676  1.00 24.43 ? 385 HIS A CB  1 
ATOM   154 C CG  . HIS A 1 20 ? 11.052  -9.216  -5.786  1.00 24.13 ? 385 HIS A CG  1 
ATOM   155 N ND1 . HIS A 1 20 ? 10.663  -10.009 -4.725  1.00 29.07 ? 385 HIS A ND1 1 
ATOM   156 C CD2 . HIS A 1 20 ? 10.269  -9.575  -6.829  1.00 30.35 ? 385 HIS A CD2 1 
ATOM   157 C CE1 . HIS A 1 20 ? 9.685   -10.809 -5.112  1.00 31.73 ? 385 HIS A CE1 1 
ATOM   158 N NE2 . HIS A 1 20 ? 9.428   -10.567 -6.386  1.00 29.72 ? 385 HIS A NE2 1 
ATOM   159 N N   . PHE A 1 21 ? 9.495   -6.096  -5.053  1.00 20.12 ? 386 PHE A N   1 
ATOM   160 C CA  . PHE A 1 21 ? 8.522   -5.225  -5.698  1.00 18.63 ? 386 PHE A CA  1 
ATOM   161 C C   . PHE A 1 21 ? 7.824   -4.250  -4.759  1.00 17.45 ? 386 PHE A C   1 
ATOM   162 O O   . PHE A 1 21 ? 7.190   -3.310  -5.248  1.00 19.59 ? 386 PHE A O   1 
ATOM   163 C CB  . PHE A 1 21 ? 7.476   -6.040  -6.491  1.00 20.91 ? 386 PHE A CB  1 
ATOM   164 C CG  . PHE A 1 21 ? 6.624   -6.988  -5.663  1.00 18.28 ? 386 PHE A CG  1 
ATOM   165 C CD1 . PHE A 1 21 ? 5.400   -6.577  -5.152  1.00 23.64 ? 386 PHE A CD1 1 
ATOM   166 C CD2 . PHE A 1 21 ? 7.019   -8.311  -5.474  1.00 24.91 ? 386 PHE A CD2 1 
ATOM   167 C CE1 . PHE A 1 21 ? 4.605   -7.459  -4.429  1.00 21.77 ? 386 PHE A CE1 1 
ATOM   168 C CE2 . PHE A 1 21 ? 6.230   -9.195  -4.752  1.00 21.50 ? 386 PHE A CE2 1 
ATOM   169 C CZ  . PHE A 1 21 ? 5.028   -8.768  -4.227  1.00 24.70 ? 386 PHE A CZ  1 
ATOM   170 N N   . ILE A 1 22 ? 7.962   -4.401  -3.439  1.00 16.56 ? 387 ILE A N   1 
ATOM   171 C CA  . ILE A 1 22 ? 7.397   -3.439  -2.495  1.00 19.68 ? 387 ILE A CA  1 
ATOM   172 C C   . ILE A 1 22 ? 8.169   -3.532  -1.185  1.00 19.68 ? 387 ILE A C   1 
ATOM   173 O O   . ILE A 1 22 ? 8.392   -4.631  -0.660  1.00 19.33 ? 387 ILE A O   1 
ATOM   174 C CB  . ILE A 1 22 ? 5.887   -3.674  -2.291  1.00 19.10 ? 387 ILE A CB  1 
ATOM   175 C CG1 . ILE A 1 22 ? 5.284   -2.593  -1.399  1.00 16.72 ? 387 ILE A CG1 1 
ATOM   176 C CG2 . ILE A 1 22 ? 5.601   -5.068  -1.755  1.00 16.94 ? 387 ILE A CG2 1 
ATOM   177 C CD1 . ILE A 1 22 ? 3.788   -2.696  -1.250  1.00 20.66 ? 387 ILE A CD1 1 
ATOM   178 N N   . ALA A 1 23 ? 8.602   -2.392  -0.654  1.00 18.96 ? 388 ALA A N   1 
ATOM   179 C CA  . ALA A 1 23 ? 9.417   -2.460  0.551   1.00 17.48 ? 388 ALA A CA  1 
ATOM   180 C C   . ALA A 1 23 ? 9.329   -1.161  1.338   1.00 22.38 ? 388 ALA A C   1 
ATOM   181 O O   . ALA A 1 23 ? 9.228   -0.071  0.768   1.00 22.96 ? 388 ALA A O   1 
ATOM   182 C CB  . ALA A 1 23 ? 10.880  -2.772  0.209   1.00 22.75 ? 388 ALA A CB  1 
ATOM   183 N N   . TRP A 1 24 ? 9.394   -1.292  2.661   1.00 20.09 ? 389 TRP A N   1 
ATOM   184 C CA  . TRP A 1 24 ? 9.610   -0.126  3.501   1.00 22.10 ? 389 TRP A CA  1 
ATOM   185 C C   . TRP A 1 24 ? 10.893  0.569   3.073   1.00 22.92 ? 389 TRP A C   1 
ATOM   186 O O   . TRP A 1 24 ? 11.897  -0.084  2.763   1.00 24.97 ? 389 TRP A O   1 
ATOM   187 C CB  . TRP A 1 24 ? 9.722   -0.532  4.973   1.00 21.70 ? 389 TRP A CB  1 
ATOM   188 C CG  . TRP A 1 24 ? 8.543   -1.224  5.574   1.00 23.36 ? 389 TRP A CG  1 
ATOM   189 C CD1 . TRP A 1 24 ? 8.473   -2.529  5.979   1.00 23.72 ? 389 TRP A CD1 1 
ATOM   190 C CD2 . TRP A 1 24 ? 7.286   -0.632  5.902   1.00 25.34 ? 389 TRP A CD2 1 
ATOM   191 N NE1 . TRP A 1 24 ? 7.241   -2.790  6.529   1.00 24.23 ? 389 TRP A NE1 1 
ATOM   192 C CE2 . TRP A 1 24 ? 6.490   -1.642  6.490   1.00 26.00 ? 389 TRP A CE2 1 
ATOM   193 C CE3 . TRP A 1 24 ? 6.753   0.654   5.758   1.00 17.97 ? 389 TRP A CE3 1 
ATOM   194 C CZ2 . TRP A 1 24 ? 5.185   -1.408  6.920   1.00 27.78 ? 389 TRP A CZ2 1 
ATOM   195 C CZ3 . TRP A 1 24 ? 5.449   0.887   6.200   1.00 21.62 ? 389 TRP A CZ3 1 
ATOM   196 C CH2 . TRP A 1 24 ? 4.682   -0.141  6.765   1.00 23.97 ? 389 TRP A CH2 1 
ATOM   197 N N   . THR A 1 25 ? 10.863  1.902   3.043   1.00 18.50 ? 390 THR A N   1 
ATOM   198 C CA  . THR A 1 25 ? 12.055  2.666   2.698   1.00 20.42 ? 390 THR A CA  1 
ATOM   199 C C   . THR A 1 25 ? 12.952  2.912   3.897   1.00 22.41 ? 390 THR A C   1 
ATOM   200 O O   . THR A 1 25 ? 14.114  3.296   3.727   1.00 28.81 ? 390 THR A O   1 
ATOM   201 C CB  . THR A 1 25 ? 11.680  4.026   2.096   1.00 26.56 ? 390 THR A CB  1 
ATOM   202 O OG1 . THR A 1 25 ? 11.125  4.863   3.122   1.00 25.59 ? 390 THR A OG1 1 
ATOM   203 C CG2 . THR A 1 25 ? 10.666  3.864   0.960   1.00 25.41 ? 390 THR A CG2 1 
ATOM   204 N N   . GLY A 1 26 ? 12.436  2.717   5.100   1.00 20.44 ? 391 GLY A N   1 
ATOM   205 C CA  . GLY A 1 26 ? 13.224  2.972   6.282   1.00 26.41 ? 391 GLY A CA  1 
ATOM   206 C C   . GLY A 1 26 ? 13.052  4.349   6.871   1.00 28.20 ? 391 GLY A C   1 
ATOM   207 O O   . GLY A 1 26 ? 13.745  4.681   7.837   1.00 29.00 ? 391 GLY A O   1 
ATOM   208 N N   . ARG A 1 27 ? 12.160  5.168   6.322   1.00 23.76 ? 392 ARG A N   1 
ATOM   209 C CA  . ARG A 1 27 ? 11.874  6.478   6.893   1.00 24.49 ? 392 ARG A CA  1 
ATOM   210 C C   . ARG A 1 27 ? 10.423  6.468   7.342   1.00 22.77 ? 392 ARG A C   1 
ATOM   211 O O   . ARG A 1 27 ? 9.515   6.364   6.509   1.00 26.68 ? 392 ARG A O   1 
ATOM   212 C CB  . ARG A 1 27 ? 12.148  7.598   5.895   1.00 25.35 ? 392 ARG A CB  1 
ATOM   213 C CG  . ARG A 1 27 ? 11.954  8.980   6.479   1.00 36.78 ? 392 ARG A CG  1 
ATOM   214 C CD  . ARG A 1 27 ? 12.459  10.031  5.523   1.00 41.97 ? 392 ARG A CD  1 
ATOM   215 N NE  . ARG A 1 27 ? 11.696  10.045  4.281   1.00 43.74 ? 392 ARG A NE  1 
ATOM   216 C CZ  . ARG A 1 27 ? 12.119  10.612  3.154   1.00 46.90 ? 392 ARG A CZ  1 
ATOM   217 N NH1 . ARG A 1 27 ? 13.311  11.203  3.118   1.00 38.68 ? 392 ARG A NH1 1 
ATOM   218 N NH2 . ARG A 1 27 ? 11.353  10.587  2.064   1.00 40.10 ? 392 ARG A NH2 1 
ATOM   219 N N   . GLY A 1 28 ? 10.209  6.545   8.653   1.00 23.41 ? 393 GLY A N   1 
ATOM   220 C CA  . GLY A 1 28 ? 8.849   6.495   9.173   1.00 23.49 ? 393 GLY A CA  1 
ATOM   221 C C   . GLY A 1 28 ? 8.106   5.300   8.626   1.00 28.02 ? 393 GLY A C   1 
ATOM   222 O O   . GLY A 1 28 ? 8.631   4.181   8.564   1.00 25.09 ? 393 GLY A O   1 
ATOM   223 N N   . MET A 1 29 ? 6.878   5.536   8.162   1.00 18.34 ? 394 MET A N   1 
ATOM   224 C CA  . MET A 1 29 ? 6.055   4.490   7.580   1.00 15.86 ? 394 MET A CA  1 
ATOM   225 C C   . MET A 1 29 ? 5.989   4.617   6.063   1.00 19.45 ? 394 MET A C   1 
ATOM   226 O O   . MET A 1 29 ? 4.978   4.268   5.447   1.00 19.80 ? 394 MET A O   1 
ATOM   227 C CB  . MET A 1 29 ? 4.669   4.517   8.226   1.00 19.93 ? 394 MET A CB  1 
ATOM   228 C CG  . MET A 1 29 ? 4.756   3.910   9.643   1.00 28.87 ? 394 MET A CG  1 
ATOM   229 S SD  . MET A 1 29 ? 3.190   3.846   10.502  1.00 40.83 ? 394 MET A SD  1 
ATOM   230 C CE  . MET A 1 29 ? 2.777   5.592   10.596  1.00 34.20 ? 394 MET A CE  1 
ATOM   231 N N   . GLU A 1 30 ? 7.069   5.105   5.456   1.00 17.24 ? 395 GLU A N   1 
ATOM   232 C CA  . GLU A 1 30 ? 7.114   5.266   4.005   1.00 20.16 ? 395 GLU A CA  1 
ATOM   233 C C   . GLU A 1 30 ? 7.482   3.946   3.347   1.00 24.53 ? 395 GLU A C   1 
ATOM   234 O O   . GLU A 1 30 ? 8.260   3.152   3.881   1.00 20.64 ? 395 GLU A O   1 
ATOM   235 C CB  . GLU A 1 30 ? 8.119   6.347   3.601   1.00 20.05 ? 395 GLU A CB  1 
ATOM   236 C CG  . GLU A 1 30 ? 7.819   7.708   4.245   1.00 29.20 ? 395 GLU A CG  1 
ATOM   237 C CD  . GLU A 1 30 ? 8.727   8.837   3.758   1.00 40.12 ? 395 GLU A CD  1 
ATOM   238 O OE1 . GLU A 1 30 ? 9.466   8.641   2.760   1.00 33.51 ? 395 GLU A OE1 1 
ATOM   239 O OE2 . GLU A 1 30 ? 8.698   9.925   4.385   1.00 36.99 ? 395 GLU A OE2 1 
ATOM   240 N N   . PHE A 1 31 ? 6.907   3.710   2.175   1.00 18.99 ? 396 PHE A N   1 
ATOM   241 C CA  . PHE A 1 31 ? 7.197   2.500   1.428   1.00 16.41 ? 396 PHE A CA  1 
ATOM   242 C C   . PHE A 1 31 ? 7.199   2.837   -0.051  1.00 23.31 ? 396 PHE A C   1 
ATOM   243 O O   . PHE A 1 31 ? 6.609   3.829   -0.487  1.00 19.90 ? 396 PHE A O   1 
ATOM   244 C CB  . PHE A 1 31 ? 6.204   1.375   1.737   1.00 14.02 ? 396 PHE A CB  1 
ATOM   245 C CG  . PHE A 1 31 ? 4.757   1.724   1.445   1.00 15.23 ? 396 PHE A CG  1 
ATOM   246 C CD1 . PHE A 1 31 ? 3.995   2.421   2.380   1.00 18.01 ? 396 PHE A CD1 1 
ATOM   247 C CD2 . PHE A 1 31 ? 4.171   1.360   0.242   1.00 17.79 ? 396 PHE A CD2 1 
ATOM   248 C CE1 . PHE A 1 31 ? 2.669   2.755   2.124   1.00 19.96 ? 396 PHE A CE1 1 
ATOM   249 C CE2 . PHE A 1 31 ? 2.848   1.678   -0.019  1.00 18.04 ? 396 PHE A CE2 1 
ATOM   250 C CZ  . PHE A 1 31 ? 2.093   2.381   0.925   1.00 18.64 ? 396 PHE A CZ  1 
ATOM   251 N N   . LYS A 1 32 ? 7.903   2.019   -0.818  1.00 18.38 ? 397 LYS A N   1 
ATOM   252 C CA  . LYS A 1 32 ? 8.030   2.236   -2.252  1.00 16.59 ? 397 LYS A CA  1 
ATOM   253 C C   . LYS A 1 32 ? 7.419   1.060   -2.997  1.00 21.58 ? 397 LYS A C   1 
ATOM   254 O O   . LYS A 1 32 ? 7.646   -0.104  -2.644  1.00 17.32 ? 397 LYS A O   1 
ATOM   255 C CB  . LYS A 1 32 ? 9.502   2.411   -2.644  1.00 23.47 ? 397 LYS A CB  1 
ATOM   256 C CG  . LYS A 1 32 ? 9.739   2.759   -4.106  1.00 27.11 ? 397 LYS A CG  1 
ATOM   257 C CD  . LYS A 1 32 ? 11.227  2.912   -4.364  1.00 36.62 ? 397 LYS A CD  1 
ATOM   258 C CE  . LYS A 1 32 ? 11.499  3.579   -5.700  1.00 53.83 ? 397 LYS A CE  1 
ATOM   259 N NZ  . LYS A 1 32 ? 11.201  5.040   -5.658  1.00 64.62 ? 397 LYS A NZ  1 
ATOM   260 N N   . LEU A 1 33 ? 6.640   1.368   -4.024  1.00 16.27 ? 398 LEU A N   1 
ATOM   261 C CA  . LEU A 1 33 ? 6.172   0.339   -4.944  1.00 18.35 ? 398 LEU A CA  1 
ATOM   262 C C   . LEU A 1 33 ? 7.269   0.190   -5.982  1.00 21.75 ? 398 LEU A C   1 
ATOM   263 O O   . LEU A 1 33 ? 7.333   0.940   -6.964  1.00 20.43 ? 398 LEU A O   1 
ATOM   264 C CB  . LEU A 1 33 ? 4.842   0.725   -5.574  1.00 21.45 ? 398 LEU A CB  1 
ATOM   265 C CG  . LEU A 1 33 ? 3.720   1.116   -4.620  1.00 24.80 ? 398 LEU A CG  1 
ATOM   266 C CD1 . LEU A 1 33 ? 2.454   1.420   -5.426  1.00 24.75 ? 398 LEU A CD1 1 
ATOM   267 C CD2 . LEU A 1 33 ? 3.473   0.021   -3.597  1.00 27.98 ? 398 LEU A CD2 1 
ATOM   268 N N   . ILE A 1 34 ? 8.155   -0.779  -5.750  1.00 23.84 ? 399 ILE A N   1 
ATOM   269 C CA  . ILE A 1 34 ? 9.270   -0.998  -6.665  1.00 21.28 ? 399 ILE A CA  1 
ATOM   270 C C   . ILE A 1 34 ? 8.760   -1.499  -8.007  1.00 26.46 ? 399 ILE A C   1 
ATOM   271 O O   . ILE A 1 34 ? 9.261   -1.093  -9.062  1.00 26.10 ? 399 ILE A O   1 
ATOM   272 C CB  . ILE A 1 34 ? 10.292  -1.959  -6.038  1.00 22.70 ? 399 ILE A CB  1 
ATOM   273 C CG1 . ILE A 1 34 ? 10.803  -1.377  -4.720  1.00 26.21 ? 399 ILE A CG1 1 
ATOM   274 C CG2 . ILE A 1 34 ? 11.468  -2.203  -6.985  1.00 24.70 ? 399 ILE A CG2 1 
ATOM   275 C CD1 . ILE A 1 34 ? 11.675  -2.331  -3.953  1.00 27.99 ? 399 ILE A CD1 1 
ATOM   276 N N   . GLU A 1 35 ? 7.756   -2.384  -7.994  1.00 22.00 ? 400 GLU A N   1 
ATOM   277 C CA  . GLU A 1 35 ? 6.988   -2.739  -9.192  1.00 21.82 ? 400 GLU A CA  1 
ATOM   278 C C   . GLU A 1 35 ? 5.538   -2.381  -8.938  1.00 21.14 ? 400 GLU A C   1 
ATOM   279 O O   . GLU A 1 35 ? 4.761   -3.224  -8.456  1.00 21.27 ? 400 GLU A O   1 
ATOM   280 C CB  . GLU A 1 35 ? 7.092   -4.220  -9.534  1.00 23.74 ? 400 GLU A CB  1 
ATOM   281 C CG  . GLU A 1 35 ? 8.423   -4.683  -9.989  1.00 29.79 ? 400 GLU A CG  1 
ATOM   282 C CD  . GLU A 1 35 ? 8.333   -6.111  -10.464 1.00 37.65 ? 400 GLU A CD  1 
ATOM   283 O OE1 . GLU A 1 35 ? 7.413   -6.396  -11.273 1.00 34.18 ? 400 GLU A OE1 1 
ATOM   284 O OE2 . GLU A 1 35 ? 9.153   -6.940  -10.005 1.00 40.87 ? 400 GLU A OE2 1 
ATOM   285 N N   . PRO A 1 36 ? 5.124   -1.155  -9.247  1.00 19.49 ? 401 PRO A N   1 
ATOM   286 C CA  . PRO A 1 36 ? 3.721   -0.771  -9.027  1.00 20.85 ? 401 PRO A CA  1 
ATOM   287 C C   . PRO A 1 36 ? 2.729   -1.714  -9.684  1.00 20.20 ? 401 PRO A C   1 
ATOM   288 O O   . PRO A 1 36 ? 1.669   -1.990  -9.108  1.00 20.44 ? 401 PRO A O   1 
ATOM   289 C CB  . PRO A 1 36 ? 3.649   0.633   -9.644  1.00 26.72 ? 401 PRO A CB  1 
ATOM   290 C CG  . PRO A 1 36 ? 5.077   1.101   -9.700  1.00 27.60 ? 401 PRO A CG  1 
ATOM   291 C CD  . PRO A 1 36 ? 5.892   -0.109  -9.934  1.00 21.69 ? 401 PRO A CD  1 
ATOM   292 N N   . GLU A 1 37 ? 3.041   -2.223  -10.881 1.00 23.06 ? 402 GLU A N   1 
ATOM   293 C CA  . GLU A 1 37 ? 2.072   -3.072  -11.561 1.00 18.90 ? 402 GLU A CA  1 
ATOM   294 C C   . GLU A 1 37 ? 1.983   -4.452  -10.919 1.00 24.13 ? 402 GLU A C   1 
ATOM   295 O O   . GLU A 1 37 ? 0.912   -5.069  -10.927 1.00 26.59 ? 402 GLU A O   1 
ATOM   296 C CB  . GLU A 1 37 ? 2.416   -3.189  -13.047 1.00 20.49 ? 402 GLU A CB  1 
ATOM   297 C CG  . GLU A 1 37 ? 2.390   -1.859  -13.804 1.00 24.70 ? 402 GLU A CG  1 
ATOM   298 C CD  . GLU A 1 37 ? 0.995   -1.264  -13.962 1.00 29.56 ? 402 GLU A CD  1 
ATOM   299 O OE1 . GLU A 1 37 ? -0.009  -1.922  -13.576 1.00 22.35 ? 402 GLU A OE1 1 
ATOM   300 O OE2 . GLU A 1 37 ? 0.906   -0.119  -14.479 1.00 29.68 ? 402 GLU A OE2 1 
ATOM   301 N N   . GLU A 1 38 ? 3.083   -4.952  -10.352 1.00 23.79 ? 403 GLU A N   1 
ATOM   302 C CA  . GLU A 1 38 ? 3.015   -6.225  -9.641  1.00 22.39 ? 403 GLU A CA  1 
ATOM   303 C C   . GLU A 1 38 ? 2.219   -6.093  -8.347  1.00 23.95 ? 403 GLU A C   1 
ATOM   304 O O   . GLU A 1 38 ? 1.434   -6.987  -8.001  1.00 22.61 ? 403 GLU A O   1 
ATOM   305 C CB  . GLU A 1 38 ? 4.416   -6.753  -9.359  1.00 22.90 ? 403 GLU A CB  1 
ATOM   306 C CG  . GLU A 1 38 ? 4.422   -8.046  -8.531  1.00 23.05 ? 403 GLU A CG  1 
ATOM   307 C CD  . GLU A 1 38 ? 3.847   -9.242  -9.288  1.00 31.16 ? 403 GLU A CD  1 
ATOM   308 O OE1 . GLU A 1 38 ? 3.533   -9.107  -10.497 1.00 28.97 ? 403 GLU A OE1 1 
ATOM   309 O OE2 . GLU A 1 38 ? 3.713   -10.328 -8.675  1.00 32.28 ? 403 GLU A OE2 1 
ATOM   310 N N   . VAL A 1 39 ? 2.384   -4.974  -7.632  1.00 16.80 ? 404 VAL A N   1 
ATOM   311 C CA  . VAL A 1 39 ? 1.554   -4.723  -6.453  1.00 18.18 ? 404 VAL A CA  1 
ATOM   312 C C   . VAL A 1 39 ? 0.084   -4.685  -6.853  1.00 19.42 ? 404 VAL A C   1 
ATOM   313 O O   . VAL A 1 39 ? -0.770  -5.334  -6.233  1.00 19.97 ? 404 VAL A O   1 
ATOM   314 C CB  . VAL A 1 39 ? 1.983   -3.423  -5.754  1.00 21.25 ? 404 VAL A CB  1 
ATOM   315 C CG1 . VAL A 1 39 ? 1.036   -3.109  -4.595  1.00 20.14 ? 404 VAL A CG1 1 
ATOM   316 C CG2 . VAL A 1 39 ? 3.432   -3.538  -5.251  1.00 20.69 ? 404 VAL A CG2 1 
ATOM   317 N N   . ALA A 1 40 ? -0.228  -3.929  -7.904  1.00 21.02 ? 405 ALA A N   1 
ATOM   318 C CA  . ALA A 1 40 ? -1.605  -3.848  -8.379  1.00 19.82 ? 405 ALA A CA  1 
ATOM   319 C C   . ALA A 1 40 ? -2.159  -5.228  -8.731  1.00 22.57 ? 405 ALA A C   1 
ATOM   320 O O   . ALA A 1 40 ? -3.283  -5.570  -8.350  1.00 20.34 ? 405 ALA A O   1 
ATOM   321 C CB  . ALA A 1 40 ? -1.680  -2.909  -9.575  1.00 22.86 ? 405 ALA A CB  1 
ATOM   322 N N   . ARG A 1 41 ? -1.373  -6.042  -9.446  1.00 21.46 ? 406 ARG A N   1 
ATOM   323 C CA  . ARG A 1 41 ? -1.837  -7.373  -9.833  1.00 29.93 ? 406 ARG A CA  1 
ATOM   324 C C   . ARG A 1 41 ? -2.149  -8.234  -8.617  1.00 27.84 ? 406 ARG A C   1 
ATOM   325 O O   . ARG A 1 41 ? -3.148  -8.964  -8.603  1.00 33.14 ? 406 ARG A O   1 
ATOM   326 C CB  . ARG A 1 41 ? -0.795  -8.062  -10.714 1.00 31.72 ? 406 ARG A CB  1 
ATOM   327 C CG  . ARG A 1 41 ? -1.096  -7.994  -12.197 1.00 42.52 ? 406 ARG A CG  1 
ATOM   328 C CD  . ARG A 1 41 ? -0.169  -8.916  -12.980 1.00 42.96 ? 406 ARG A CD  1 
ATOM   329 N NE  . ARG A 1 41 ? 1.229   -8.609  -12.719 1.00 37.53 ? 406 ARG A NE  1 
ATOM   330 C CZ  . ARG A 1 41 ? 1.913   -7.677  -13.375 1.00 36.35 ? 406 ARG A CZ  1 
ATOM   331 N NH1 . ARG A 1 41 ? 1.322   -6.977  -14.330 1.00 32.59 ? 406 ARG A NH1 1 
ATOM   332 N NH2 . ARG A 1 41 ? 3.186   -7.445  -13.077 1.00 32.06 ? 406 ARG A NH2 1 
ATOM   333 N N   . ARG A 1 42 ? -1.320  -8.149  -7.579  1.00 25.68 ? 407 ARG A N   1 
ATOM   334 C CA  . ARG A 1 42 ? -1.544  -8.974  -6.397  1.00 29.45 ? 407 ARG A CA  1 
ATOM   335 C C   . ARG A 1 42 ? -2.765  -8.514  -5.617  1.00 25.00 ? 407 ARG A C   1 
ATOM   336 O O   . ARG A 1 42 ? -3.512  -9.343  -5.084  1.00 25.30 ? 407 ARG A O   1 
ATOM   337 C CB  . ARG A 1 42 ? -0.309  -8.958  -5.520  1.00 25.41 ? 407 ARG A CB  1 
ATOM   338 C CG  . ARG A 1 42 ? 0.719   -9.953  -6.023  1.00 31.53 ? 407 ARG A CG  1 
ATOM   339 C CD  . ARG A 1 42 ? 2.060   -9.606  -5.516  1.00 39.58 ? 407 ARG A CD  1 
ATOM   340 N NE  . ARG A 1 42 ? 3.070   -10.555 -5.970  1.00 40.51 ? 407 ARG A NE  1 
ATOM   341 C CZ  . ARG A 1 42 ? 3.412   -11.652 -5.308  1.00 37.18 ? 407 ARG A CZ  1 
ATOM   342 N NH1 . ARG A 1 42 ? 2.817   -11.952 -4.151  1.00 31.01 ? 407 ARG A NH1 1 
ATOM   343 N NH2 . ARG A 1 42 ? 4.362   -12.434 -5.798  1.00 28.83 ? 407 ARG A NH2 1 
ATOM   344 N N   . TRP A 1 43 ? -2.972  -7.201  -5.518  1.00 25.42 ? 408 TRP A N   1 
ATOM   345 C CA  . TRP A 1 43 ? -4.207  -6.707  -4.919  1.00 24.44 ? 408 TRP A CA  1 
ATOM   346 C C   . TRP A 1 43 ? -5.417  -7.217  -5.686  1.00 27.67 ? 408 TRP A C   1 
ATOM   347 O O   . TRP A 1 43 ? -6.439  -7.575  -5.083  1.00 25.95 ? 408 TRP A O   1 
ATOM   348 C CB  . TRP A 1 43 ? -4.196  -5.174  -4.862  1.00 21.96 ? 408 TRP A CB  1 
ATOM   349 C CG  . TRP A 1 43 ? -5.495  -4.568  -4.369  1.00 17.05 ? 408 TRP A CG  1 
ATOM   350 C CD1 . TRP A 1 43 ? -6.283  -3.684  -5.046  1.00 22.85 ? 408 TRP A CD1 1 
ATOM   351 C CD2 . TRP A 1 43 ? -6.157  -4.824  -3.123  1.00 20.95 ? 408 TRP A CD2 1 
ATOM   352 N NE1 . TRP A 1 43 ? -7.384  -3.357  -4.290  1.00 21.98 ? 408 TRP A NE1 1 
ATOM   353 C CE2 . TRP A 1 43 ? -7.336  -4.049  -3.110  1.00 19.70 ? 408 TRP A CE2 1 
ATOM   354 C CE3 . TRP A 1 43 ? -5.869  -5.634  -2.014  1.00 22.49 ? 408 TRP A CE3 1 
ATOM   355 C CZ2 . TRP A 1 43 ? -8.226  -4.055  -2.035  1.00 26.90 ? 408 TRP A CZ2 1 
ATOM   356 C CZ3 . TRP A 1 43 ? -6.757  -5.632  -0.944  1.00 22.64 ? 408 TRP A CZ3 1 
ATOM   357 C CH2 . TRP A 1 43 ? -7.917  -4.850  -0.966  1.00 23.05 ? 408 TRP A CH2 1 
ATOM   358 N N   . GLY A 1 44 ? -5.307  -7.279  -7.018  1.00 27.21 ? 409 GLY A N   1 
ATOM   359 C CA  . GLY A 1 44 ? -6.405  -7.780  -7.827  1.00 30.43 ? 409 GLY A CA  1 
ATOM   360 C C   . GLY A 1 44 ? -6.696  -9.246  -7.565  1.00 30.68 ? 409 GLY A C   1 
ATOM   361 O O   . GLY A 1 44 ? -7.858  -9.648  -7.460  1.00 34.27 ? 409 GLY A O   1 
ATOM   362 N N   . ILE A 1 45 ? -5.644  -10.060 -7.447  1.00 38.50 ? 410 ILE A N   1 
ATOM   363 C CA  . ILE A 1 45 ? -5.823  -11.469 -7.117  1.00 32.72 ? 410 ILE A CA  1 
ATOM   364 C C   . ILE A 1 45 ? -6.475  -11.610 -5.749  1.00 27.96 ? 410 ILE A C   1 
ATOM   365 O O   . ILE A 1 45 ? -7.433  -12.372 -5.569  1.00 30.11 ? 410 ILE A O   1 
ATOM   366 C CB  . ILE A 1 45 ? -4.471  -12.201 -7.175  1.00 39.11 ? 410 ILE A CB  1 
ATOM   367 C CG1 . ILE A 1 45 ? -3.908  -12.171 -8.599  1.00 38.69 ? 410 ILE A CG1 1 
ATOM   368 C CG2 . ILE A 1 45 ? -4.607  -13.630 -6.664  1.00 41.66 ? 410 ILE A CG2 1 
ATOM   369 C CD1 . ILE A 1 45 ? -2.517  -12.756 -8.701  1.00 41.98 ? 410 ILE A CD1 1 
ATOM   370 N N   . GLN A 1 46 ? -5.973  -10.855 -4.771  1.00 24.53 ? 411 GLN A N   1 
ATOM   371 C CA  . GLN A 1 46 ? -6.416  -11.004 -3.388  1.00 34.33 ? 411 GLN A CA  1 
ATOM   372 C C   . GLN A 1 46 ? -7.869  -10.581 -3.224  1.00 37.73 ? 411 GLN A C   1 
ATOM   373 O O   . GLN A 1 46 ? -8.673  -11.292 -2.610  1.00 39.00 ? 411 GLN A O   1 
ATOM   374 C CB  . GLN A 1 46 ? -5.514  -10.182 -2.473  1.00 33.22 ? 411 GLN A CB  1 
ATOM   375 C CG  . GLN A 1 46 ? -5.635  -10.528 -1.014  1.00 42.75 ? 411 GLN A CG  1 
ATOM   376 C CD  . GLN A 1 46 ? -4.690  -11.630 -0.607  1.00 45.67 ? 411 GLN A CD  1 
ATOM   377 O OE1 . GLN A 1 46 ? -4.085  -12.292 -1.452  1.00 49.92 ? 411 GLN A OE1 1 
ATOM   378 N NE2 . GLN A 1 46 ? -4.548  -11.831 0.699   1.00 52.38 ? 411 GLN A NE2 1 
ATOM   379 N N   . LYS A 1 47 ? -8.217  -9.418  -3.762  1.00 34.65 ? 412 LYS A N   1 
ATOM   380 C CA  . LYS A 1 47 ? -9.546  -8.848  -3.632  1.00 38.29 ? 412 LYS A CA  1 
ATOM   381 C C   . LYS A 1 47 ? -10.509 -9.363  -4.700  1.00 48.47 ? 412 LYS A C   1 
ATOM   382 O O   . LYS A 1 47 ? -11.693 -9.008  -4.672  1.00 54.79 ? 412 LYS A O   1 
ATOM   383 C CB  . LYS A 1 47 ? -9.438  -7.316  -3.678  1.00 37.10 ? 412 LYS A CB  1 
ATOM   384 C CG  . LYS A 1 47 ? -10.644 -6.559  -3.155  1.00 36.35 ? 412 LYS A CG  1 
ATOM   385 C CD  . LYS A 1 47 ? -10.870 -6.821  -1.680  1.00 37.45 ? 412 LYS A CD  1 
ATOM   386 C CE  . LYS A 1 47 ? -12.072 -6.025  -1.181  1.00 41.21 ? 412 LYS A CE  1 
ATOM   387 N NZ  . LYS A 1 47 ? -12.361 -6.261  0.265   1.00 39.64 ? 412 LYS A NZ  1 
ATOM   388 N N   . ASN A 1 48 ? -10.033 -10.204 -5.623  1.00 43.01 ? 413 ASN A N   1 
ATOM   389 C CA  . ASN A 1 48 ? -10.860 -10.783 -6.682  1.00 52.70 ? 413 ASN A CA  1 
ATOM   390 C C   . ASN A 1 48 ? -11.475 -9.693  -7.558  1.00 61.85 ? 413 ASN A C   1 
ATOM   391 O O   . ASN A 1 48 ? -12.690 -9.490  -7.585  1.00 67.09 ? 413 ASN A O   1 
ATOM   392 C CB  . ASN A 1 48 ? -11.952 -11.688 -6.095  1.00 58.53 ? 413 ASN A CB  1 
ATOM   393 C CG  . ASN A 1 48 ? -11.454 -13.080 -5.788  1.00 64.30 ? 413 ASN A CG  1 
ATOM   394 O OD1 . ASN A 1 48 ? -11.447 -13.950 -6.659  1.00 66.23 ? 413 ASN A OD1 1 
ATOM   395 N ND2 . ASN A 1 48 ? -11.044 -13.306 -4.543  1.00 68.46 ? 413 ASN A ND2 1 
ATOM   396 N N   . ARG A 1 49 ? -10.614 -8.979  -8.290  1.00 65.44 ? 414 ARG A N   1 
ATOM   397 C CA  . ARG A 1 49 ? -11.063 -7.939  -9.217  1.00 71.46 ? 414 ARG A CA  1 
ATOM   398 C C   . ARG A 1 49 ? -9.982  -7.662  -10.253 1.00 82.01 ? 414 ARG A C   1 
ATOM   399 O O   . ARG A 1 49 ? -9.353  -6.599  -10.261 1.00 86.71 ? 414 ARG A O   1 
ATOM   400 C CB  . ARG A 1 49 ? -11.449 -6.665  -8.464  1.00 66.97 ? 414 ARG A CB  1 
ATOM   401 C CG  . ARG A 1 49 ? -10.427 -6.198  -7.446  1.00 68.46 ? 414 ARG A CG  1 
ATOM   402 C CD  . ARG A 1 49 ? -10.887 -4.932  -6.755  1.00 76.19 ? 414 ARG A CD  1 
ATOM   403 N NE  . ARG A 1 49 ? -12.120 -5.150  -6.008  1.00 83.69 ? 414 ARG A NE  1 
ATOM   404 C CZ  . ARG A 1 49 ? -12.941 -4.178  -5.632  1.00 87.50 ? 414 ARG A CZ  1 
ATOM   405 N NH1 . ARG A 1 49 ? -12.659 -2.916  -5.938  1.00 88.91 ? 414 ARG A NH1 1 
ATOM   406 N NH2 . ARG A 1 49 ? -14.043 -4.469  -4.955  1.00 88.11 ? 414 ARG A NH2 1 
ATOM   407 N N   . PRO A 1 50 ? -9.752  -8.608  -11.171 1.00 87.87 ? 415 PRO A N   1 
ATOM   408 C CA  . PRO A 1 50 ? -9.025  -8.214  -12.382 1.00 88.94 ? 415 PRO A CA  1 
ATOM   409 C C   . PRO A 1 50 ? -9.945  -7.321  -13.225 1.00 88.05 ? 415 PRO A C   1 
ATOM   410 O O   . PRO A 1 50 ? -11.156 -7.337  -12.970 1.00 91.12 ? 415 PRO A O   1 
ATOM   411 C CB  . PRO A 1 50 ? -8.717  -9.554  -13.078 1.00 91.12 ? 415 PRO A CB  1 
ATOM   412 C CG  . PRO A 1 50 ? -9.453  -10.629 -12.281 1.00 93.63 ? 415 PRO A CG  1 
ATOM   413 C CD  . PRO A 1 50 ? -10.342 -9.951  -11.287 1.00 92.81 ? 415 PRO A CD  1 
ATOM   414 N N   . ALA A 1 51 ? -9.420  -6.538  -14.169 1.00 79.17 ? 416 ALA A N   1 
ATOM   415 C CA  . ALA A 1 51 ? -7.994  -6.428  -14.460 1.00 63.23 ? 416 ALA A CA  1 
ATOM   416 C C   . ALA A 1 51 ? -7.381  -5.250  -13.707 1.00 43.52 ? 416 ALA A C   1 
ATOM   417 O O   . ALA A 1 51 ? -7.189  -4.157  -14.257 1.00 35.75 ? 416 ALA A O   1 
ATOM   418 C CB  . ALA A 1 51 ? -7.768  -6.283  -15.964 1.00 67.86 ? 416 ALA A CB  1 
ATOM   419 N N   . MET A 1 52 ? -7.071  -5.483  -12.439 1.00 40.12 ? 417 MET A N   1 
ATOM   420 C CA  . MET A 1 52 ? -6.430  -4.463  -11.627 1.00 31.62 ? 417 MET A CA  1 
ATOM   421 C C   . MET A 1 52 ? -5.054  -4.125  -12.193 1.00 29.58 ? 417 MET A C   1 
ATOM   422 O O   . MET A 1 52 ? -4.268  -5.019  -12.524 1.00 33.73 ? 417 MET A O   1 
ATOM   423 C CB  . MET A 1 52 ? -6.319  -4.955  -10.189 1.00 28.51 ? 417 MET A CB  1 
ATOM   424 C CG  . MET A 1 52 ? -5.631  -3.993  -9.272  1.00 36.06 ? 417 MET A CG  1 
ATOM   425 S SD  . MET A 1 52 ? -6.627  -2.545  -8.913  1.00 36.50 ? 417 MET A SD  1 
ATOM   426 C CE  . MET A 1 52 ? -8.126  -3.312  -8.311  1.00 33.67 ? 417 MET A CE  1 
ATOM   427 N N   . ASN A 1 53 ? -4.767  -2.830  -12.322 1.00 20.23 ? 418 ASN A N   1 
ATOM   428 C CA  . ASN A 1 53 ? -3.449  -2.361  -12.737 1.00 23.49 ? 418 ASN A CA  1 
ATOM   429 C C   . ASN A 1 53 ? -3.109  -1.156  -11.882 1.00 24.90 ? 418 ASN A C   1 
ATOM   430 O O   . ASN A 1 53 ? -3.896  -0.753  -11.015 1.00 21.34 ? 418 ASN A O   1 
ATOM   431 C CB  . ASN A 1 53 ? -3.396  -2.029  -14.235 1.00 27.41 ? 418 ASN A CB  1 
ATOM   432 C CG  . ASN A 1 53 ? -4.418  -0.984  -14.650 1.00 24.66 ? 418 ASN A CG  1 
ATOM   433 O OD1 . ASN A 1 53 ? -4.894  -0.190  -13.836 1.00 25.39 ? 418 ASN A OD1 1 
ATOM   434 N ND2 . ASN A 1 53 ? -4.774  -0.990  -15.934 1.00 25.50 ? 418 ASN A ND2 1 
ATOM   435 N N   . TYR A 1 54 ? -1.919  -0.584  -12.098 1.00 20.43 ? 419 TYR A N   1 
ATOM   436 C CA  . TYR A 1 54 ? -1.519  0.509   -11.221 1.00 23.51 ? 419 TYR A CA  1 
ATOM   437 C C   . TYR A 1 54 ? -2.423  1.715   -11.404 1.00 21.32 ? 419 TYR A C   1 
ATOM   438 O O   . TYR A 1 54 ? -2.740  2.404   -10.430 1.00 20.09 ? 419 TYR A O   1 
ATOM   439 C CB  . TYR A 1 54 ? -0.053  0.910   -11.432 1.00 20.88 ? 419 TYR A CB  1 
ATOM   440 C CG  . TYR A 1 54 ? 0.303   2.083   -10.536 1.00 23.64 ? 419 TYR A CG  1 
ATOM   441 C CD1 . TYR A 1 54 ? 0.335   1.934   -9.157  1.00 24.46 ? 419 TYR A CD1 1 
ATOM   442 C CD2 . TYR A 1 54 ? 0.536   3.344   -11.063 1.00 34.04 ? 419 TYR A CD2 1 
ATOM   443 C CE1 . TYR A 1 54 ? 0.629   3.006   -8.323  1.00 32.52 ? 419 TYR A CE1 1 
ATOM   444 C CE2 . TYR A 1 54 ? 0.837   4.422   -10.242 1.00 37.85 ? 419 TYR A CE2 1 
ATOM   445 C CZ  . TYR A 1 54 ? 0.879   4.248   -8.871  1.00 36.46 ? 419 TYR A CZ  1 
ATOM   446 O OH  . TYR A 1 54 ? 1.172   5.324   -8.051  1.00 40.62 ? 419 TYR A OH  1 
ATOM   447 N N   . ASP A 1 55 ? -2.859  1.995   -12.640 1.00 22.07 ? 420 ASP A N   1 
ATOM   448 C CA  . ASP A 1 55 ? -3.804  3.095   -12.841 1.00 23.45 ? 420 ASP A CA  1 
ATOM   449 C C   . ASP A 1 55 ? -5.006  2.966   -11.909 1.00 23.86 ? 420 ASP A C   1 
ATOM   450 O O   . ASP A 1 55 ? -5.362  3.909   -11.190 1.00 26.28 ? 420 ASP A O   1 
ATOM   451 C CB  . ASP A 1 55 ? -4.276  3.146   -14.290 1.00 27.22 ? 420 ASP A CB  1 
ATOM   452 C CG  . ASP A 1 55 ? -5.187  4.329   -14.552 1.00 43.11 ? 420 ASP A CG  1 
ATOM   453 O OD1 . ASP A 1 55 ? -4.707  5.471   -14.383 1.00 50.93 ? 420 ASP A OD1 1 
ATOM   454 O OD2 . ASP A 1 55 ? -6.365  4.108   -14.909 1.00 48.99 ? 420 ASP A OD2 1 
ATOM   455 N N   . LYS A 1 56 ? -5.623  1.781   -11.887 1.00 16.92 ? 421 LYS A N   1 
ATOM   456 C CA  . LYS A 1 56 ? -6.758  1.543   -10.993 1.00 25.71 ? 421 LYS A CA  1 
ATOM   457 C C   . LYS A 1 56 ? -6.325  1.589   -9.526  1.00 21.52 ? 421 LYS A C   1 
ATOM   458 O O   . LYS A 1 56 ? -6.973  2.241   -8.695  1.00 21.90 ? 421 LYS A O   1 
ATOM   459 C CB  . LYS A 1 56 ? -7.409  0.197   -11.334 1.00 23.07 ? 421 LYS A CB  1 
ATOM   460 C CG  . LYS A 1 56 ? -8.226  0.198   -12.622 1.00 20.07 ? 421 LYS A CG  1 
ATOM   461 C CD  . LYS A 1 56 ? -8.557  -1.222  -13.064 1.00 26.36 ? 421 LYS A CD  1 
ATOM   462 C CE  . LYS A 1 56 ? -9.164  -1.254  -14.461 1.00 35.85 ? 421 LYS A CE  1 
ATOM   463 N NZ  . LYS A 1 56 ? -8.126  -1.383  -15.511 1.00 43.27 ? 421 LYS A NZ  1 
ATOM   464 N N   . LEU A 1 57 ? -5.224  0.917   -9.192  1.00 18.78 ? 422 LEU A N   1 
ATOM   465 C CA  . LEU A 1 57 ? -4.723  0.944   -7.817  1.00 19.73 ? 422 LEU A CA  1 
ATOM   466 C C   . LEU A 1 57 ? -4.512  2.373   -7.337  1.00 22.56 ? 422 LEU A C   1 
ATOM   467 O O   . LEU A 1 57 ? -4.825  2.702   -6.184  1.00 20.41 ? 422 LEU A O   1 
ATOM   468 C CB  . LEU A 1 57 ? -3.412  0.153   -7.710  1.00 15.52 ? 422 LEU A CB  1 
ATOM   469 C CG  . LEU A 1 57 ? -2.872  0.088   -6.272  1.00 15.07 ? 422 LEU A CG  1 
ATOM   470 C CD1 . LEU A 1 57 ? -3.799  -0.710  -5.376  1.00 20.32 ? 422 LEU A CD1 1 
ATOM   471 C CD2 . LEU A 1 57 ? -1.471  -0.498  -6.248  1.00 19.23 ? 422 LEU A CD2 1 
ATOM   472 N N   . SER A 1 58 ? -4.002  3.244   -8.217  1.00 27.75 ? 423 SER A N   1 
ATOM   473 C CA  . SER A 1 58 ? -3.736  4.625   -7.823  1.00 32.25 ? 423 SER A CA  1 
ATOM   474 C C   . SER A 1 58 ? -5.015  5.355   -7.416  1.00 30.56 ? 423 SER A C   1 
ATOM   475 O O   . SER A 1 58 ? -4.963  6.268   -6.582  1.00 28.32 ? 423 SER A O   1 
ATOM   476 C CB  . SER A 1 58 ? -3.026  5.374   -8.957  1.00 33.63 ? 423 SER A CB  1 
ATOM   477 O OG  . SER A 1 58 ? -3.920  5.719   -10.008 1.00 33.25 ? 423 SER A OG  1 
ATOM   478 N N   . ARG A 1 59 ? -6.167  4.969   -7.985  1.00 25.52 ? 424 ARG A N   1 
ATOM   479 C CA  . ARG A 1 59 ? -7.448  5.539   -7.562  1.00 22.87 ? 424 ARG A CA  1 
ATOM   480 C C   . ARG A 1 59 ? -7.776  5.172   -6.117  1.00 26.67 ? 424 ARG A C   1 
ATOM   481 O O   . ARG A 1 59 ? -8.362  5.975   -5.373  1.00 23.01 ? 424 ARG A O   1 
ATOM   482 C CB  . ARG A 1 59 ? -8.562  5.054   -8.490  1.00 25.80 ? 424 ARG A CB  1 
ATOM   483 C CG  . ARG A 1 59 ? -8.794  5.922   -9.705  1.00 40.46 ? 424 ARG A CG  1 
ATOM   484 C CD  . ARG A 1 59 ? -9.715  5.250   -10.712 1.00 46.47 ? 424 ARG A CD  1 
ATOM   485 N NE  . ARG A 1 59 ? -8.967  4.552   -11.758 1.00 52.56 ? 424 ARG A NE  1 
ATOM   486 C CZ  . ARG A 1 59 ? -9.513  4.029   -12.854 1.00 59.03 ? 424 ARG A CZ  1 
ATOM   487 N NH1 . ARG A 1 59 ? -10.824 4.123   -13.064 1.00 56.65 ? 424 ARG A NH1 1 
ATOM   488 N NH2 . ARG A 1 59 ? -8.742  3.417   -13.746 1.00 54.25 ? 424 ARG A NH2 1 
ATOM   489 N N   . SER A 1 60 ? -7.437  3.950   -5.708  1.00 23.01 ? 425 SER A N   1 
ATOM   490 C CA  . SER A 1 60 ? -7.674  3.568   -4.320  1.00 20.68 ? 425 SER A CA  1 
ATOM   491 C C   . SER A 1 60 ? -6.713  4.295   -3.393  1.00 22.37 ? 425 SER A C   1 
ATOM   492 O O   . SER A 1 60 ? -7.087  4.687   -2.281  1.00 22.37 ? 425 SER A O   1 
ATOM   493 C CB  . SER A 1 60 ? -7.557  2.049   -4.156  1.00 17.41 ? 425 SER A CB  1 
ATOM   494 O OG  . SER A 1 60 ? -8.670  1.394   -4.749  1.00 22.80 ? 425 SER A OG  1 
ATOM   495 N N   . LEU A 1 61 ? -5.475  4.503   -3.840  1.00 17.40 ? 426 LEU A N   1 
ATOM   496 C CA  . LEU A 1 61 ? -4.528  5.277   -3.041  1.00 22.89 ? 426 LEU A CA  1 
ATOM   497 C C   . LEU A 1 61 ? -4.970  6.731   -2.917  1.00 25.15 ? 426 LEU A C   1 
ATOM   498 O O   . LEU A 1 61 ? -4.819  7.344   -1.852  1.00 23.50 ? 426 LEU A O   1 
ATOM   499 C CB  . LEU A 1 61 ? -3.129  5.179   -3.656  1.00 23.04 ? 426 LEU A CB  1 
ATOM   500 C CG  . LEU A 1 61 ? -2.546  3.764   -3.631  1.00 20.58 ? 426 LEU A CG  1 
ATOM   501 C CD1 . LEU A 1 61 ? -1.191  3.715   -4.330  1.00 28.40 ? 426 LEU A CD1 1 
ATOM   502 C CD2 . LEU A 1 61 ? -2.438  3.254   -2.213  1.00 23.02 ? 426 LEU A CD2 1 
ATOM   503 N N   . ARG A 1 62 ? -5.530  7.301   -3.984  1.00 21.22 ? 427 ARG A N   1 
ATOM   504 C CA  . ARG A 1 62 ? -6.054  8.664   -3.890  1.00 24.72 ? 427 ARG A CA  1 
ATOM   505 C C   . ARG A 1 62 ? -7.239  8.727   -2.931  1.00 21.63 ? 427 ARG A C   1 
ATOM   506 O O   . ARG A 1 62 ? -7.390  9.701   -2.178  1.00 24.78 ? 427 ARG A O   1 
ATOM   507 C CB  . ARG A 1 62 ? -6.441  9.187   -5.279  1.00 26.75 ? 427 ARG A CB  1 
ATOM   508 C CG  . ARG A 1 62 ? -5.219  9.547   -6.126  1.00 34.02 ? 427 ARG A CG  1 
ATOM   509 C CD  . ARG A 1 62 ? -5.552  10.418  -7.326  1.00 45.03 ? 427 ARG A CD  1 
ATOM   510 N NE  . ARG A 1 62 ? -6.335  9.716   -8.342  1.00 54.13 ? 427 ARG A NE  1 
ATOM   511 C CZ  . ARG A 1 62 ? -5.840  8.818   -9.192  1.00 52.80 ? 427 ARG A CZ  1 
ATOM   512 N NH1 . ARG A 1 62 ? -4.555  8.485   -9.147  1.00 55.77 ? 427 ARG A NH1 1 
ATOM   513 N NH2 . ARG A 1 62 ? -6.631  8.247   -10.087 1.00 46.29 ? 427 ARG A NH2 1 
ATOM   514 N N   . TYR A 1 63 ? -8.077  7.686   -2.927  1.00 22.94 ? 428 TYR A N   1 
ATOM   515 C CA  . TYR A 1 63 ? -9.117  7.570   -1.909  1.00 16.47 ? 428 TYR A CA  1 
ATOM   516 C C   . TYR A 1 63 ? -8.521  7.647   -0.510  1.00 22.90 ? 428 TYR A C   1 
ATOM   517 O O   . TYR A 1 63 ? -8.970  8.439   0.333   1.00 20.54 ? 428 TYR A O   1 
ATOM   518 C CB  . TYR A 1 63 ? -9.875  6.260   -2.108  1.00 22.58 ? 428 TYR A CB  1 
ATOM   519 C CG  . TYR A 1 63 ? -10.873 5.898   -1.026  1.00 22.42 ? 428 TYR A CG  1 
ATOM   520 C CD1 . TYR A 1 63 ? -12.056 6.618   -0.863  1.00 23.28 ? 428 TYR A CD1 1 
ATOM   521 C CD2 . TYR A 1 63 ? -10.641 4.803   -0.192  1.00 22.92 ? 428 TYR A CD2 1 
ATOM   522 C CE1 . TYR A 1 63 ? -12.980 6.271   0.131   1.00 21.64 ? 428 TYR A CE1 1 
ATOM   523 C CE2 . TYR A 1 63 ? -11.555 4.438   0.780   1.00 26.11 ? 428 TYR A CE2 1 
ATOM   524 C CZ  . TYR A 1 63 ? -12.722 5.176   0.936   1.00 27.42 ? 428 TYR A CZ  1 
ATOM   525 O OH  . TYR A 1 63 ? -13.629 4.813   1.910   1.00 26.86 ? 428 TYR A OH  1 
ATOM   526 N N   . TYR A 1 64 ? -7.491  6.839   -0.250  1.00 19.19 ? 429 TYR A N   1 
ATOM   527 C CA  . TYR A 1 64 ? -6.849  6.868   1.058   1.00 16.02 ? 429 TYR A CA  1 
ATOM   528 C C   . TYR A 1 64 ? -6.252  8.232   1.354   1.00 22.84 ? 429 TYR A C   1 
ATOM   529 O O   . TYR A 1 64 ? -6.245  8.666   2.514   1.00 20.47 ? 429 TYR A O   1 
ATOM   530 C CB  . TYR A 1 64 ? -5.776  5.792   1.141   1.00 18.36 ? 429 TYR A CB  1 
ATOM   531 C CG  . TYR A 1 64 ? -6.296  4.408   1.448   1.00 21.02 ? 429 TYR A CG  1 
ATOM   532 C CD1 . TYR A 1 64 ? -7.573  4.214   1.963   1.00 23.23 ? 429 TYR A CD1 1 
ATOM   533 C CD2 . TYR A 1 64 ? -5.499  3.289   1.227   1.00 19.39 ? 429 TYR A CD2 1 
ATOM   534 C CE1 . TYR A 1 64 ? -8.041  2.930   2.255   1.00 20.62 ? 429 TYR A CE1 1 
ATOM   535 C CE2 . TYR A 1 64 ? -5.957  2.025   1.497   1.00 16.35 ? 429 TYR A CE2 1 
ATOM   536 C CZ  . TYR A 1 64 ? -7.218  1.843   2.022   1.00 19.98 ? 429 TYR A CZ  1 
ATOM   537 O OH  . TYR A 1 64 ? -7.652  0.561   2.298   1.00 18.43 ? 429 TYR A OH  1 
ATOM   538 N N   . TYR A 1 65 ? -5.769  8.934   0.326   1.00 19.07 ? 430 TYR A N   1 
ATOM   539 C CA  . TYR A 1 65 ? -5.262  10.278  0.562   1.00 19.80 ? 430 TYR A CA  1 
ATOM   540 C C   . TYR A 1 65 ? -6.379  11.194  1.043   1.00 23.29 ? 430 TYR A C   1 
ATOM   541 O O   . TYR A 1 65 ? -6.226  11.922  2.037   1.00 23.18 ? 430 TYR A O   1 
ATOM   542 C CB  . TYR A 1 65 ? -4.619  10.857  -0.695  1.00 27.84 ? 430 TYR A CB  1 
ATOM   543 C CG  . TYR A 1 65 ? -4.339  12.337  -0.500  1.00 39.62 ? 430 TYR A CG  1 
ATOM   544 C CD1 . TYR A 1 65 ? -3.427  12.766  0.465   1.00 50.09 ? 430 TYR A CD1 1 
ATOM   545 C CD2 . TYR A 1 65 ? -5.015  13.306  -1.240  1.00 50.31 ? 430 TYR A CD2 1 
ATOM   546 C CE1 . TYR A 1 65 ? -3.176  14.115  0.671   1.00 50.43 ? 430 TYR A CE1 1 
ATOM   547 C CE2 . TYR A 1 65 ? -4.768  14.661  -1.041  1.00 51.76 ? 430 TYR A CE2 1 
ATOM   548 C CZ  . TYR A 1 65 ? -3.846  15.057  -0.086  1.00 51.10 ? 430 TYR A CZ  1 
ATOM   549 O OH  . TYR A 1 65 ? -3.592  16.394  0.119   1.00 55.99 ? 430 TYR A OH  1 
ATOM   550 N N   . GLU A 1 66 ? -7.514  11.172  0.344   1.00 25.14 ? 431 GLU A N   1 
ATOM   551 C CA  . GLU A 1 66 ? -8.620  12.043  0.713   1.00 25.78 ? 431 GLU A CA  1 
ATOM   552 C C   . GLU A 1 66 ? -9.175  11.688  2.079   1.00 27.66 ? 431 GLU A C   1 
ATOM   553 O O   . GLU A 1 66 ? -9.743  12.549  2.756   1.00 30.81 ? 431 GLU A O   1 
ATOM   554 C CB  . GLU A 1 66 ? -9.731  11.961  -0.332  1.00 27.58 ? 431 GLU A CB  1 
ATOM   555 C CG  . GLU A 1 66 ? -9.298  12.343  -1.730  1.00 46.92 ? 431 GLU A CG  1 
ATOM   556 C CD  . GLU A 1 66 ? -10.458 12.836  -2.579  1.00 68.58 ? 431 GLU A CD  1 
ATOM   557 O OE1 . GLU A 1 66 ? -10.282 12.978  -3.812  1.00 70.50 ? 431 GLU A OE1 1 
ATOM   558 O OE2 . GLU A 1 66 ? -11.542 13.096  -2.006  1.00 77.11 ? 431 GLU A OE2 1 
ATOM   559 N N   . LYS A 1 67 ? -9.039  10.435  2.493   1.00 19.50 ? 432 LYS A N   1 
ATOM   560 C CA  . LYS A 1 67 ? -9.604  9.979   3.756   1.00 19.73 ? 432 LYS A CA  1 
ATOM   561 C C   . LYS A 1 67 ? -8.595  10.018  4.900   1.00 22.00 ? 432 LYS A C   1 
ATOM   562 O O   . LYS A 1 67 ? -8.894  9.512   5.988   1.00 23.60 ? 432 LYS A O   1 
ATOM   563 C CB  . LYS A 1 67 ? -10.162 8.562   3.588   1.00 17.42 ? 432 LYS A CB  1 
ATOM   564 C CG  . LYS A 1 67 ? -11.387 8.483   2.633   1.00 16.64 ? 432 LYS A CG  1 
ATOM   565 C CD  . LYS A 1 67 ? -12.555 9.316   3.154   1.00 20.46 ? 432 LYS A CD  1 
ATOM   566 C CE  . LYS A 1 67 ? -13.576 9.630   2.081   1.00 29.69 ? 432 LYS A CE  1 
ATOM   567 N NZ  . LYS A 1 67 ? -14.944 9.644   2.652   1.00 32.30 ? 432 LYS A NZ  1 
ATOM   568 N N   . GLY A 1 68 ? -7.411  10.597  4.678   1.00 21.04 ? 433 GLY A N   1 
ATOM   569 C CA  . GLY A 1 68 ? -6.394  10.741  5.713   1.00 20.57 ? 433 GLY A CA  1 
ATOM   570 C C   . GLY A 1 68 ? -5.614  9.488   6.060   1.00 22.40 ? 433 GLY A C   1 
ATOM   571 O O   . GLY A 1 68 ? -4.869  9.491   7.047   1.00 25.02 ? 433 GLY A O   1 
ATOM   572 N N   . ILE A 1 69 ? -5.749  8.421   5.281   1.00 16.28 ? 434 ILE A N   1 
ATOM   573 C CA  . ILE A 1 69 ? -5.151  7.145   5.646   1.00 18.96 ? 434 ILE A CA  1 
ATOM   574 C C   . ILE A 1 69 ? -3.739  6.988   5.089   1.00 25.14 ? 434 ILE A C   1 
ATOM   575 O O   . ILE A 1 69 ? -2.889  6.361   5.729   1.00 25.24 ? 434 ILE A O   1 
ATOM   576 C CB  . ILE A 1 69 ? -6.092  6.021   5.172   1.00 24.54 ? 434 ILE A CB  1 
ATOM   577 C CG1 . ILE A 1 69 ? -7.414  6.109   5.964   1.00 26.82 ? 434 ILE A CG1 1 
ATOM   578 C CG2 . ILE A 1 69 ? -5.450  4.639   5.297   1.00 23.49 ? 434 ILE A CG2 1 
ATOM   579 C CD1 . ILE A 1 69 ? -8.513  5.190   5.455   1.00 23.03 ? 434 ILE A CD1 1 
ATOM   580 N N   . MET A 1 70 ? -3.465  7.564   3.920   1.00 19.68 ? 435 MET A N   1 
ATOM   581 C CA  . MET A 1 70 ? -2.183  7.407   3.255   1.00 21.43 ? 435 MET A CA  1 
ATOM   582 C C   . MET A 1 70 ? -1.825  8.730   2.606   1.00 28.16 ? 435 MET A C   1 
ATOM   583 O O   . MET A 1 70 ? -2.702  9.525   2.262   1.00 29.94 ? 435 MET A O   1 
ATOM   584 C CB  . MET A 1 70 ? -2.263  6.294   2.211   1.00 19.93 ? 435 MET A CB  1 
ATOM   585 C CG  . MET A 1 70 ? -1.002  5.621   1.811   1.00 35.05 ? 435 MET A CG  1 
ATOM   586 S SD  . MET A 1 70 ? -1.470  3.967   1.238   1.00 34.76 ? 435 MET A SD  1 
ATOM   587 C CE  . MET A 1 70 ? -1.983  3.202   2.774   1.00 38.40 ? 435 MET A CE  1 
ATOM   588 N N   . GLN A 1 71 ? -0.535  8.970   2.451   1.00 19.76 ? 436 GLN A N   1 
ATOM   589 C CA  . GLN A 1 71 ? -0.062  10.125  1.706   1.00 22.65 ? 436 GLN A CA  1 
ATOM   590 C C   . GLN A 1 71 ? 0.921   9.666   0.644   1.00 24.44 ? 436 GLN A C   1 
ATOM   591 O O   . GLN A 1 71 ? 1.634   8.675   0.821   1.00 22.93 ? 436 GLN A O   1 
ATOM   592 C CB  . GLN A 1 71 ? 0.620   11.153  2.601   1.00 33.34 ? 436 GLN A CB  1 
ATOM   593 C CG  . GLN A 1 71 ? -0.313  12.114  3.280   1.00 46.95 ? 436 GLN A CG  1 
ATOM   594 C CD  . GLN A 1 71 ? 0.448   13.159  4.051   1.00 64.79 ? 436 GLN A CD  1 
ATOM   595 O OE1 . GLN A 1 71 ? 0.428   13.175  5.283   1.00 73.90 ? 436 GLN A OE1 1 
ATOM   596 N NE2 . GLN A 1 71 ? 1.145   14.034  3.331   1.00 68.56 ? 436 GLN A NE2 1 
ATOM   597 N N   . LYS A 1 72 ? 0.936   10.392  -0.466  1.00 27.21 ? 437 LYS A N   1 
ATOM   598 C CA  . LYS A 1 72 ? 1.959   10.219  -1.483  1.00 26.82 ? 437 LYS A CA  1 
ATOM   599 C C   . LYS A 1 72 ? 3.117   11.147  -1.147  1.00 31.92 ? 437 LYS A C   1 
ATOM   600 O O   . LYS A 1 72 ? 2.913   12.346  -0.939  1.00 36.51 ? 437 LYS A O   1 
ATOM   601 C CB  . LYS A 1 72 ? 1.397   10.519  -2.876  1.00 32.39 ? 437 LYS A CB  1 
ATOM   602 C CG  . LYS A 1 72 ? 2.332   10.142  -3.999  1.00 31.74 ? 437 LYS A CG  1 
ATOM   603 C CD  . LYS A 1 72 ? 1.640   10.181  -5.347  1.00 36.61 ? 437 LYS A CD  1 
ATOM   604 C CE  . LYS A 1 72 ? 2.559   9.632   -6.432  1.00 41.81 ? 437 LYS A CE  1 
ATOM   605 N NZ  . LYS A 1 72 ? 3.899   10.295  -6.454  1.00 47.36 ? 437 LYS A NZ  1 
ATOM   606 N N   . VAL A 1 73 ? 4.324   10.590  -1.055  1.00 26.71 ? 438 VAL A N   1 
ATOM   607 C CA  . VAL A 1 73 ? 5.493   11.376  -0.676  1.00 24.54 ? 438 VAL A CA  1 
ATOM   608 C C   . VAL A 1 73 ? 5.903   12.227  -1.866  1.00 35.41 ? 438 VAL A C   1 
ATOM   609 O O   . VAL A 1 73 ? 6.182   11.700  -2.949  1.00 33.64 ? 438 VAL A O   1 
ATOM   610 C CB  . VAL A 1 73 ? 6.646   10.474  -0.214  1.00 27.24 ? 438 VAL A CB  1 
ATOM   611 C CG1 . VAL A 1 73 ? 7.899   11.306  0.047   1.00 30.64 ? 438 VAL A CG1 1 
ATOM   612 C CG2 . VAL A 1 73 ? 6.230   9.701   1.034   1.00 24.47 ? 438 VAL A CG2 1 
ATOM   613 N N   . ALA A 1 74 ? 5.925   13.541  -1.673  1.00 45.12 ? 439 ALA A N   1 
ATOM   614 C CA  . ALA A 1 74 ? 6.259   14.456  -2.754  1.00 44.11 ? 439 ALA A CA  1 
ATOM   615 C C   . ALA A 1 74 ? 7.750   14.400  -3.060  1.00 47.25 ? 439 ALA A C   1 
ATOM   616 O O   . ALA A 1 74 ? 8.574   14.069  -2.204  1.00 51.61 ? 439 ALA A O   1 
ATOM   617 C CB  . ALA A 1 74 ? 5.845   15.885  -2.396  1.00 39.07 ? 439 ALA A CB  1 
ATOM   618 N N   . GLY A 1 75 ? 8.096   14.734  -4.303  1.00 59.10 ? 440 GLY A N   1 
ATOM   619 C CA  . GLY A 1 75 ? 9.444   14.561  -4.793  1.00 67.32 ? 440 GLY A CA  1 
ATOM   620 C C   . GLY A 1 75 ? 9.788   13.146  -5.192  1.00 68.25 ? 440 GLY A C   1 
ATOM   621 O O   . GLY A 1 75 ? 10.746  12.942  -5.946  1.00 71.93 ? 440 GLY A O   1 
ATOM   622 N N   . GLU A 1 76 ? 9.042   12.162  -4.707  1.00 65.15 ? 441 GLU A N   1 
ATOM   623 C CA  . GLU A 1 76 ? 9.168   10.780  -5.135  1.00 64.26 ? 441 GLU A CA  1 
ATOM   624 C C   . GLU A 1 76 ? 8.052   10.438  -6.112  1.00 62.22 ? 441 GLU A C   1 
ATOM   625 O O   . GLU A 1 76 ? 7.113   11.209  -6.326  1.00 67.00 ? 441 GLU A O   1 
ATOM   626 C CB  . GLU A 1 76 ? 9.136   9.842   -3.929  1.00 65.16 ? 441 GLU A CB  1 
ATOM   627 C CG  . GLU A 1 76 ? 10.334  9.978   -3.016  1.00 66.79 ? 441 GLU A CG  1 
ATOM   628 C CD  . GLU A 1 76 ? 11.586  9.340   -3.594  1.00 70.19 ? 441 GLU A CD  1 
ATOM   629 O OE1 . GLU A 1 76 ? 11.516  8.772   -4.709  1.00 67.60 ? 441 GLU A OE1 1 
ATOM   630 O OE2 . GLU A 1 76 ? 12.641  9.402   -2.924  1.00 72.80 ? 441 GLU A OE2 1 
ATOM   631 N N   . ARG A 1 77 ? 8.158   9.255   -6.708  1.00 57.72 ? 442 ARG A N   1 
ATOM   632 C CA  . ARG A 1 77 ? 7.257   8.853   -7.778  1.00 59.04 ? 442 ARG A CA  1 
ATOM   633 C C   . ARG A 1 77 ? 6.266   7.779   -7.359  1.00 51.65 ? 442 ARG A C   1 
ATOM   634 O O   . ARG A 1 77 ? 5.061   7.904   -7.619  1.00 57.62 ? 442 ARG A O   1 
ATOM   635 C CB  . ARG A 1 77 ? 8.080   8.363   -8.970  1.00 67.33 ? 442 ARG A CB  1 
ATOM   636 C CG  . ARG A 1 77 ? 7.283   8.203   -10.227 1.00 74.18 ? 442 ARG A CG  1 
ATOM   637 C CD  . ARG A 1 77 ? 8.180   8.169   -11.440 1.00 82.69 ? 442 ARG A CD  1 
ATOM   638 N NE  . ARG A 1 77 ? 7.408   8.146   -12.671 1.00 89.62 ? 442 ARG A NE  1 
ATOM   639 C CZ  . ARG A 1 77 ? 7.628   7.300   -13.670 1.00 95.04 ? 442 ARG A CZ  1 
ATOM   640 N NH1 . ARG A 1 77 ? 8.618   6.424   -13.593 1.00 94.05 ? 442 ARG A NH1 1 
ATOM   641 N NH2 . ARG A 1 77 ? 6.870   7.339   -14.758 1.00 99.71 ? 442 ARG A NH2 1 
ATOM   642 N N   . TYR A 1 78 ? 6.748   6.719   -6.717  1.00 30.02 ? 443 TYR A N   1 
ATOM   643 C CA  . TYR A 1 78 ? 5.934   5.597   -6.270  1.00 26.49 ? 443 TYR A CA  1 
ATOM   644 C C   . TYR A 1 78 ? 6.167   5.332   -4.793  1.00 23.41 ? 443 TYR A C   1 
ATOM   645 O O   . TYR A 1 78 ? 6.171   4.179   -4.345  1.00 22.65 ? 443 TYR A O   1 
ATOM   646 C CB  . TYR A 1 78 ? 6.242   4.341   -7.079  1.00 30.25 ? 443 TYR A CB  1 
ATOM   647 C CG  . TYR A 1 78 ? 5.920   4.483   -8.552  1.00 35.53 ? 443 TYR A CG  1 
ATOM   648 C CD1 . TYR A 1 78 ? 4.602   4.463   -9.001  1.00 38.37 ? 443 TYR A CD1 1 
ATOM   649 C CD2 . TYR A 1 78 ? 6.930   4.644   -9.491  1.00 42.82 ? 443 TYR A CD2 1 
ATOM   650 C CE1 . TYR A 1 78 ? 4.306   4.594   -10.352 1.00 33.44 ? 443 TYR A CE1 1 
ATOM   651 C CE2 . TYR A 1 78 ? 6.637   4.777   -10.841 1.00 40.54 ? 443 TYR A CE2 1 
ATOM   652 C CZ  . TYR A 1 78 ? 5.325   4.753   -11.258 1.00 40.05 ? 443 TYR A CZ  1 
ATOM   653 O OH  . TYR A 1 78 ? 5.030   4.879   -12.595 1.00 48.14 ? 443 TYR A OH  1 
ATOM   654 N N   . VAL A 1 79 ? 6.375   6.398   -4.022  1.00 19.89 ? 444 VAL A N   1 
ATOM   655 C CA  . VAL A 1 79 ? 6.611   6.303   -2.585  1.00 18.44 ? 444 VAL A CA  1 
ATOM   656 C C   . VAL A 1 79 ? 5.409   6.880   -1.854  1.00 20.90 ? 444 VAL A C   1 
ATOM   657 O O   . VAL A 1 79 ? 4.978   8.008   -2.129  1.00 21.20 ? 444 VAL A O   1 
ATOM   658 C CB  . VAL A 1 79 ? 7.904   7.023   -2.175  1.00 23.50 ? 444 VAL A CB  1 
ATOM   659 C CG1 . VAL A 1 79 ? 8.065   7.013   -0.666  1.00 20.51 ? 444 VAL A CG1 1 
ATOM   660 C CG2 . VAL A 1 79 ? 9.112   6.369   -2.852  1.00 25.75 ? 444 VAL A CG2 1 
ATOM   661 N N   . TYR A 1 80 ? 4.880   6.114   -0.917  1.00 14.16 ? 445 TYR A N   1 
ATOM   662 C CA  . TYR A 1 80 ? 3.698   6.485   -0.155  1.00 17.38 ? 445 TYR A CA  1 
ATOM   663 C C   . TYR A 1 80 ? 4.021   6.339   1.323   1.00 20.54 ? 445 TYR A C   1 
ATOM   664 O O   . TYR A 1 80 ? 5.110   5.891   1.695   1.00 22.17 ? 445 TYR A O   1 
ATOM   665 C CB  . TYR A 1 80 ? 2.502   5.614   -0.545  1.00 19.84 ? 445 TYR A CB  1 
ATOM   666 C CG  . TYR A 1 80 ? 2.069   5.801   -1.977  1.00 24.32 ? 445 TYR A CG  1 
ATOM   667 C CD1 . TYR A 1 80 ? 2.700   5.109   -3.017  1.00 26.78 ? 445 TYR A CD1 1 
ATOM   668 C CD2 . TYR A 1 80 ? 1.028   6.668   -2.295  1.00 32.00 ? 445 TYR A CD2 1 
ATOM   669 C CE1 . TYR A 1 80 ? 2.293   5.287   -4.348  1.00 31.18 ? 445 TYR A CE1 1 
ATOM   670 C CE2 . TYR A 1 80 ? 0.623   6.850   -3.609  1.00 35.86 ? 445 TYR A CE2 1 
ATOM   671 C CZ  . TYR A 1 80 ? 1.259   6.160   -4.627  1.00 35.99 ? 445 TYR A CZ  1 
ATOM   672 O OH  . TYR A 1 80 ? 0.838   6.344   -5.926  1.00 43.74 ? 445 TYR A OH  1 
ATOM   673 N N   . LYS A 1 81 ? 3.075   6.716   2.179   1.00 21.45 ? 446 LYS A N   1 
ATOM   674 C CA  . LYS A 1 81 ? 3.267   6.486   3.605   1.00 19.76 ? 446 LYS A CA  1 
ATOM   675 C C   . LYS A 1 81 ? 1.915   6.352   4.284   1.00 20.87 ? 446 LYS A C   1 
ATOM   676 O O   . LYS A 1 81 ? 0.938   6.995   3.879   1.00 22.13 ? 446 LYS A O   1 
ATOM   677 C CB  . LYS A 1 81 ? 4.098   7.598   4.254   1.00 26.09 ? 446 LYS A CB  1 
ATOM   678 C CG  . LYS A 1 81 ? 3.432   8.952   4.329   1.00 24.94 ? 446 LYS A CG  1 
ATOM   679 C CD  . LYS A 1 81 ? 4.331   9.934   5.071   1.00 32.49 ? 446 LYS A CD  1 
ATOM   680 C CE  . LYS A 1 81 ? 3.828   11.363  4.971   1.00 42.85 ? 446 LYS A CE  1 
ATOM   681 N NZ  . LYS A 1 81 ? 4.781   12.320  5.597   1.00 42.69 ? 446 LYS A NZ  1 
ATOM   682 N N   . PHE A 1 82 ? 1.858   5.462   5.278   1.00 17.56 ? 447 PHE A N   1 
ATOM   683 C CA  . PHE A 1 82 ? 0.716   5.398   6.176   1.00 19.94 ? 447 PHE A CA  1 
ATOM   684 C C   . PHE A 1 82 ? 0.733   6.610   7.085   1.00 23.20 ? 447 PHE A C   1 
ATOM   685 O O   . PHE A 1 82 ? 1.797   7.053   7.536   1.00 26.74 ? 447 PHE A O   1 
ATOM   686 C CB  . PHE A 1 82 ? 0.759   4.129   7.026   1.00 20.85 ? 447 PHE A CB  1 
ATOM   687 C CG  . PHE A 1 82 ? 0.732   2.866   6.225   1.00 19.47 ? 447 PHE A CG  1 
ATOM   688 C CD1 . PHE A 1 82 ? 1.906   2.317   5.736   1.00 21.52 ? 447 PHE A CD1 1 
ATOM   689 C CD2 . PHE A 1 82 ? -0.466  2.228   5.954   1.00 25.45 ? 447 PHE A CD2 1 
ATOM   690 C CE1 . PHE A 1 82 ? 1.881   1.144   5.009   1.00 22.00 ? 447 PHE A CE1 1 
ATOM   691 C CE2 . PHE A 1 82 ? -0.492  1.056   5.217   1.00 33.35 ? 447 PHE A CE2 1 
ATOM   692 C CZ  . PHE A 1 82 ? 0.691   0.517   4.744   1.00 24.65 ? 447 PHE A CZ  1 
ATOM   693 N N   . VAL A 1 83 ? -0.450  7.155   7.344   1.00 25.96 ? 448 VAL A N   1 
ATOM   694 C CA  . VAL A 1 83 ? -0.586  8.266   8.274   1.00 26.04 ? 448 VAL A CA  1 
ATOM   695 C C   . VAL A 1 83 ? -0.840  7.708   9.667   1.00 26.06 ? 448 VAL A C   1 
ATOM   696 O O   . VAL A 1 83 ? -0.101  7.993   10.611  1.00 29.92 ? 448 VAL A O   1 
ATOM   697 C CB  . VAL A 1 83 ? -1.710  9.217   7.841   1.00 24.12 ? 448 VAL A CB  1 
ATOM   698 C CG1 . VAL A 1 83 ? -1.854  10.335  8.852   1.00 27.12 ? 448 VAL A CG1 1 
ATOM   699 C CG2 . VAL A 1 83 ? -1.425  9.762   6.453   1.00 22.71 ? 448 VAL A CG2 1 
ATOM   700 N N   A CYS A 1 84 ? -1.887  6.904   9.811   0.53 27.64 ? 449 CYS A N   1 
ATOM   701 N N   B CYS A 1 84 ? -1.905  6.924   9.800   0.47 27.84 ? 449 CYS A N   1 
ATOM   702 C CA  A CYS A 1 84 ? -2.183  6.261   11.081  0.53 30.48 ? 449 CYS A CA  1 
ATOM   703 C CA  B CYS A 1 84 ? -2.178  6.222   11.041  0.47 30.35 ? 449 CYS A CA  1 
ATOM   704 C C   A CYS A 1 84 ? -1.447  4.933   11.162  0.53 31.15 ? 449 CYS A C   1 
ATOM   705 C C   B CYS A 1 84 ? -1.331  4.964   11.102  0.47 31.19 ? 449 CYS A C   1 
ATOM   706 O O   A CYS A 1 84 ? -1.568  4.095   10.261  0.53 33.25 ? 449 CYS A O   1 
ATOM   707 O O   B CYS A 1 84 ? -1.250  4.212   10.126  0.47 33.22 ? 449 CYS A O   1 
ATOM   708 C CB  A CYS A 1 84 ? -3.685  6.045   11.243  0.53 31.04 ? 449 CYS A CB  1 
ATOM   709 C CB  B CYS A 1 84 ? -3.661  5.871   11.148  0.47 30.37 ? 449 CYS A CB  1 
ATOM   710 S SG  A CYS A 1 84 ? -4.469  5.379   9.776   0.53 34.92 ? 449 CYS A SG  1 
ATOM   711 S SG  B CYS A 1 84 ? -4.752  7.307   11.229  0.47 33.47 ? 449 CYS A SG  1 
ATOM   712 N N   . ASP A 1 85 ? -0.685  4.749   12.241  1.00 26.57 ? 450 ASP A N   1 
ATOM   713 C CA  . ASP A 1 85 ? 0.087   3.540   12.480  1.00 24.67 ? 450 ASP A CA  1 
ATOM   714 C C   . ASP A 1 85 ? -0.854  2.339   12.489  1.00 22.97 ? 450 ASP A C   1 
ATOM   715 O O   . ASP A 1 85 ? -1.676  2.203   13.404  1.00 23.72 ? 450 ASP A O   1 
ATOM   716 C CB  . ASP A 1 85 ? 0.842   3.654   13.801  1.00 27.14 ? 450 ASP A CB  1 
ATOM   717 C CG  . ASP A 1 85 ? 1.806   2.512   14.022  1.00 39.44 ? 450 ASP A CG  1 
ATOM   718 O OD1 . ASP A 1 85 ? 1.348   1.359   14.183  1.00 45.64 ? 450 ASP A OD1 1 
ATOM   719 O OD2 . ASP A 1 85 ? 3.025   2.773   14.053  1.00 47.16 ? 450 ASP A OD2 1 
ATOM   720 N N   . PRO A 1 86 ? -0.778  1.461   11.485  1.00 31.43 ? 451 PRO A N   1 
ATOM   721 C CA  . PRO A 1 86 ? -1.728  0.336   11.428  1.00 35.41 ? 451 PRO A CA  1 
ATOM   722 C C   . PRO A 1 86 ? -1.702  -0.546  12.659  1.00 33.55 ? 451 PRO A C   1 
ATOM   723 O O   . PRO A 1 86 ? -2.756  -1.059  13.058  1.00 34.99 ? 451 PRO A O   1 
ATOM   724 C CB  . PRO A 1 86 ? -1.294  -0.435  10.171  1.00 41.94 ? 451 PRO A CB  1 
ATOM   725 C CG  . PRO A 1 86 ? 0.104   0.020   9.890   1.00 40.72 ? 451 PRO A CG  1 
ATOM   726 C CD  . PRO A 1 86 ? 0.166   1.448   10.354  1.00 38.24 ? 451 PRO A CD  1 
ATOM   727 N N   . ASP A 1 87 ? -0.538  -0.738  13.283  1.00 27.26 ? 452 ASP A N   1 
ATOM   728 C CA  . ASP A 1 87 ? -0.499  -1.540  14.498  1.00 33.46 ? 452 ASP A CA  1 
ATOM   729 C C   . ASP A 1 87 ? -1.189  -0.821  15.646  1.00 34.62 ? 452 ASP A C   1 
ATOM   730 O O   . ASP A 1 87 ? -1.859  -1.454  16.472  1.00 37.39 ? 452 ASP A O   1 
ATOM   731 C CB  . ASP A 1 87 ? 0.945   -1.882  14.859  1.00 50.51 ? 452 ASP A CB  1 
ATOM   732 C CG  . ASP A 1 87 ? 1.557   -2.888  13.899  1.00 62.82 ? 452 ASP A CG  1 
ATOM   733 O OD1 . ASP A 1 87 ? 0.889   -3.909  13.615  1.00 65.51 ? 452 ASP A OD1 1 
ATOM   734 O OD2 . ASP A 1 87 ? 2.692   -2.652  13.422  1.00 63.76 ? 452 ASP A OD2 1 
ATOM   735 N N   . ALA A 1 88 ? -1.046  0.506   15.715  1.00 28.25 ? 453 ALA A N   1 
ATOM   736 C CA  . ALA A 1 88 ? -1.646  1.231   16.824  1.00 27.52 ? 453 ALA A CA  1 
ATOM   737 C C   . ALA A 1 88 ? -3.158  1.260   16.716  1.00 21.72 ? 453 ALA A C   1 
ATOM   738 O O   . ALA A 1 88 ? -3.833  1.409   17.734  1.00 23.03 ? 453 ALA A O   1 
ATOM   739 C CB  . ALA A 1 88 ? -1.090  2.652   16.895  1.00 25.44 ? 453 ALA A CB  1 
ATOM   740 N N   . LEU A 1 89 ? -3.702  1.070   15.515  1.00 21.65 ? 454 LEU A N   1 
ATOM   741 C CA  . LEU A 1 89 ? -5.151  1.047   15.378  1.00 20.51 ? 454 LEU A CA  1 
ATOM   742 C C   . LEU A 1 89 ? -5.776  -0.115  16.133  1.00 22.14 ? 454 LEU A C   1 
ATOM   743 O O   . LEU A 1 89 ? -6.962  -0.051  16.466  1.00 24.05 ? 454 LEU A O   1 
ATOM   744 C CB  . LEU A 1 89 ? -5.528  0.994   13.897  1.00 24.91 ? 454 LEU A CB  1 
ATOM   745 C CG  . LEU A 1 89 ? -5.318  2.308   13.134  1.00 19.62 ? 454 LEU A CG  1 
ATOM   746 C CD1 . LEU A 1 89 ? -5.251  2.106   11.612  1.00 24.80 ? 454 LEU A CD1 1 
ATOM   747 C CD2 . LEU A 1 89 ? -6.439  3.313   13.515  1.00 24.51 ? 454 LEU A CD2 1 
ATOM   748 N N   . PHE A 1 90 ? -5.014  -1.176  16.427  1.00 22.75 ? 455 PHE A N   1 
ATOM   749 C CA  . PHE A 1 90 ? -5.601  -2.329  17.105  1.00 23.71 ? 455 PHE A CA  1 
ATOM   750 C C   . PHE A 1 90 ? -4.760  -2.821  18.276  1.00 31.55 ? 455 PHE A C   1 
ATOM   751 O O   . PHE A 1 90 ? -4.905  -3.975  18.695  1.00 44.27 ? 455 PHE A O   1 
ATOM   752 C CB  . PHE A 1 90 ? -5.858  -3.441  16.089  1.00 26.00 ? 455 PHE A CB  1 
ATOM   753 C CG  . PHE A 1 90 ? -6.880  -3.053  15.075  1.00 28.10 ? 455 PHE A CG  1 
ATOM   754 C CD1 . PHE A 1 90 ? -6.508  -2.432  13.895  1.00 32.55 ? 455 PHE A CD1 1 
ATOM   755 C CD2 . PHE A 1 90 ? -8.229  -3.218  15.351  1.00 33.07 ? 455 PHE A CD2 1 
ATOM   756 C CE1 . PHE A 1 90 ? -7.466  -2.027  12.987  1.00 30.16 ? 455 PHE A CE1 1 
ATOM   757 C CE2 . PHE A 1 90 ? -9.187  -2.814  14.444  1.00 32.26 ? 455 PHE A CE2 1 
ATOM   758 C CZ  . PHE A 1 90 ? -8.801  -2.223  13.265  1.00 29.53 ? 455 PHE A CZ  1 
ATOM   759 N N   . SER A 1 91 ? -3.938  -1.949  18.860  1.00 30.87 ? 456 SER A N   1 
ATOM   760 C CA  . SER A 1 91 ? -3.040  -2.365  19.931  1.00 33.05 ? 456 SER A CA  1 
ATOM   761 C C   . SER A 1 91 ? -3.733  -2.566  21.277  1.00 33.76 ? 456 SER A C   1 
ATOM   762 O O   . SER A 1 91 ? -3.171  -3.251  22.144  1.00 34.12 ? 456 SER A O   1 
ATOM   763 C CB  . SER A 1 91 ? -1.911  -1.340  20.085  1.00 30.88 ? 456 SER A CB  1 
ATOM   764 O OG  . SER A 1 91 ? -2.424  -0.064  20.447  1.00 27.88 ? 456 SER A OG  1 
ATOM   765 N N   . MET A 1 92 ? -4.916  -1.983  21.494  1.00 29.46 ? 457 MET A N   1 
ATOM   766 C CA  . MET A 1 92 ? -5.538  -2.090  22.805  1.00 33.61 ? 457 MET A CA  1 
ATOM   767 C C   . MET A 1 92 ? -6.424  -3.326  22.911  1.00 39.33 ? 457 MET A C   1 
ATOM   768 O O   . MET A 1 92 ? -6.738  -3.983  21.922  1.00 43.17 ? 457 MET A O   1 
ATOM   769 C CB  . MET A 1 92 ? -6.363  -0.844  23.179  1.00 29.38 ? 457 MET A CB  1 
ATOM   770 C CG  . MET A 1 92 ? -5.753  0.488   22.799  1.00 33.59 ? 457 MET A CG  1 
ATOM   771 S SD  . MET A 1 92 ? -6.932  1.820   23.157  1.00 33.22 ? 457 MET A SD  1 
ATOM   772 C CE  . MET A 1 92 ? -5.836  3.230   23.342  1.00 43.79 ? 457 MET A CE  1 
ATOM   773 O OXT . MET A 1 92 ? -6.832  -3.702  24.007  1.00 41.74 ? 457 MET A OXT 1 
HETATM 774 O O   . HOH B 2 .  ? 8.952   6.320   -6.555  1.00 51.23 ? 501 HOH A O   1 
HETATM 775 O O   . HOH B 2 .  ? 3.218   8.558   8.772   1.00 30.13 ? 502 HOH A O   1 
HETATM 776 O O   . HOH B 2 .  ? -8.521  -14.113 -6.862  1.00 47.57 ? 503 HOH A O   1 
HETATM 777 O O   . HOH B 2 .  ? 8.986   -9.698  8.377   1.00 30.06 ? 504 HOH A O   1 
HETATM 778 O O   . HOH B 2 .  ? -10.027 0.503   3.409   1.00 21.35 ? 505 HOH A O   1 
HETATM 779 O O   . HOH B 2 .  ? 5.629   -15.600 1.725   1.00 48.53 ? 506 HOH A O   1 
HETATM 780 O O   . HOH B 2 .  ? 11.461  7.223   2.097   1.00 34.35 ? 507 HOH A O   1 
HETATM 781 O O   . HOH B 2 .  ? -15.887 5.965   2.015   1.00 29.34 ? 508 HOH A O   1 
HETATM 782 O O   . HOH B 2 .  ? 11.333  -6.084  -8.992  1.00 33.43 ? 509 HOH A O   1 
HETATM 783 O O   . HOH B 2 .  ? 2.016   8.707   11.850  1.00 48.87 ? 510 HOH A O   1 
HETATM 784 O O   . HOH B 2 .  ? 2.094   7.300   -9.418  1.00 53.16 ? 511 HOH A O   1 
HETATM 785 O O   . HOH B 2 .  ? -2.884  4.764   7.762   1.00 36.63 ? 512 HOH A O   1 
HETATM 786 O O   . HOH B 2 .  ? 1.423   -4.182  11.090  1.00 53.73 ? 513 HOH A O   1 
HETATM 787 O O   . HOH B 2 .  ? 3.073   -10.527 5.879   1.00 32.52 ? 514 HOH A O   1 
HETATM 788 O O   . HOH B 2 .  ? 13.790  -4.067  -1.909  1.00 31.81 ? 515 HOH A O   1 
HETATM 789 O O   . HOH B 2 .  ? 5.967   7.993   8.321   1.00 28.44 ? 516 HOH A O   1 
HETATM 790 O O   . HOH B 2 .  ? 4.099   12.919  -6.086  1.00 52.53 ? 517 HOH A O   1 
HETATM 791 O O   . HOH B 2 .  ? 13.349  13.231  -5.474  1.00 53.13 ? 518 HOH A O   1 
HETATM 792 O O   . HOH B 2 .  ? 6.544   -4.716  -13.145 0.50 32.73 ? 519 HOH A O   1 
HETATM 793 O O   . HOH B 2 .  ? 8.368   -6.618  1.114   1.00 24.87 ? 520 HOH A O   1 
HETATM 794 O O   . HOH B 2 .  ? -0.329  12.731  -0.285  1.00 45.75 ? 521 HOH A O   1 
HETATM 795 O O   . HOH B 2 .  ? 0.308   16.550  3.623   1.00 57.09 ? 522 HOH A O   1 
HETATM 796 O O   . HOH B 2 .  ? 6.888   12.255  3.945   1.00 57.87 ? 523 HOH A O   1 
HETATM 797 O O   . HOH B 2 .  ? 3.345   -11.369 -11.952 0.50 44.84 ? 524 HOH A O   1 
HETATM 798 O O   . HOH B 2 .  ? 5.588   9.494   -4.506  1.00 35.97 ? 525 HOH A O   1 
HETATM 799 O O   . HOH B 2 .  ? 6.055   -12.877 -3.281  1.00 40.54 ? 526 HOH A O   1 
HETATM 800 O O   . HOH B 2 .  ? -2.351  9.362   -7.836  1.00 45.98 ? 527 HOH A O   1 
HETATM 801 O O   . HOH B 2 .  ? 9.762   3.002   6.133   1.00 25.57 ? 528 HOH A O   1 
HETATM 802 O O   . HOH B 2 .  ? -12.669 -13.435 -9.027  1.00 57.80 ? 529 HOH A O   1 
HETATM 803 O O   . HOH B 2 .  ? 8.539   -4.835  9.129   1.00 44.86 ? 530 HOH A O   1 
HETATM 804 O O   . HOH B 2 .  ? -11.395 1.889   -14.509 1.00 49.97 ? 531 HOH A O   1 
HETATM 805 O O   . HOH B 2 .  ? -1.576  0.951   -14.840 1.00 30.96 ? 532 HOH A O   1 
HETATM 806 O O   . HOH B 2 .  ? 13.736  -5.244  -7.223  1.00 77.69 ? 533 HOH A O   1 
HETATM 807 O O   . HOH B 2 .  ? -2.441  -0.363  23.165  1.00 32.46 ? 534 HOH A O   1 
HETATM 808 O O   . HOH B 2 .  ? -5.765  -4.865  10.582  1.00 54.73 ? 535 HOH A O   1 
HETATM 809 O O   . HOH B 2 .  ? -0.889  -4.467  -12.915 1.00 37.66 ? 536 HOH A O   1 
HETATM 810 O O   . HOH B 2 .  ? 5.571   -12.351 -8.484  1.00 44.30 ? 537 HOH A O   1 
HETATM 811 O O   . HOH B 2 .  ? -12.790 -8.961  0.600   1.00 49.62 ? 538 HOH A O   1 
HETATM 812 O O   . HOH B 2 .  ? 9.289   2.194   -8.457  1.00 42.35 ? 539 HOH A O   1 
HETATM 813 O O   . HOH B 2 .  ? 4.225   8.247   -10.256 1.00 50.32 ? 540 HOH A O   1 
HETATM 814 O O   . HOH B 2 .  ? -0.502  -4.060  22.095  1.00 45.17 ? 541 HOH A O   1 
HETATM 815 O O   . HOH B 2 .  ? 3.070   -0.094  12.307  1.00 46.71 ? 542 HOH A O   1 
HETATM 816 O O   . HOH B 2 .  ? 4.371   -13.459 -1.091  1.00 54.03 ? 543 HOH A O   1 
HETATM 817 O O   . HOH B 2 .  ? -1.652  -4.141  17.363  1.00 47.36 ? 544 HOH A O   1 
HETATM 818 O O   . HOH B 2 .  ? -3.856  12.123  3.586   1.00 36.93 ? 545 HOH A O   1 
HETATM 819 O O   . HOH B 2 .  ? -6.646  6.762   -12.518 1.00 66.39 ? 546 HOH A O   1 
HETATM 820 O O   . HOH B 2 .  ? 15.501  5.534   4.816   1.00 51.22 ? 547 HOH A O   1 
HETATM 821 O O   . HOH B 2 .  ? -10.269 8.020   -5.989  1.00 39.03 ? 548 HOH A O   1 
HETATM 822 O O   . HOH B 2 .  ? -9.353  -1.367  -5.130  1.00 37.98 ? 549 HOH A O   1 
HETATM 823 O O   . HOH B 2 .  ? 5.584   -2.368  -12.233 1.00 25.33 ? 550 HOH A O   1 
HETATM 824 O O   . HOH B 2 .  ? -11.479 -1.626  -3.637  1.00 48.73 ? 551 HOH A O   1 
HETATM 825 O O   . HOH B 2 .  ? -2.129  -11.759 -4.293  1.00 25.19 ? 552 HOH A O   1 
HETATM 826 O O   . HOH B 2 .  ? 3.035   -11.785 1.520   1.00 41.20 ? 553 HOH A O   1 
HETATM 827 O O   . HOH B 2 .  ? 0.263   -11.377 -2.905  1.00 32.21 ? 554 HOH A O   1 
HETATM 828 O O   . HOH B 2 .  ? -3.525  -3.711  12.168  1.00 38.18 ? 555 HOH A O   1 
HETATM 829 O O   . HOH B 2 .  ? 9.669   -4.132  3.413   1.00 29.33 ? 556 HOH A O   1 
HETATM 830 O O   . HOH B 2 .  ? -16.093 9.749   -0.016  1.00 53.91 ? 557 HOH A O   1 
HETATM 831 O O   . HOH B 2 .  ? 3.100   1.500   16.671  1.00 35.65 ? 558 HOH A O   1 
HETATM 832 O O   . HOH B 2 .  ? 12.353  7.421   10.423  1.00 42.08 ? 559 HOH A O   1 
HETATM 833 O O   . HOH B 2 .  ? -5.015  -8.698  -10.836 1.00 48.97 ? 560 HOH A O   1 
HETATM 834 O O   . HOH B 2 .  ? 9.619   -7.580  5.188   1.00 35.41 ? 561 HOH A O   1 
HETATM 835 O O   . HOH B 2 .  ? 12.267  -10.577 -2.321  1.00 33.85 ? 562 HOH A O   1 
HETATM 836 O O   . HOH B 2 .  ? 7.700   9.804   7.153   1.00 34.83 ? 563 HOH A O   1 
HETATM 837 O O   . HOH B 2 .  ? -2.258  -6.053  7.869   1.00 33.95 ? 564 HOH A O   1 
HETATM 838 O O   . HOH B 2 .  ? 3.979   5.607   14.078  1.00 37.99 ? 565 HOH A O   1 
HETATM 839 O O   . HOH B 2 .  ? -0.574  -3.507  -16.083 1.00 43.52 ? 566 HOH A O   1 
HETATM 840 O O   . HOH B 2 .  ? -4.864  -6.160  20.834  1.00 59.17 ? 567 HOH A O   1 
HETATM 841 O O   . HOH B 2 .  ? 15.168  2.880   0.883   1.00 45.88 ? 568 HOH A O   1 
HETATM 842 O O   . HOH B 2 .  ? 11.788  11.743  -0.775  1.00 59.10 ? 569 HOH A O   1 
HETATM 843 O O   . HOH B 2 .  ? -1.831  7.915   -5.884  1.00 40.06 ? 570 HOH A O   1 
HETATM 844 O O   . HOH B 2 .  ? -1.978  8.389   -1.122  1.00 32.13 ? 571 HOH A O   1 
HETATM 845 O O   . HOH B 2 .  ? 2.084   5.755   -13.231 1.00 50.57 ? 572 HOH A O   1 
HETATM 846 O O   . HOH B 2 .  ? -3.875  12.484  6.886   1.00 41.38 ? 573 HOH A O   1 
HETATM 847 O O   . HOH B 2 .  ? -13.907 12.613  3.165   1.00 59.25 ? 574 HOH A O   1 
HETATM 848 O O   . HOH B 2 .  ? -12.448 4.064   -15.851 1.00 53.81 ? 575 HOH A O   1 
HETATM 849 O O   . HOH B 2 .  ? 4.943   -3.015  10.299  1.00 35.82 ? 576 HOH A O   1 
HETATM 850 O O   . HOH B 2 .  ? -8.711  -8.640  6.628   1.00 51.44 ? 577 HOH A O   1 
HETATM 851 O O   . HOH B 2 .  ? 7.394   -3.222  10.391  1.00 46.54 ? 578 HOH A O   1 
HETATM 852 O O   . HOH B 2 .  ? 12.483  7.105   -0.468  1.00 47.37 ? 579 HOH A O   1 
HETATM 853 O O   . HOH B 2 .  ? -13.203 12.642  0.887   1.00 56.83 ? 580 HOH A O   1 
HETATM 854 O O   . HOH B 2 .  ? 14.084  7.899   2.739   1.00 39.88 ? 581 HOH A O   1 
HETATM 855 O O   . HOH B 2 .  ? -10.057 8.794   -10.032 1.00 54.51 ? 582 HOH A O   1 
HETATM 856 O O   . HOH B 2 .  ? -2.358  9.282   -3.342  1.00 29.09 ? 583 HOH A O   1 
HETATM 857 O O   . HOH B 2 .  ? -9.495  7.965   -12.194 1.00 54.00 ? 584 HOH A O   1 
HETATM 858 O O   . HOH B 2 .  ? 10.426  -6.578  2.896   1.00 32.20 ? 585 HOH A O   1 
HETATM 859 O O   . HOH B 2 .  ? 13.264  5.474   -2.770  1.00 69.49 ? 586 HOH A O   1 
HETATM 860 O O   . HOH B 2 .  ? -16.747 7.533   0.098   1.00 46.36 ? 587 HOH A O   1 
HETATM 861 O O   . HOH B 2 .  ? 9.707   10.203  9.461   1.00 61.71 ? 588 HOH A O   1 
HETATM 862 O O   . HOH B 2 .  ? -5.796  -8.319  7.357   1.00 64.80 ? 589 HOH A O   1 
HETATM 863 O O   . HOH B 2 .  ? -0.518  3.311   -15.320 1.00 58.20 ? 590 HOH A O   1 
HETATM 864 O O   . HOH B 2 .  ? -11.554 8.763   -4.066  1.00 48.17 ? 591 HOH A O   1 
HETATM 865 O O   . HOH B 2 .  ? -4.180  -7.671  19.473  1.00 61.51 ? 592 HOH A O   1 
HETATM 866 O O   . HOH B 2 .  ? 6.696   7.917   11.264  1.00 51.42 ? 593 HOH A O   1 
HETATM 867 O O   . HOH B 2 .  ? -1.830  1.183   -17.474 1.00 55.48 ? 594 HOH A O   1 
HETATM 868 O O   . HOH B 2 .  ? 6.350   5.448   12.096  1.00 40.89 ? 595 HOH A O   1 
HETATM 869 O O   . HOH B 2 .  ? 9.485   8.946   11.779  1.00 53.03 ? 596 HOH A O   1 
HETATM 870 O O   . HOH B 2 .  ? 10.454  6.031   12.650  1.00 50.58 ? 597 HOH A O   1 
HETATM 871 O O   . HOH B 2 .  ? -3.867  2.776   -17.879 1.00 53.68 ? 598 HOH A O   1 
HETATM 872 O O   . HOH B 2 .  ? -4.217  -7.125  8.852   1.00 43.15 ? 599 HOH A O   1 
HETATM 873 O O   . HOH B 2 .  ? -1.619  -4.154  10.331  1.00 46.13 ? 600 HOH A O   1 
HETATM 874 O O   . HOH B 2 .  ? -0.848  -13.577 -5.333  1.00 48.14 ? 601 HOH A O   1 
HETATM 875 O O   . HOH B 2 .  ? 13.116  -7.713  3.027   1.00 28.16 ? 602 HOH A O   1 
HETATM 876 O O   . HOH B 2 .  ? 12.807  -3.680  -10.265 1.00 42.06 ? 603 HOH A O   1 
HETATM 877 O O   . HOH B 2 .  ? 3.327   8.224   13.602  1.00 41.23 ? 604 HOH A O   1 
HETATM 878 O O   . HOH B 2 .  ? 15.558  -5.299  -0.303  1.00 44.19 ? 605 HOH A O   1 
HETATM 879 O O   . HOH B 2 .  ? 6.001   -0.399  -13.851 1.00 36.26 ? 606 HOH A O   1 
HETATM 880 O O   . HOH B 2 .  ? 15.299  7.025   0.157   1.00 52.76 ? 607 HOH A O   1 
HETATM 881 O O   . HOH B 2 .  ? 13.577  3.275   -1.268  1.00 44.26 ? 608 HOH A O   1 
HETATM 882 O O   . HOH B 2 .  ? 13.906  -5.034  1.991   1.00 58.20 ? 609 HOH A O   1 
HETATM 883 O O   . HOH B 2 .  ? 15.083  -2.989  -8.736  1.00 50.30 ? 610 HOH A O   1 
# 
loop_
_atom_site_anisotrop.id 
_atom_site_anisotrop.type_symbol 
_atom_site_anisotrop.pdbx_label_atom_id 
_atom_site_anisotrop.pdbx_label_alt_id 
_atom_site_anisotrop.pdbx_label_comp_id 
_atom_site_anisotrop.pdbx_label_asym_id 
_atom_site_anisotrop.pdbx_label_seq_id 
_atom_site_anisotrop.pdbx_PDB_ins_code 
_atom_site_anisotrop.U[1][1] 
_atom_site_anisotrop.U[2][2] 
_atom_site_anisotrop.U[3][3] 
_atom_site_anisotrop.U[1][2] 
_atom_site_anisotrop.U[1][3] 
_atom_site_anisotrop.U[2][3] 
_atom_site_anisotrop.pdbx_auth_seq_id 
_atom_site_anisotrop.pdbx_auth_comp_id 
_atom_site_anisotrop.pdbx_auth_asym_id 
_atom_site_anisotrop.pdbx_auth_atom_id 
1   N N   . GLY A 1  ? 0.6087 0.7279 0.7685 -0.0952 0.0829  0.0763  366 GLY A N   
2   C CA  . GLY A 1  ? 0.6538 0.7385 0.8014 -0.0973 0.0766  0.0789  366 GLY A CA  
3   C C   . GLY A 1  ? 0.7100 0.7859 0.8666 -0.0981 0.0631  0.0672  366 GLY A C   
4   O O   . GLY A 1  ? 0.7867 0.8360 0.9392 -0.1022 0.0577  0.0664  366 GLY A O   
5   N N   . SER A 2  ? 0.6180 0.7159 0.7858 -0.0927 0.0576  0.0582  367 SER A N   
6   C CA  . SER A 2  ? 0.4859 0.5756 0.6548 -0.0902 0.0436  0.0447  367 SER A CA  
7   C C   . SER A 2  ? 0.4230 0.4941 0.5647 -0.0769 0.0380  0.0426  367 SER A C   
8   O O   . SER A 2  ? 0.4083 0.4849 0.5347 -0.0666 0.0413  0.0448  367 SER A O   
9   C CB  . SER A 2  ? 0.4602 0.5788 0.6452 -0.0872 0.0382  0.0339  367 SER A CB  
10  O OG  . SER A 2  ? 0.5096 0.6209 0.6935 -0.0841 0.0247  0.0217  367 SER A OG  
11  N N   . LEU A 3  ? 0.4182 0.4679 0.5540 -0.0773 0.0295  0.0371  368 LEU A N   
12  C CA  . LEU A 3  ? 0.3898 0.4234 0.5027 -0.0667 0.0256  0.0362  368 LEU A CA  
13  C C   . LEU A 3  ? 0.3287 0.3722 0.4335 -0.0568 0.0200  0.0280  368 LEU A C   
14  O O   . LEU A 3  ? 0.3069 0.3574 0.4193 -0.0565 0.0129  0.0192  368 LEU A O   
15  C CB  . LEU A 3  ? 0.4008 0.4117 0.5106 -0.0686 0.0191  0.0322  368 LEU A CB  
16  C CG  . LEU A 3  ? 0.4102 0.4099 0.4990 -0.0579 0.0167  0.0320  368 LEU A CG  
17  C CD1 . LEU A 3  ? 0.4486 0.4448 0.5260 -0.0544 0.0239  0.0432  368 LEU A CD1 
18  C CD2 . LEU A 3  ? 0.4217 0.4029 0.5072 -0.0570 0.0104  0.0264  368 LEU A CD2 
19  N N   . GLN A 4  ? 0.2701 0.3125 0.3585 -0.0485 0.0226  0.0309  369 GLN A N   
20  C CA  . GLN A 4  ? 0.2004 0.2465 0.2788 -0.0397 0.0185  0.0247  369 GLN A CA  
21  C C   . GLN A 4  ? 0.2321 0.2622 0.2969 -0.0364 0.0132  0.0219  369 GLN A C   
22  O O   . GLN A 4  ? 0.2046 0.2238 0.2636 -0.0374 0.0143  0.0256  369 GLN A O   
23  C CB  . GLN A 4  ? 0.1642 0.2177 0.2332 -0.0336 0.0242  0.0279  369 GLN A CB  
24  C CG  . GLN A 4  ? 0.2003 0.2731 0.2817 -0.0355 0.0318  0.0318  369 GLN A CG  
25  C CD  . GLN A 4  ? 0.2831 0.3723 0.3828 -0.0370 0.0288  0.0261  369 GLN A CD  
26  O OE1 . GLN A 4  ? 0.3372 0.4364 0.4562 -0.0464 0.0310  0.0279  369 GLN A OE1 
27  N NE2 . GLN A 4  ? 0.1739 0.2657 0.2685 -0.0280 0.0233  0.0191  369 GLN A NE2 
28  N N   . LEU A 5  ? 0.2084 0.2381 0.2675 -0.0315 0.0081  0.0160  370 LEU A N   
29  C CA  . LEU A 5  ? 0.1770 0.1947 0.2243 -0.0291 0.0048  0.0139  370 LEU A CA  
30  C C   . LEU A 5  ? 0.2522 0.2652 0.2888 -0.0276 0.0080  0.0175  370 LEU A C   
31  O O   . LEU A 5  ? 0.2161 0.2226 0.2484 -0.0279 0.0072  0.0181  370 LEU A O   
32  C CB  . LEU A 5  ? 0.2621 0.2791 0.3029 -0.0242 0.0004  0.0093  370 LEU A CB  
33  C CG  . LEU A 5  ? 0.2567 0.2632 0.2847 -0.0226 -0.0010 0.0086  370 LEU A CG  
34  C CD1 . LEU A 5  ? 0.2626 0.2651 0.2923 -0.0247 -0.0026 0.0070  370 LEU A CD1 
35  C CD2 . LEU A 5  ? 0.2597 0.2636 0.2794 -0.0174 -0.0042 0.0066  370 LEU A CD2 
36  N N   . TRP A 6  ? 0.2214 0.2392 0.2538 -0.0249 0.0110  0.0185  371 TRP A N   
37  C CA  . TRP A 6  ? 0.2335 0.2485 0.2559 -0.0235 0.0122  0.0199  371 TRP A CA  
38  C C   . TRP A 6  ? 0.2491 0.2641 0.2723 -0.0249 0.0145  0.0256  371 TRP A C   
39  O O   . TRP A 6  ? 0.2772 0.2898 0.2944 -0.0236 0.0130  0.0260  371 TRP A O   
40  C CB  . TRP A 6  ? 0.2160 0.2353 0.2323 -0.0195 0.0143  0.0182  371 TRP A CB  
41  C CG  . TRP A 6  ? 0.1816 0.2120 0.2026 -0.0181 0.0195  0.0217  371 TRP A CG  
42  C CD1 . TRP A 6  ? 0.1852 0.2252 0.2153 -0.0166 0.0213  0.0207  371 TRP A CD1 
43  C CD2 . TRP A 6  ? 0.2842 0.3198 0.3008 -0.0173 0.0243  0.0274  371 TRP A CD2 
44  N NE1 . TRP A 6  ? 0.2425 0.2949 0.2759 -0.0163 0.0282  0.0256  371 TRP A NE1 
45  C CE2 . TRP A 6  ? 0.2997 0.3481 0.3233 -0.0166 0.0304  0.0303  371 TRP A CE2 
46  C CE3 . TRP A 6  ? 0.3360 0.3687 0.3432 -0.0164 0.0239  0.0305  371 TRP A CE3 
47  C CZ2 . TRP A 6  ? 0.3396 0.3959 0.3591 -0.0156 0.0376  0.0378  371 TRP A CZ2 
48  C CZ3 . TRP A 6  ? 0.3583 0.3977 0.3599 -0.0140 0.0295  0.0375  371 TRP A CZ3 
49  C CH2 . TRP A 6  ? 0.3654 0.4155 0.3723 -0.0139 0.0368  0.0416  371 TRP A CH2 
50  N N   . GLN A 7  ? 0.1987 0.2166 0.2300 -0.0274 0.0181  0.0305  372 GLN A N   
51  C CA  . GLN A 7  ? 0.2252 0.2382 0.2554 -0.0283 0.0208  0.0379  372 GLN A CA  
52  C C   . GLN A 7  ? 0.3073 0.3090 0.3392 -0.0290 0.0167  0.0366  372 GLN A C   
53  O O   . GLN A 7  ? 0.2955 0.2921 0.3210 -0.0252 0.0161  0.0398  372 GLN A O   
54  C CB  . GLN A 7  ? 0.2812 0.2981 0.3210 -0.0331 0.0269  0.0445  372 GLN A CB  
55  C CG  . GLN A 7  ? 0.2925 0.3236 0.3301 -0.0309 0.0327  0.0467  372 GLN A CG  
56  C CD  . GLN A 7  ? 0.3680 0.4067 0.4189 -0.0375 0.0400  0.0535  372 GLN A CD  
57  O OE1 . GLN A 7  ? 0.3652 0.4037 0.4322 -0.0447 0.0385  0.0512  372 GLN A OE1 
58  N NE2 . GLN A 7  ? 0.4050 0.4519 0.4496 -0.0356 0.0484  0.0617  372 GLN A NE2 
59  N N   . PHE A 8  ? 0.2581 0.2568 0.2981 -0.0321 0.0135  0.0310  373 PHE A N   
60  C CA  . PHE A 8  ? 0.2529 0.2414 0.2930 -0.0313 0.0096  0.0275  373 PHE A CA  
61  C C   . PHE A 8  ? 0.2760 0.2662 0.3068 -0.0258 0.0076  0.0250  373 PHE A C   
62  O O   . PHE A 8  ? 0.2811 0.2661 0.3097 -0.0219 0.0064  0.0254  373 PHE A O   
63  C CB  . PHE A 8  ? 0.3003 0.2886 0.3476 -0.0342 0.0055  0.0202  373 PHE A CB  
64  C CG  . PHE A 8  ? 0.2413 0.2204 0.2866 -0.0318 0.0013  0.0145  373 PHE A CG  
65  C CD1 . PHE A 8  ? 0.3782 0.3435 0.4268 -0.0329 0.0007  0.0153  373 PHE A CD1 
66  C CD2 . PHE A 8  ? 0.2908 0.2735 0.3293 -0.0280 -0.0016 0.0086  373 PHE A CD2 
67  C CE1 . PHE A 8  ? 0.4562 0.4123 0.5015 -0.0288 -0.0034 0.0082  373 PHE A CE1 
68  C CE2 . PHE A 8  ? 0.3165 0.2927 0.3511 -0.0243 -0.0047 0.0027  373 PHE A CE2 
69  C CZ  . PHE A 8  ? 0.3910 0.3544 0.4292 -0.0241 -0.0060 0.0016  373 PHE A CZ  
70  N N   . LEU A 9  ? 0.2325 0.2301 0.2592 -0.0254 0.0071  0.0220  374 LEU A N   
71  C CA  . LEU A 9  ? 0.2223 0.2236 0.2434 -0.0231 0.0061  0.0196  374 LEU A CA  
72  C C   . LEU A 9  ? 0.2751 0.2808 0.2929 -0.0200 0.0065  0.0231  374 LEU A C   
73  O O   . LEU A 9  ? 0.2162 0.2257 0.2336 -0.0168 0.0051  0.0219  374 LEU A O   
74  C CB  . LEU A 9  ? 0.2167 0.2208 0.2340 -0.0249 0.0061  0.0168  374 LEU A CB  
75  C CG  . LEU A 9  ? 0.2318 0.2322 0.2486 -0.0255 0.0047  0.0137  374 LEU A CG  
76  C CD1 . LEU A 9  ? 0.2863 0.2848 0.2973 -0.0261 0.0052  0.0128  374 LEU A CD1 
77  C CD2 . LEU A 9  ? 0.2052 0.2046 0.2201 -0.0241 0.0039  0.0114  374 LEU A CD2 
78  N N   . VAL A 10 ? 0.2142 0.2220 0.2293 -0.0197 0.0084  0.0272  375 VAL A N   
79  C CA  . VAL A 10 ? 0.2823 0.2951 0.2916 -0.0150 0.0079  0.0308  375 VAL A CA  
80  C C   . VAL A 10 ? 0.2666 0.2722 0.2767 -0.0102 0.0074  0.0355  375 VAL A C   
81  O O   . VAL A 10 ? 0.2731 0.2843 0.2806 -0.0042 0.0046  0.0353  375 VAL A O   
82  C CB  . VAL A 10 ? 0.2749 0.2909 0.2781 -0.0141 0.0110  0.0351  375 VAL A CB  
83  C CG1 . VAL A 10 ? 0.3754 0.3960 0.3697 -0.0073 0.0100  0.0401  375 VAL A CG1 
84  C CG2 . VAL A 10 ? 0.3547 0.3761 0.3552 -0.0161 0.0105  0.0287  375 VAL A CG2 
85  N N   . THR A 11 ? 0.2424 0.2356 0.2568 -0.0128 0.0095  0.0389  376 THR A N   
86  C CA  . THR A 11 ? 0.3010 0.2813 0.3153 -0.0082 0.0090  0.0430  376 THR A CA  
87  C C   . THR A 11 ? 0.2797 0.2609 0.2955 -0.0033 0.0051  0.0360  376 THR A C   
88  O O   . THR A 11 ? 0.2824 0.2615 0.2950 0.0054  0.0033  0.0380  376 THR A O   
89  C CB  . THR A 11 ? 0.3345 0.3001 0.3557 -0.0148 0.0117  0.0459  376 THR A CB  
90  O OG1 . THR A 11 ? 0.3506 0.3189 0.3709 -0.0189 0.0170  0.0537  376 THR A OG1 
91  C CG2 . THR A 11 ? 0.4140 0.3599 0.4344 -0.0108 0.0108  0.0493  376 THR A CG2 
92  N N   . LEU A 12 ? 0.2280 0.2134 0.2480 -0.0074 0.0042  0.0283  377 LEU A N   
93  C CA  . LEU A 12 ? 0.2602 0.2508 0.2806 -0.0025 0.0023  0.0220  377 LEU A CA  
94  C C   . LEU A 12 ? 0.2381 0.2460 0.2575 0.0020  0.0015  0.0220  377 LEU A C   
95  O O   . LEU A 12 ? 0.2302 0.2432 0.2505 0.0101  0.0000  0.0202  377 LEU A O   
96  C CB  . LEU A 12 ? 0.2386 0.2325 0.2604 -0.0075 0.0025  0.0157  377 LEU A CB  
97  C CG  . LEU A 12 ? 0.2274 0.2088 0.2512 -0.0104 0.0010  0.0122  377 LEU A CG  
98  C CD1 . LEU A 12 ? 0.2222 0.2094 0.2435 -0.0120 0.0006  0.0065  377 LEU A CD1 
99  C CD2 . LEU A 12 ? 0.2678 0.2351 0.2921 -0.0049 -0.0009 0.0101  377 LEU A CD2 
100 N N   . LEU A 13 ? 0.2540 0.2720 0.2723 -0.0028 0.0017  0.0226  378 LEU A N   
101 C CA  . LEU A 13 ? 0.2196 0.2561 0.2394 -0.0014 -0.0001 0.0201  378 LEU A CA  
102 C C   . LEU A 13 ? 0.2776 0.3201 0.2944 0.0080  -0.0032 0.0239  378 LEU A C   
103 O O   . LEU A 13 ? 0.2505 0.3114 0.2714 0.0119  -0.0061 0.0206  378 LEU A O   
104 C CB  . LEU A 13 ? 0.2610 0.3025 0.2793 -0.0095 0.0002  0.0180  378 LEU A CB  
105 C CG  . LEU A 13 ? 0.2277 0.2657 0.2477 -0.0174 0.0026  0.0144  378 LEU A CG  
106 C CD1 . LEU A 13 ? 0.2294 0.2632 0.2453 -0.0228 0.0028  0.0136  378 LEU A CD1 
107 C CD2 . LEU A 13 ? 0.2777 0.3297 0.3037 -0.0198 0.0032  0.0104  378 LEU A CD2 
108 N N   . ASP A 14 ? 0.2410 0.2696 0.2510 0.0118  -0.0026 0.0314  379 ASP A N   
109 C CA  . ASP A 14 ? 0.2828 0.3142 0.2860 0.0225  -0.0054 0.0372  379 ASP A CA  
110 C C   . ASP A 14 ? 0.3441 0.3633 0.3468 0.0331  -0.0063 0.0404  379 ASP A C   
111 O O   . ASP A 14 ? 0.3598 0.3772 0.3550 0.0443  -0.0088 0.0468  379 ASP A O   
112 C CB  . ASP A 14 ? 0.2803 0.3037 0.2733 0.0215  -0.0031 0.0454  379 ASP A CB  
113 C CG  . ASP A 14 ? 0.3673 0.4052 0.3578 0.0156  -0.0038 0.0407  379 ASP A CG  
114 O OD1 . ASP A 14 ? 0.4867 0.5186 0.4719 0.0115  0.0001  0.0442  379 ASP A OD1 
115 O OD2 . ASP A 14 ? 0.4369 0.4922 0.4319 0.0148  -0.0082 0.0326  379 ASP A OD2 
116 N N   . ASP A 15 ? 0.2766 0.2872 0.2854 0.0313  -0.0049 0.0354  380 ASP A N   
117 C CA  . ASP A 15 ? 0.3318 0.3297 0.3399 0.0424  -0.0062 0.0354  380 ASP A CA  
118 C C   . ASP A 15 ? 0.3036 0.3219 0.3194 0.0474  -0.0075 0.0260  380 ASP A C   
119 O O   . ASP A 15 ? 0.3081 0.3303 0.3287 0.0397  -0.0050 0.0195  380 ASP A O   
120 C CB  . ASP A 15 ? 0.4134 0.3838 0.4215 0.0368  -0.0037 0.0356  380 ASP A CB  
121 C CG  . ASP A 15 ? 0.5727 0.5221 0.5778 0.0485  -0.0055 0.0356  380 ASP A CG  
122 O OD1 . ASP A 15 ? 0.5538 0.5127 0.5575 0.0627  -0.0084 0.0343  380 ASP A OD1 
123 O OD2 . ASP A 15 ? 0.6702 0.5938 0.6752 0.0437  -0.0045 0.0360  380 ASP A OD2 
124 N N   . PRO A 16 ? 0.2833 0.3164 0.3003 0.0610  -0.0109 0.0256  381 PRO A N   
125 C CA  . PRO A 16 ? 0.2124 0.2709 0.2392 0.0654  -0.0108 0.0167  381 PRO A CA  
126 C C   . PRO A 16 ? 0.2728 0.3187 0.2996 0.0701  -0.0083 0.0109  381 PRO A C   
127 O O   . PRO A 16 ? 0.2669 0.3344 0.3012 0.0717  -0.0059 0.0036  381 PRO A O   
128 C CB  . PRO A 16 ? 0.2677 0.3453 0.2961 0.0810  -0.0160 0.0182  381 PRO A CB  
129 C CG  . PRO A 16 ? 0.2861 0.3424 0.3014 0.0866  -0.0190 0.0288  381 PRO A CG  
130 C CD  . PRO A 16 ? 0.2927 0.3177 0.3010 0.0748  -0.0146 0.0337  381 PRO A CD  
131 N N   . ALA A 17 ? 0.2466 0.2591 0.2655 0.0719  -0.0085 0.0132  382 ALA A N   
132 C CA  . ALA A 17 ? 0.2847 0.2837 0.3024 0.0749  -0.0073 0.0052  382 ALA A CA  
133 C C   . ALA A 17 ? 0.3371 0.3452 0.3574 0.0616  -0.0037 -0.0004 382 ALA A C   
134 O O   . ALA A 17 ? 0.3363 0.3435 0.3549 0.0655  -0.0024 -0.0087 382 ALA A O   
135 C CB  . ALA A 17 ? 0.3025 0.2618 0.3129 0.0757  -0.0090 0.0080  382 ALA A CB  
136 N N   . ASN A 18 ? 0.2905 0.3064 0.3131 0.0477  -0.0022 0.0036  383 ASN A N   
137 C CA  . ASN A 18 ? 0.2949 0.3168 0.3181 0.0362  0.0008  0.0001  383 ASN A CA  
138 C C   . ASN A 18 ? 0.2364 0.2874 0.2656 0.0321  0.0043  -0.0011 383 ASN A C   
139 O O   . ASN A 18 ? 0.2201 0.2747 0.2483 0.0229  0.0075  -0.0023 383 ASN A O   
140 C CB  . ASN A 18 ? 0.3008 0.3093 0.3224 0.0239  0.0005  0.0048  383 ASN A CB  
141 C CG  . ASN A 18 ? 0.3111 0.2930 0.3300 0.0245  -0.0018 0.0072  383 ASN A CG  
142 O OD1 . ASN A 18 ? 0.3597 0.3268 0.3767 0.0288  -0.0034 0.0016  383 ASN A OD1 
143 N ND2 . ASN A 18 ? 0.2943 0.2698 0.3130 0.0196  -0.0016 0.0152  383 ASN A ND2 
144 N N   . ALA A 19 ? 0.2172 0.2892 0.2533 0.0387  0.0035  -0.0008 384 ALA A N   
145 C CA  . ALA A 19 ? 0.2661 0.3665 0.3114 0.0310  0.0061  -0.0016 384 ALA A CA  
146 C C   . ALA A 19 ? 0.3100 0.4245 0.3576 0.0284  0.0128  -0.0056 384 ALA A C   
147 O O   . ALA A 19 ? 0.3011 0.4304 0.3543 0.0168  0.0168  -0.0047 384 ALA A O   
148 C CB  . ALA A 19 ? 0.2865 0.4106 0.3407 0.0399  0.0026  -0.0019 384 ALA A CB  
149 N N   . HIS A 20 ? 0.2546 0.3632 0.2967 0.0389  0.0145  -0.0101 385 HIS A N   
150 C CA  . HIS A 20 ? 0.2450 0.3679 0.2860 0.0377  0.0219  -0.0133 385 HIS A CA  
151 C C   . HIS A 20 ? 0.2873 0.3953 0.3186 0.0260  0.0245  -0.0109 385 HIS A C   
152 O O   . HIS A 20 ? 0.3106 0.4313 0.3396 0.0221  0.0317  -0.0106 385 HIS A O   
153 C CB  . HIS A 20 ? 0.2572 0.3783 0.2926 0.0545  0.0226  -0.0204 385 HIS A CB  
154 C CG  . HIS A 20 ? 0.2690 0.3553 0.2927 0.0600  0.0165  -0.0233 385 HIS A CG  
155 N ND1 . HIS A 20 ? 0.3379 0.4045 0.3622 0.0636  0.0099  -0.0207 385 HIS A ND1 
156 C CD2 . HIS A 20 ? 0.3577 0.4259 0.3696 0.0617  0.0159  -0.0289 385 HIS A CD2 
157 C CE1 . HIS A 20 ? 0.3844 0.4216 0.3998 0.0655  0.0062  -0.0242 385 HIS A CE1 
158 N NE2 . HIS A 20 ? 0.3610 0.3993 0.3691 0.0645  0.0088  -0.0303 385 HIS A NE2 
159 N N   . PHE A 21 ? 0.2187 0.3019 0.2441 0.0205  0.0194  -0.0086 386 PHE A N   
160 C CA  . PHE A 21 ? 0.2065 0.2781 0.2231 0.0114  0.0209  -0.0066 386 PHE A CA  
161 C C   . PHE A 21 ? 0.1934 0.2573 0.2121 0.0000  0.0189  -0.0011 386 PHE A C   
162 O O   . PHE A 21 ? 0.2249 0.2821 0.2373 -0.0070 0.0207  0.0014  386 PHE A O   
163 C CB  . PHE A 21 ? 0.2459 0.2970 0.2518 0.0171  0.0170  -0.0115 386 PHE A CB  
164 C CG  . PHE A 21 ? 0.2185 0.2496 0.2265 0.0186  0.0101  -0.0121 386 PHE A CG  
165 C CD1 . PHE A 21 ? 0.2906 0.3089 0.2988 0.0100  0.0071  -0.0087 386 PHE A CD1 
166 C CD2 . PHE A 21 ? 0.3043 0.3287 0.3136 0.0292  0.0073  -0.0160 386 PHE A CD2 
167 C CE1 . PHE A 21 ? 0.2715 0.2731 0.2825 0.0099  0.0025  -0.0081 386 PHE A CE1 
168 C CE2 . PHE A 21 ? 0.2678 0.2706 0.2784 0.0293  0.0022  -0.0150 386 PHE A CE2 
169 C CZ  . PHE A 21 ? 0.3111 0.3039 0.3233 0.0187  0.0005  -0.0106 386 PHE A CZ  
170 N N   . ILE A 22 ? 0.1794 0.2446 0.2053 -0.0008 0.0153  0.0007  387 ILE A N   
171 C CA  . ILE A 22 ? 0.2203 0.2805 0.2471 -0.0102 0.0137  0.0044  387 ILE A CA  
172 C C   . ILE A 22 ? 0.2135 0.2863 0.2481 -0.0091 0.0108  0.0049  387 ILE A C   
173 O O   . ILE A 22 ? 0.2088 0.2812 0.2445 0.0003  0.0076  0.0049  387 ILE A O   
174 C CB  . ILE A 22 ? 0.2219 0.2610 0.2426 -0.0110 0.0103  0.0057  387 ILE A CB  
175 C CG1 . ILE A 22 ? 0.1934 0.2285 0.2136 -0.0188 0.0096  0.0086  387 ILE A CG1 
176 C CG2 . ILE A 22 ? 0.1974 0.2272 0.2189 -0.0036 0.0068  0.0057  387 ILE A CG2 
177 C CD1 . ILE A 22 ? 0.2494 0.2696 0.2660 -0.0197 0.0075  0.0097  387 ILE A CD1 
178 N N   . ALA A 23 ? 0.1993 0.2824 0.2388 -0.0180 0.0113  0.0050  388 ALA A N   
179 C CA  . ALA A 23 ? 0.1728 0.2718 0.2196 -0.0162 0.0072  0.0037  388 ALA A CA  
180 C C   . ALA A 23 ? 0.2342 0.3341 0.2823 -0.0272 0.0056  0.0025  388 ALA A C   
181 O O   . ALA A 23 ? 0.2430 0.3384 0.2911 -0.0375 0.0092  0.0023  388 ALA A O   
182 C CB  . ALA A 23 ? 0.2266 0.3527 0.2851 -0.0121 0.0086  0.0006  388 ALA A CB  
183 N N   . TRP A 24 ? 0.2039 0.3082 0.2512 -0.0240 -0.0002 0.0016  389 TRP A N   
184 C CA  . TRP A 24 ? 0.2268 0.3365 0.2764 -0.0330 -0.0033 -0.0027 389 TRP A CA  
185 C C   . TRP A 24 ? 0.2249 0.3567 0.2894 -0.0421 -0.0019 -0.0072 389 TRP A C   
186 O O   . TRP A 24 ? 0.2401 0.3937 0.3148 -0.0369 -0.0014 -0.0081 389 TRP A O   
187 C CB  . TRP A 24 ? 0.2206 0.3377 0.2661 -0.0255 -0.0103 -0.0037 389 TRP A CB  
188 C CG  . TRP A 24 ? 0.2524 0.3509 0.2843 -0.0176 -0.0106 0.0021  389 TRP A CG  
189 C CD1 . TRP A 24 ? 0.2593 0.3558 0.2863 -0.0057 -0.0118 0.0077  389 TRP A CD1 
190 C CD2 . TRP A 24 ? 0.2866 0.3671 0.3090 -0.0213 -0.0089 0.0032  389 TRP A CD2 
191 N NE1 . TRP A 24 ? 0.2754 0.3541 0.2913 -0.0038 -0.0101 0.0132  389 TRP A NE1 
192 C CE2 . TRP A 24 ? 0.3010 0.3721 0.3146 -0.0126 -0.0083 0.0100  389 TRP A CE2 
193 C CE3 . TRP A 24 ? 0.1972 0.2680 0.2175 -0.0304 -0.0076 -0.0005 389 TRP A CE3 
194 C CZ2 . TRP A 24 ? 0.3309 0.3885 0.3362 -0.0135 -0.0056 0.0128  389 TRP A CZ2 
195 C CZ3 . TRP A 24 ? 0.2518 0.3076 0.2622 -0.0288 -0.0060 0.0015  389 TRP A CZ3 
196 C CH2 . TRP A 24 ? 0.2849 0.3368 0.2891 -0.0208 -0.0048 0.0079  389 TRP A CH2 
197 N N   . THR A 25 ? 0.1702 0.2962 0.2365 -0.0557 -0.0007 -0.0102 390 THR A N   
198 C CA  . THR A 25 ? 0.1825 0.3283 0.2650 -0.0679 0.0015  -0.0140 390 THR A CA  
199 C C   . THR A 25 ? 0.1962 0.3654 0.2897 -0.0707 -0.0071 -0.0227 390 THR A C   
200 O O   . THR A 25 ? 0.2627 0.4574 0.3748 -0.0799 -0.0067 -0.0271 390 THR A O   
201 C CB  . THR A 25 ? 0.2680 0.3935 0.3476 -0.0828 0.0068  -0.0127 390 THR A CB  
202 O OG1 . THR A 25 ? 0.2635 0.3730 0.3360 -0.0870 0.0007  -0.0180 390 THR A OG1 
203 C CG2 . THR A 25 ? 0.2659 0.3679 0.3315 -0.0785 0.0135  -0.0046 390 THR A CG2 
204 N N   . GLY A 26 ? 0.1769 0.3400 0.2598 -0.0631 -0.0149 -0.0253 391 GLY A N   
205 C CA  . GLY A 26 ? 0.2428 0.4278 0.3328 -0.0641 -0.0245 -0.0345 391 GLY A CA  
206 C C   . GLY A 26 ? 0.2697 0.4435 0.3582 -0.0776 -0.0284 -0.0431 391 GLY A C   
207 O O   . GLY A 26 ? 0.2714 0.4642 0.3664 -0.0801 -0.0377 -0.0533 391 GLY A O   
208 N N   . ARG A 27 ? 0.2267 0.3698 0.3064 -0.0853 -0.0225 -0.0403 392 ARG A N   
209 C CA  . ARG A 27 ? 0.2433 0.3688 0.3184 -0.0959 -0.0263 -0.0487 392 ARG A CA  
210 C C   . ARG A 27 ? 0.2381 0.3362 0.2908 -0.0854 -0.0261 -0.0458 392 ARG A C   
211 O O   . ARG A 27 ? 0.2970 0.3748 0.3418 -0.0825 -0.0188 -0.0371 392 ARG A O   
212 C CB  . ARG A 27 ? 0.2556 0.3676 0.3399 -0.1141 -0.0194 -0.0479 392 ARG A CB  
213 C CG  . ARG A 27 ? 0.4089 0.4993 0.4892 -0.1258 -0.0239 -0.0578 392 ARG A CG  
214 C CD  . ARG A 27 ? 0.4754 0.5528 0.5665 -0.1437 -0.0168 -0.0550 392 ARG A CD  
215 N NE  . ARG A 27 ? 0.5088 0.5632 0.5899 -0.1430 -0.0058 -0.0420 392 ARG A NE  
216 C CZ  . ARG A 27 ? 0.5499 0.5954 0.6366 -0.1508 0.0031  -0.0331 392 ARG A CZ  
217 N NH1 . ARG A 27 ? 0.4354 0.4937 0.5404 -0.1617 0.0030  -0.0354 392 ARG A NH1 
218 N NH2 . ARG A 27 ? 0.4749 0.5000 0.5487 -0.1473 0.0118  -0.0214 392 ARG A NH2 
219 N N   . GLY A 28 ? 0.2487 0.3494 0.2915 -0.0788 -0.0342 -0.0536 393 GLY A N   
220 C CA  . GLY A 28 ? 0.2633 0.3433 0.2859 -0.0680 -0.0330 -0.0510 393 GLY A CA  
221 C C   . GLY A 28 ? 0.3232 0.4004 0.3409 -0.0571 -0.0263 -0.0377 393 GLY A C   
222 O O   . GLY A 28 ? 0.2785 0.3734 0.3014 -0.0506 -0.0266 -0.0326 393 GLY A O   
223 N N   . MET A 29 ? 0.2114 0.2655 0.2199 -0.0549 -0.0206 -0.0326 394 MET A N   
224 C CA  . MET A 29 ? 0.1824 0.2323 0.1880 -0.0468 -0.0148 -0.0216 394 MET A CA  
225 C C   . MET A 29 ? 0.2291 0.2691 0.2410 -0.0527 -0.0088 -0.0162 394 MET A C   
226 O O   . MET A 29 ? 0.2388 0.2673 0.2461 -0.0482 -0.0045 -0.0100 394 MET A O   
227 C CB  . MET A 29 ? 0.2425 0.2802 0.2344 -0.0385 -0.0132 -0.0200 394 MET A CB  
228 C CG  . MET A 29 ? 0.3541 0.4056 0.3374 -0.0295 -0.0170 -0.0210 394 MET A CG  
229 S SD  . MET A 29 ? 0.5131 0.5569 0.4814 -0.0196 -0.0128 -0.0179 394 MET A SD  
230 C CE  . MET A 29 ? 0.4367 0.4638 0.3991 -0.0236 -0.0148 -0.0300 394 MET A CE  
231 N N   . GLU A 30 ? 0.1952 0.2419 0.2179 -0.0629 -0.0083 -0.0187 395 GLU A N   
232 C CA  . GLU A 30 ? 0.2335 0.2725 0.2599 -0.0682 -0.0017 -0.0128 395 GLU A CA  
233 C C   . GLU A 30 ? 0.2821 0.3360 0.3140 -0.0618 0.0009  -0.0072 395 GLU A C   
234 O O   . GLU A 30 ? 0.2239 0.2978 0.2624 -0.0574 -0.0024 -0.0089 395 GLU A O   
235 C CB  . GLU A 30 ? 0.2286 0.2687 0.2643 -0.0829 -0.0003 -0.0162 395 GLU A CB  
236 C CG  . GLU A 30 ? 0.3530 0.3733 0.3829 -0.0899 -0.0035 -0.0233 395 GLU A CG  
237 C CD  . GLU A 30 ? 0.4899 0.5051 0.5294 -0.1072 -0.0011 -0.0256 395 GLU A CD  
238 O OE1 . GLU A 30 ? 0.3991 0.4256 0.4486 -0.1137 0.0053  -0.0195 395 GLU A OE1 
239 O OE2 . GLU A 30 ? 0.4564 0.4557 0.4932 -0.1145 -0.0051 -0.0337 395 GLU A OE2 
240 N N   . PHE A 31 ? 0.2169 0.2602 0.2448 -0.0597 0.0060  -0.0012 396 PHE A N   
241 C CA  . PHE A 31 ? 0.1795 0.2332 0.2108 -0.0532 0.0083  0.0023  396 PHE A CA  
242 C C   . PHE A 31 ? 0.2698 0.3172 0.2989 -0.0567 0.0147  0.0063  396 PHE A C   
243 O O   . PHE A 31 ? 0.2349 0.2648 0.2564 -0.0613 0.0168  0.0083  396 PHE A O   
244 C CB  . PHE A 31 ? 0.1535 0.2006 0.1787 -0.0426 0.0064  0.0050  396 PHE A CB  
245 C CG  . PHE A 31 ? 0.1781 0.2060 0.1944 -0.0415 0.0073  0.0072  396 PHE A CG  
246 C CD1 . PHE A 31 ? 0.2179 0.2375 0.2290 -0.0418 0.0053  0.0054  396 PHE A CD1 
247 C CD2 . PHE A 31 ? 0.2141 0.2347 0.2273 -0.0388 0.0096  0.0098  396 PHE A CD2 
248 C CE1 . PHE A 31 ? 0.2490 0.2551 0.2541 -0.0393 0.0060  0.0069  396 PHE A CE1 
249 C CE2 . PHE A 31 ? 0.2238 0.2310 0.2307 -0.0369 0.0092  0.0110  396 PHE A CE2 
250 C CZ  . PHE A 31 ? 0.2344 0.2354 0.2383 -0.0369 0.0077  0.0099  396 PHE A CZ  
251 N N   . LYS A 32 ? 0.2010 0.2625 0.2348 -0.0530 0.0176  0.0074  397 LYS A N   
252 C CA  . LYS A 32 ? 0.1804 0.2398 0.2102 -0.0547 0.0244  0.0112  397 LYS A CA  
253 C C   . LYS A 32 ? 0.2473 0.3027 0.2700 -0.0432 0.0239  0.0117  397 LYS A C   
254 O O   . LYS A 32 ? 0.1890 0.2528 0.2161 -0.0352 0.0210  0.0091  397 LYS A O   
255 C CB  . LYS A 32 ? 0.2557 0.3384 0.2975 -0.0609 0.0299  0.0109  397 LYS A CB  
256 C CG  . LYS A 32 ? 0.3039 0.3864 0.3400 -0.0634 0.0390  0.0163  397 LYS A CG  
257 C CD  . LYS A 32 ? 0.4097 0.5205 0.4612 -0.0706 0.0457  0.0160  397 LYS A CD  
258 C CE  . LYS A 32 ? 0.6302 0.7399 0.6752 -0.0768 0.0569  0.0235  397 LYS A CE  
259 N NZ  . LYS A 32 ? 0.7756 0.8634 0.8161 -0.0909 0.0595  0.0289  397 LYS A NZ  
260 N N   . LEU A 33 ? 0.1885 0.2301 0.1996 -0.0420 0.0262  0.0146  398 LEU A N   
261 C CA  . LEU A 33 ? 0.2177 0.2573 0.2221 -0.0323 0.0254  0.0132  398 LEU A CA  
262 C C   . LEU A 33 ? 0.2557 0.3107 0.2600 -0.0310 0.0324  0.0137  398 LEU A C   
263 O O   . LEU A 33 ? 0.2429 0.2954 0.2381 -0.0339 0.0382  0.0182  398 LEU A O   
264 C CB  . LEU A 33 ? 0.2671 0.2890 0.2589 -0.0302 0.0233  0.0150  398 LEU A CB  
265 C CG  . LEU A 33 ? 0.3135 0.3229 0.3061 -0.0316 0.0182  0.0149  398 LEU A CG  
266 C CD1 . LEU A 33 ? 0.3203 0.3176 0.3022 -0.0273 0.0157  0.0158  398 LEU A CD1 
267 C CD2 . LEU A 33 ? 0.3497 0.3626 0.3508 -0.0285 0.0138  0.0116  398 LEU A CD2 
268 N N   . ILE A 34 ? 0.2736 0.3453 0.2871 -0.0254 0.0322  0.0097  399 ILE A N   
269 C CA  . ILE A 34 ? 0.2339 0.3254 0.2493 -0.0225 0.0396  0.0093  399 ILE A CA  
270 C C   . ILE A 34 ? 0.3071 0.3915 0.3069 -0.0134 0.0411  0.0078  399 ILE A C   
271 O O   . ILE A 34 ? 0.3017 0.3953 0.2947 -0.0136 0.0493  0.0107  399 ILE A O   
272 C CB  . ILE A 34 ? 0.2405 0.3523 0.2696 -0.0155 0.0379  0.0044  399 ILE A CB  
273 C CG1 . ILE A 34 ? 0.2769 0.3985 0.3202 -0.0242 0.0350  0.0051  399 ILE A CG1 
274 C CG2 . ILE A 34 ? 0.2562 0.3931 0.2891 -0.0108 0.0462  0.0031  399 ILE A CG2 
275 C CD1 . ILE A 34 ? 0.2893 0.4297 0.3444 -0.0153 0.0311  0.0007  399 ILE A CD1 
276 N N   . GLU A 35 ? 0.2579 0.3264 0.2516 -0.0057 0.0335  0.0030  400 GLU A N   
277 C CA  . GLU A 35 ? 0.2643 0.3227 0.2422 0.0015  0.0319  -0.0002 400 GLU A CA  
278 C C   . GLU A 35 ? 0.2636 0.3025 0.2369 -0.0019 0.0251  0.0010  400 GLU A C   
279 O O   . GLU A 35 ? 0.2673 0.2963 0.2446 0.0007  0.0177  -0.0038 400 GLU A O   
280 C CB  . GLU A 35 ? 0.2889 0.3474 0.2657 0.0138  0.0281  -0.0096 400 GLU A CB  
281 C CG  . GLU A 35 ? 0.3580 0.4368 0.3371 0.0215  0.0346  -0.0124 400 GLU A CG  
282 C CD  . GLU A 35 ? 0.4615 0.5336 0.4354 0.0354  0.0297  -0.0232 400 GLU A CD  
283 O OE1 . GLU A 35 ? 0.4267 0.4847 0.3872 0.0391  0.0251  -0.0285 400 GLU A OE1 
284 O OE2 . GLU A 35 ? 0.4967 0.5765 0.4796 0.0431  0.0296  -0.0269 400 GLU A OE2 
285 N N   . PRO A 36 ? 0.2475 0.2803 0.2127 -0.0075 0.0275  0.0075  401 PRO A N   
286 C CA  . PRO A 36 ? 0.2711 0.2885 0.2325 -0.0086 0.0208  0.0081  401 PRO A CA  
287 C C   . PRO A 36 ? 0.2666 0.2786 0.2223 -0.0006 0.0132  0.0005  401 PRO A C   
288 O O   . PRO A 36 ? 0.2699 0.2747 0.2322 -0.0017 0.0064  -0.0022 401 PRO A O   
289 C CB  . PRO A 36 ? 0.3517 0.3630 0.3006 -0.0119 0.0257  0.0165  401 PRO A CB  
290 C CG  . PRO A 36 ? 0.3576 0.3808 0.3102 -0.0181 0.0356  0.0215  401 PRO A CG  
291 C CD  . PRO A 36 ? 0.2756 0.3150 0.2337 -0.0119 0.0370  0.0151  401 PRO A CD  
292 N N   . GLU A 37 ? 0.3050 0.3220 0.2492 0.0073  0.0141  -0.0040 402 GLU A N   
293 C CA  . GLU A 37 ? 0.2561 0.2677 0.1945 0.0143  0.0053  -0.0135 402 GLU A CA  
294 C C   . GLU A 37 ? 0.3192 0.3266 0.2711 0.0150  0.0000  -0.0219 402 GLU A C   
295 O O   . GLU A 37 ? 0.3516 0.3512 0.3073 0.0149  -0.0084 -0.0286 402 GLU A O   
296 C CB  . GLU A 37 ? 0.2808 0.2981 0.1996 0.0239  0.0074  -0.0170 402 GLU A CB  
297 C CG  . GLU A 37 ? 0.3398 0.3578 0.2412 0.0244  0.0128  -0.0068 402 GLU A CG  
298 C CD  . GLU A 37 ? 0.4064 0.4151 0.3016 0.0256  0.0044  -0.0057 402 GLU A CD  
299 O OE1 . GLU A 37 ? 0.3126 0.3181 0.2186 0.0254  -0.0057 -0.0141 402 GLU A OE1 
300 O OE2 . GLU A 37 ? 0.4142 0.4192 0.2943 0.0268  0.0084  0.0041  402 GLU A OE2 
301 N N   . GLU A 38 ? 0.3106 0.3230 0.2704 0.0155  0.0047  -0.0214 403 GLU A N   
302 C CA  . GLU A 38 ? 0.2920 0.2961 0.2629 0.0169  0.0001  -0.0270 403 GLU A CA  
303 C C   . GLU A 38 ? 0.3099 0.3065 0.2935 0.0080  -0.0028 -0.0219 403 GLU A C   
304 O O   . GLU A 38 ? 0.2944 0.2798 0.2849 0.0066  -0.0083 -0.0260 403 GLU A O   
305 C CB  . GLU A 38 ? 0.2941 0.3069 0.2690 0.0224  0.0053  -0.0271 403 GLU A CB  
306 C CG  . GLU A 38 ? 0.2969 0.2976 0.2811 0.0253  0.0008  -0.0307 403 GLU A CG  
307 C CD  . GLU A 38 ? 0.4067 0.3915 0.3857 0.0316  -0.0059 -0.0424 403 GLU A CD  
308 O OE1 . GLU A 38 ? 0.3821 0.3691 0.3494 0.0354  -0.0077 -0.0493 403 GLU A OE1 
309 O OE2 . GLU A 38 ? 0.4240 0.3930 0.4096 0.0330  -0.0097 -0.0448 403 GLU A OE2 
310 N N   . VAL A 39 ? 0.2165 0.2189 0.2031 0.0018  0.0015  -0.0132 404 VAL A N   
311 C CA  . VAL A 39 ? 0.2326 0.2299 0.2284 -0.0050 -0.0005 -0.0089 404 VAL A CA  
312 C C   . VAL A 39 ? 0.2502 0.2418 0.2459 -0.0066 -0.0063 -0.0121 404 VAL A C   
313 O O   . VAL A 39 ? 0.2556 0.2418 0.2612 -0.0102 -0.0098 -0.0133 404 VAL A O   
314 C CB  . VAL A 39 ? 0.2692 0.2724 0.2657 -0.0104 0.0042  -0.0015 404 VAL A CB  
315 C CG1 . VAL A 39 ? 0.2544 0.2532 0.2576 -0.0153 0.0023  0.0018  404 VAL A CG1 
316 C CG2 . VAL A 39 ? 0.2574 0.2707 0.2580 -0.0098 0.0085  0.0004  404 VAL A CG2 
317 N N   . ALA A 40 ? 0.2732 0.2674 0.2580 -0.0039 -0.0073 -0.0130 405 ALA A N   
318 C CA  . ALA A 40 ? 0.2584 0.2515 0.2433 -0.0035 -0.0142 -0.0170 405 ALA A CA  
319 C C   . ALA A 40 ? 0.2924 0.2813 0.2836 -0.0029 -0.0211 -0.0271 405 ALA A C   
320 O O   . ALA A 40 ? 0.2602 0.2488 0.2636 -0.0077 -0.0259 -0.0298 405 ALA A O   
321 C CB  . ALA A 40 ? 0.3016 0.2975 0.2696 0.0023  -0.0144 -0.0159 405 ALA A CB  
322 N N   . ARG A 41 ? 0.2817 0.2677 0.2659 0.0027  -0.0213 -0.0335 406 ARG A N   
323 C CA  . ARG A 41 ? 0.3902 0.3680 0.3791 0.0034  -0.0285 -0.0449 406 ARG A CA  
324 C C   . ARG A 41 ? 0.3613 0.3291 0.3675 -0.0044 -0.0285 -0.0428 406 ARG A C   
325 O O   . ARG A 41 ? 0.4267 0.3887 0.4437 -0.0101 -0.0347 -0.0490 406 ARG A O   
326 C CB  . ARG A 41 ? 0.4179 0.3930 0.3945 0.0129  -0.0277 -0.0524 406 ARG A CB  
327 C CG  . ARG A 41 ? 0.5585 0.5382 0.5191 0.0207  -0.0333 -0.0622 406 ARG A CG  
328 C CD  . ARG A 41 ? 0.5690 0.5450 0.5184 0.0310  -0.0329 -0.0722 406 ARG A CD  
329 N NE  . ARG A 41 ? 0.4990 0.4822 0.4446 0.0353  -0.0221 -0.0640 406 ARG A NE  
330 C CZ  . ARG A 41 ? 0.4840 0.4814 0.4159 0.0400  -0.0147 -0.0582 406 ARG A CZ  
331 N NH1 . ARG A 41 ? 0.4396 0.4420 0.3567 0.0427  -0.0171 -0.0586 406 ARG A NH1 
332 N NH2 . ARG A 41 ? 0.4259 0.4331 0.3590 0.0419  -0.0047 -0.0515 406 ARG A NH2 
333 N N   . ARG A 42 ? 0.3332 0.3000 0.3424 -0.0053 -0.0215 -0.0337 407 ARG A N   
334 C CA  . ARG A 42 ? 0.3804 0.3367 0.4020 -0.0111 -0.0206 -0.0295 407 ARG A CA  
335 C C   . ARG A 42 ? 0.3185 0.2796 0.3519 -0.0203 -0.0205 -0.0242 407 ARG A C   
336 O O   . ARG A 42 ? 0.3210 0.2740 0.3665 -0.0274 -0.0218 -0.0241 407 ARG A O   
337 C CB  . ARG A 42 ? 0.3298 0.2864 0.3492 -0.0073 -0.0144 -0.0217 407 ARG A CB  
338 C CG  . ARG A 42 ? 0.4120 0.3605 0.4256 0.0022  -0.0149 -0.0276 407 ARG A CG  
339 C CD  . ARG A 42 ? 0.5114 0.4704 0.5221 0.0081  -0.0094 -0.0216 407 ARG A CD  
340 N NE  . ARG A 42 ? 0.5263 0.4807 0.5323 0.0194  -0.0097 -0.0275 407 ARG A NE  
341 C CZ  . ARG A 42 ? 0.4879 0.4277 0.4968 0.0244  -0.0107 -0.0263 407 ARG A CZ  
342 N NH1 . ARG A 42 ? 0.4116 0.3398 0.4269 0.0178  -0.0108 -0.0180 407 ARG A NH1 
343 N NH2 . ARG A 42 ? 0.3849 0.3217 0.3886 0.0372  -0.0111 -0.0326 407 ARG A NH2 
344 N N   . TRP A 43 ? 0.3207 0.2944 0.3508 -0.0204 -0.0184 -0.0196 408 TRP A N   
345 C CA  . TRP A 43 ? 0.3022 0.2835 0.3429 -0.0266 -0.0187 -0.0164 408 TRP A CA  
346 C C   . TRP A 43 ? 0.3391 0.3231 0.3889 -0.0300 -0.0263 -0.0255 408 TRP A C   
347 O O   . TRP A 43 ? 0.3108 0.2984 0.3766 -0.0379 -0.0265 -0.0246 408 TRP A O   
348 C CB  . TRP A 43 ? 0.2702 0.2612 0.3032 -0.0234 -0.0162 -0.0117 408 TRP A CB  
349 C CG  . TRP A 43 ? 0.2016 0.2022 0.2440 -0.0265 -0.0169 -0.0100 408 TRP A CG  
350 C CD1 . TRP A 43 ? 0.2731 0.2822 0.3128 -0.0225 -0.0210 -0.0126 408 TRP A CD1 
351 C CD2 . TRP A 43 ? 0.2453 0.2498 0.3007 -0.0325 -0.0130 -0.0051 408 TRP A CD2 
352 N NE1 . TRP A 43 ? 0.2545 0.2741 0.3067 -0.0250 -0.0202 -0.0107 408 TRP A NE1 
353 C CE2 . TRP A 43 ? 0.2230 0.2408 0.2849 -0.0318 -0.0147 -0.0061 408 TRP A CE2 
354 C CE3 . TRP A 43 ? 0.2651 0.2636 0.3259 -0.0371 -0.0080 0.0007  408 TRP A CE3 
355 C CZ2 . TRP A 43 ? 0.3064 0.3342 0.3814 -0.0360 -0.0105 -0.0021 408 TRP A CZ2 
356 C CZ3 . TRP A 43 ? 0.2606 0.2672 0.3323 -0.0420 -0.0036 0.0059  408 TRP A CZ3 
357 C CH2 . TRP A 43 ? 0.2581 0.2803 0.3374 -0.0417 -0.0044 0.0042  408 TRP A CH2 
358 N N   . GLY A 44 ? 0.3365 0.3207 0.3768 -0.0242 -0.0324 -0.0347 409 GLY A N   
359 C CA  . GLY A 44 ? 0.3731 0.3616 0.4215 -0.0269 -0.0418 -0.0459 409 GLY A CA  
360 C C   . GLY A 44 ? 0.3758 0.3513 0.4385 -0.0355 -0.0444 -0.0515 409 GLY A C   
361 O O   . GLY A 44 ? 0.4133 0.3946 0.4939 -0.0447 -0.0487 -0.0559 409 GLY A O   
362 N N   . ILE A 45 ? 0.4831 0.4409 0.5388 -0.0327 -0.0415 -0.0513 410 ILE A N   
363 C CA  . ILE A 45 ? 0.4125 0.3512 0.4796 -0.0401 -0.0430 -0.0549 410 ILE A CA  
364 C C   . ILE A 45 ? 0.3464 0.2854 0.4305 -0.0516 -0.0366 -0.0433 410 ILE A C   
365 O O   . ILE A 45 ? 0.3693 0.3038 0.4709 -0.0633 -0.0390 -0.0463 410 ILE A O   
366 C CB  . ILE A 45 ? 0.5040 0.4237 0.5582 -0.0314 -0.0405 -0.0554 410 ILE A CB  
367 C CG1 . ILE A 45 ? 0.5036 0.4252 0.5413 -0.0199 -0.0461 -0.0681 410 ILE A CG1 
368 C CG2 . ILE A 45 ? 0.5416 0.4358 0.6056 -0.0382 -0.0411 -0.0563 410 ILE A CG2 
369 C CD1 . ILE A 45 ? 0.5538 0.4626 0.5786 -0.0087 -0.0427 -0.0689 410 ILE A CD1 
370 N N   . GLN A 46 ? 0.3028 0.2478 0.3816 -0.0486 -0.0282 -0.0302 411 GLN A N   
371 C CA  . GLN A 46 ? 0.4233 0.3681 0.5131 -0.0568 -0.0207 -0.0181 411 GLN A CA  
372 C C   . GLN A 46 ? 0.4540 0.4181 0.5613 -0.0660 -0.0212 -0.0186 411 GLN A C   
373 O O   . GLN A 46 ? 0.4652 0.4272 0.5894 -0.0777 -0.0183 -0.0150 411 GLN A O   
374 C CB  . GLN A 46 ? 0.4116 0.3614 0.4893 -0.0497 -0.0133 -0.0069 411 GLN A CB  
375 C CG  . GLN A 46 ? 0.5321 0.4777 0.6144 -0.0546 -0.0054 0.0059  411 GLN A CG  
376 C CD  . GLN A 46 ? 0.5791 0.5017 0.6545 -0.0510 -0.0036 0.0106  411 GLN A CD  
377 O OE1 . GLN A 46 ? 0.6392 0.5479 0.7096 -0.0461 -0.0087 0.0026  411 GLN A OE1 
378 N NE2 . GLN A 46 ? 0.6660 0.5848 0.7393 -0.0516 0.0034  0.0236  411 GLN A NE2 
379 N N   . LYS A 47 ? 0.4095 0.3932 0.5137 -0.0606 -0.0244 -0.0223 412 LYS A N   
380 C CA  . LYS A 47 ? 0.4429 0.4493 0.5627 -0.0655 -0.0254 -0.0232 412 LYS A CA  
381 C C   . LYS A 47 ? 0.5645 0.5787 0.6985 -0.0710 -0.0359 -0.0369 412 LYS A C   
382 O O   . LYS A 47 ? 0.6313 0.6681 0.7822 -0.0753 -0.0381 -0.0393 412 LYS A O   
383 C CB  . LYS A 47 ? 0.4272 0.4477 0.5348 -0.0548 -0.0244 -0.0203 412 LYS A CB  
384 C CG  . LYS A 47 ? 0.4053 0.4492 0.5267 -0.0563 -0.0224 -0.0180 412 LYS A CG  
385 C CD  . LYS A 47 ? 0.4156 0.4614 0.5461 -0.0632 -0.0118 -0.0072 412 LYS A CD  
386 C CE  . LYS A 47 ? 0.4499 0.5221 0.5937 -0.0626 -0.0090 -0.0059 412 LYS A CE  
387 N NZ  . LYS A 47 ? 0.4257 0.5032 0.5772 -0.0686 0.0027  0.0048  412 LYS A NZ  
388 N N   . ASN A 48 ? 0.5030 0.5006 0.6308 -0.0701 -0.0430 -0.0470 413 ASN A N   
389 C CA  . ASN A 48 ? 0.6201 0.6231 0.7593 -0.0752 -0.0549 -0.0628 413 ASN A CA  
390 C C   . ASN A 48 ? 0.7287 0.7572 0.8642 -0.0662 -0.0628 -0.0694 413 ASN A C   
391 O O   . ASN A 48 ? 0.7809 0.8326 0.9359 -0.0716 -0.0673 -0.0736 413 ASN A O   
392 C CB  . ASN A 48 ? 0.6829 0.6892 0.8518 -0.0933 -0.0540 -0.0634 413 ASN A CB  
393 C CG  . ASN A 48 ? 0.7670 0.7414 0.9347 -0.1009 -0.0508 -0.0618 413 ASN A CG  
394 O OD1 . ASN A 48 ? 0.7974 0.7581 0.9610 -0.1020 -0.0585 -0.0738 413 ASN A OD1 
395 N ND2 . ASN A 48 ? 0.8241 0.7860 0.9912 -0.1044 -0.0388 -0.0461 413 ASN A ND2 
396 N N   . ARG A 49 ? 0.7840 0.8086 0.8938 -0.0518 -0.0644 -0.0699 414 ARG A N   
397 C CA  . ARG A 49 ? 0.8573 0.9006 0.9573 -0.0408 -0.0718 -0.0745 414 ARG A CA  
398 C C   . ARG A 49 ? 1.0044 1.0365 1.0751 -0.0277 -0.0737 -0.0772 414 ARG A C   
399 O O   . ARG A 49 ? 1.0701 1.1017 1.1228 -0.0184 -0.0680 -0.0678 414 ARG A O   
400 C CB  . ARG A 49 ? 0.7950 0.8531 0.8965 -0.0367 -0.0654 -0.0629 414 ARG A CB  
401 C CG  . ARG A 49 ? 0.8221 0.8665 0.9126 -0.0354 -0.0527 -0.0489 414 ARG A CG  
402 C CD  . ARG A 49 ? 0.9153 0.9729 1.0068 -0.0306 -0.0478 -0.0403 414 ARG A CD  
403 N NE  . ARG A 49 ? 0.9956 1.0717 1.1126 -0.0387 -0.0469 -0.0404 414 ARG A NE  
404 C CZ  . ARG A 49 ? 1.0355 1.1304 1.1586 -0.0334 -0.0458 -0.0375 414 ARG A CZ  
405 N NH1 . ARG A 49 ? 1.0606 1.1531 1.1644 -0.0201 -0.0463 -0.0342 414 ARG A NH1 
406 N NH2 . ARG A 49 ? 1.0280 1.1435 1.1765 -0.0412 -0.0437 -0.0378 414 ARG A NH2 
407 N N   . PRO A 50 ? 1.0835 1.1064 1.1487 -0.0268 -0.0815 -0.0905 415 PRO A N   
408 C CA  . PRO A 50 ? 1.1072 1.1280 1.1442 -0.0124 -0.0848 -0.0949 415 PRO A CA  
409 C C   . PRO A 50 ? 1.0908 1.1329 1.1219 -0.0039 -0.0942 -0.0990 415 PRO A C   
410 O O   . PRO A 50 ? 1.1168 1.1754 1.1698 -0.0103 -0.1005 -0.1031 415 PRO A O   
411 C CB  . PRO A 50 ? 1.1403 1.1469 1.1749 -0.0134 -0.0917 -0.1105 415 PRO A CB  
412 C CG  . PRO A 50 ? 1.1646 1.1645 1.2285 -0.0302 -0.0936 -0.1147 415 PRO A CG  
413 C CD  . PRO A 50 ? 1.1418 1.1587 1.2259 -0.0383 -0.0891 -0.1037 415 PRO A CD  
414 N N   . ALA A 51 ? 0.9872 1.0305 0.9904 0.0105  -0.0945 -0.0968 416 ALA A N   
415 C CA  . ALA A 51 ? 0.7980 0.8268 0.7777 0.0173  -0.0853 -0.0908 416 ALA A CA  
416 C C   . ALA A 51 ? 0.5512 0.5771 0.5250 0.0183  -0.0726 -0.0724 416 ALA A C   
417 O O   . ALA A 51 ? 0.4586 0.4870 0.4126 0.0279  -0.0704 -0.0649 416 ALA A O   
418 C CB  . ALA A 51 ? 0.8646 0.8973 0.8163 0.0316  -0.0919 -0.0988 416 ALA A CB  
419 N N   . MET A 52 ? 0.5053 0.5238 0.4953 0.0084  -0.0644 -0.0652 417 MET A N   
420 C CA  . MET A 52 ? 0.4002 0.4150 0.3860 0.0079  -0.0532 -0.0502 417 MET A CA  
421 C C   . MET A 52 ? 0.3840 0.3920 0.3481 0.0144  -0.0458 -0.0452 417 MET A C   
422 O O   . MET A 52 ? 0.4396 0.4424 0.3997 0.0157  -0.0447 -0.0510 417 MET A O   
423 C CB  . MET A 52 ? 0.3560 0.3656 0.3616 -0.0029 -0.0471 -0.0453 417 MET A CB  
424 C CG  . MET A 52 ? 0.4539 0.4602 0.4560 -0.0038 -0.0370 -0.0324 417 MET A CG  
425 S SD  . MET A 52 ? 0.4563 0.4711 0.4594 -0.0011 -0.0375 -0.0258 417 MET A SD  
426 C CE  . MET A 52 ? 0.4073 0.4350 0.4372 -0.0084 -0.0434 -0.0323 417 MET A CE  
427 N N   . ASN A 53 ? 0.2701 0.2780 0.2205 0.0188  -0.0404 -0.0345 418 ASN A N   
428 C CA  . ASN A 53 ? 0.3186 0.3222 0.2516 0.0222  -0.0310 -0.0273 418 ASN A CA  
429 C C   . ASN A 53 ? 0.3377 0.3365 0.2720 0.0175  -0.0227 -0.0142 418 ASN A C   
430 O O   . ASN A 53 ? 0.2888 0.2871 0.2351 0.0139  -0.0246 -0.0121 418 ASN A O   
431 C CB  . ASN A 53 ? 0.3757 0.3822 0.2834 0.0335  -0.0333 -0.0288 418 ASN A CB  
432 C CG  . ASN A 53 ? 0.3436 0.3517 0.2416 0.0399  -0.0388 -0.0244 418 ASN A CG  
433 O OD1 . ASN A 53 ? 0.3508 0.3560 0.2578 0.0364  -0.0376 -0.0172 418 ASN A OD1 
434 N ND2 . ASN A 53 ? 0.3591 0.3724 0.2374 0.0511  -0.0456 -0.0292 418 ASN A ND2 
435 N N   . TYR A 54 ? 0.2859 0.2818 0.2089 0.0172  -0.0131 -0.0064 419 TYR A N   
436 C CA  . TYR A 54 ? 0.3258 0.3153 0.2519 0.0108  -0.0060 0.0041  419 TYR A CA  
437 C C   . TYR A 54 ? 0.3037 0.2858 0.2204 0.0150  -0.0087 0.0099  419 TYR A C   
438 O O   . TYR A 54 ? 0.2874 0.2636 0.2122 0.0110  -0.0077 0.0137  419 TYR A O   
439 C CB  . TYR A 54 ? 0.2948 0.2846 0.2138 0.0075  0.0049  0.0110  419 TYR A CB  
440 C CG  . TYR A 54 ? 0.3311 0.3128 0.2544 -0.0007 0.0107  0.0199  419 TYR A CG  
441 C CD1 . TYR A 54 ? 0.3354 0.3176 0.2763 -0.0076 0.0101  0.0181  419 TYR A CD1 
442 C CD2 . TYR A 54 ? 0.4711 0.4427 0.3794 -0.0012 0.0164  0.0298  419 TYR A CD2 
443 C CE1 . TYR A 54 ? 0.4391 0.4135 0.3830 -0.0146 0.0140  0.0236  419 TYR A CE1 
444 C CE2 . TYR A 54 ? 0.5216 0.4823 0.4342 -0.0095 0.0208  0.0362  419 TYR A CE2 
445 C CZ  . TYR A 54 ? 0.4974 0.4602 0.4279 -0.0160 0.0190  0.0320  419 TYR A CZ  
446 O OH  . TYR A 54 ? 0.5527 0.5043 0.4863 -0.0237 0.0221  0.0360  419 TYR A OH  
447 N N   . ASP A 55 ? 0.3195 0.3015 0.2175 0.0249  -0.0123 0.0105  420 ASP A N   
448 C CA  . ASP A 55 ? 0.3430 0.3174 0.2308 0.0320  -0.0164 0.0160  420 ASP A CA  
449 C C   . ASP A 55 ? 0.3397 0.3197 0.2471 0.0313  -0.0239 0.0102  420 ASP A C   
450 O O   . ASP A 55 ? 0.3723 0.3440 0.2822 0.0312  -0.0224 0.0155  420 ASP A O   
451 C CB  . ASP A 55 ? 0.3970 0.3747 0.2626 0.0450  -0.0223 0.0152  420 ASP A CB  
452 C CG  . ASP A 55 ? 0.6055 0.5743 0.4581 0.0551  -0.0266 0.0224  420 ASP A CG  
453 O OD1 . ASP A 55 ? 0.7141 0.6650 0.5560 0.0535  -0.0183 0.0349  420 ASP A OD1 
454 O OD2 . ASP A 55 ? 0.6759 0.6556 0.5300 0.0645  -0.0384 0.0151  420 ASP A OD2 
455 N N   . LYS A 56 ? 0.2424 0.2362 0.1643 0.0304  -0.0315 -0.0012 421 LYS A N   
456 C CA  . LYS A 56 ? 0.3435 0.3464 0.2868 0.0279  -0.0371 -0.0063 421 LYS A CA  
457 C C   . LYS A 56 ? 0.2869 0.2855 0.2453 0.0179  -0.0294 -0.0026 421 LYS A C   
458 O O   . LYS A 56 ? 0.2892 0.2881 0.2549 0.0184  -0.0291 -0.0004 421 LYS A O   
459 C CB  . LYS A 56 ? 0.3008 0.3180 0.2578 0.0263  -0.0459 -0.0191 421 LYS A CB  
460 C CG  . LYS A 56 ? 0.2632 0.2902 0.2093 0.0373  -0.0571 -0.0258 421 LYS A CG  
461 C CD  . LYS A 56 ? 0.3356 0.3728 0.2930 0.0336  -0.0656 -0.0404 421 LYS A CD  
462 C CE  . LYS A 56 ? 0.4575 0.5047 0.3998 0.0454  -0.0775 -0.0488 421 LYS A CE  
463 N NZ  . LYS A 56 ? 0.5632 0.6019 0.4789 0.0520  -0.0747 -0.0486 421 LYS A NZ  
464 N N   . LEU A 57 ? 0.2522 0.2476 0.2138 0.0103  -0.0236 -0.0025 422 LEU A N   
465 C CA  . LEU A 57 ? 0.2615 0.2537 0.2345 0.0021  -0.0173 0.0009  422 LEU A CA  
466 C C   . LEU A 57 ? 0.3034 0.2853 0.2685 0.0027  -0.0126 0.0085  422 LEU A C   
467 O O   . LEU A 57 ? 0.2734 0.2550 0.2473 0.0001  -0.0111 0.0092  422 LEU A O   
468 C CB  . LEU A 57 ? 0.2081 0.1993 0.1822 -0.0031 -0.0123 0.0007  422 LEU A CB  
469 C CG  . LEU A 57 ? 0.1992 0.1895 0.1841 -0.0101 -0.0074 0.0036  422 LEU A CG  
470 C CD1 . LEU A 57 ? 0.2585 0.2542 0.2592 -0.0129 -0.0102 0.0005  422 LEU A CD1 
471 C CD2 . LEU A 57 ? 0.2517 0.2428 0.2363 -0.0128 -0.0028 0.0040  422 LEU A CD2 
472 N N   . SER A 58 ? 0.3785 0.3505 0.3256 0.0063  -0.0101 0.0142  423 SER A N   
473 C CA  . SER A 58 ? 0.4432 0.3999 0.3821 0.0056  -0.0055 0.0213  423 SER A CA  
474 C C   . SER A 58 ? 0.4224 0.3763 0.3624 0.0132  -0.0103 0.0207  423 SER A C   
475 O O   . SER A 58 ? 0.3981 0.3404 0.3375 0.0118  -0.0075 0.0230  423 SER A O   
476 C CB  . SER A 58 ? 0.4714 0.4162 0.3901 0.0075  -0.0010 0.0292  423 SER A CB  
477 O OG  . SER A 58 ? 0.4725 0.4147 0.3762 0.0195  -0.0065 0.0310  423 SER A OG  
478 N N   . ARG A 59 ? 0.3540 0.3194 0.2962 0.0217  -0.0181 0.0162  424 ARG A N   
479 C CA  . ARG A 59 ? 0.3174 0.2868 0.2647 0.0302  -0.0228 0.0143  424 ARG A CA  
480 C C   . ARG A 59 ? 0.3557 0.3349 0.3227 0.0241  -0.0206 0.0103  424 ARG A C   
481 O O   . ARG A 59 ? 0.3099 0.2863 0.2784 0.0293  -0.0201 0.0104  424 ARG A O   
482 C CB  . ARG A 59 ? 0.3483 0.3344 0.2977 0.0394  -0.0325 0.0089  424 ARG A CB  
483 C CG  . ARG A 59 ? 0.5447 0.5212 0.4713 0.0526  -0.0367 0.0140  424 ARG A CG  
484 C CD  . ARG A 59 ? 0.6135 0.6102 0.5419 0.0609  -0.0477 0.0066  424 ARG A CD  
485 N NE  . ARG A 59 ? 0.6947 0.6911 0.6111 0.0588  -0.0480 0.0054  424 ARG A NE  
486 C CZ  . ARG A 59 ? 0.7741 0.7840 0.6845 0.0667  -0.0578 -0.0013 424 ARG A CZ  
487 N NH1 . ARG A 59 ? 0.7358 0.7629 0.6538 0.0766  -0.0687 -0.0073 424 ARG A NH1 
488 N NH2 . ARG A 59 ? 0.7185 0.7269 0.6159 0.0656  -0.0569 -0.0030 424 ARG A NH2 
489 N N   . SER A 60 ? 0.3012 0.2913 0.2817 0.0147  -0.0192 0.0067  425 SER A N   
490 C CA  . SER A 60 ? 0.2638 0.2622 0.2598 0.0092  -0.0158 0.0050  425 SER A CA  
491 C C   . SER A 60 ? 0.2922 0.2765 0.2813 0.0052  -0.0096 0.0086  425 SER A C   
492 O O   . SER A 60 ? 0.2900 0.2763 0.2836 0.0063  -0.0073 0.0076  425 SER A O   
493 C CB  . SER A 60 ? 0.2139 0.2235 0.2242 0.0007  -0.0158 0.0018  425 SER A CB  
494 O OG  . SER A 60 ? 0.2734 0.2979 0.2949 0.0026  -0.0223 -0.0036 425 SER A OG  
495 N N   . LEU A 61 ? 0.2367 0.2089 0.2155 0.0007  -0.0067 0.0119  426 LEU A N   
496 C CA  . LEU A 61 ? 0.3119 0.2720 0.2858 -0.0044 -0.0020 0.0140  426 LEU A CA  
497 C C   . LEU A 61 ? 0.3495 0.2933 0.3128 0.0019  -0.0023 0.0152  426 LEU A C   
498 O O   . LEU A 61 ? 0.3307 0.2682 0.2940 0.0005  -0.0005 0.0130  426 LEU A O   
499 C CB  . LEU A 61 ? 0.3176 0.2723 0.2856 -0.0114 0.0015  0.0171  426 LEU A CB  
500 C CG  . LEU A 61 ? 0.2785 0.2471 0.2563 -0.0159 0.0020  0.0151  426 LEU A CG  
501 C CD1 . LEU A 61 ? 0.3797 0.3469 0.3523 -0.0206 0.0060  0.0176  426 LEU A CD1 
502 C CD2 . LEU A 61 ? 0.3033 0.2793 0.2918 -0.0196 0.0029  0.0128  426 LEU A CD2 
503 N N   . ARG A 62 ? 0.3058 0.2419 0.2587 0.0103  -0.0052 0.0181  427 ARG A N   
504 C CA  . ARG A 62 ? 0.3601 0.2776 0.3015 0.0191  -0.0062 0.0197  427 ARG A CA  
505 C C   . ARG A 62 ? 0.3138 0.2430 0.2649 0.0272  -0.0086 0.0137  427 ARG A C   
506 O O   . ARG A 62 ? 0.3601 0.2756 0.3059 0.0316  -0.0076 0.0117  427 ARG A O   
507 C CB  . ARG A 62 ? 0.3944 0.3014 0.3204 0.0288  -0.0093 0.0254  427 ARG A CB  
508 C CG  . ARG A 62 ? 0.4970 0.3867 0.4089 0.0214  -0.0042 0.0333  427 ARG A CG  
509 C CD  . ARG A 62 ? 0.6496 0.5211 0.5402 0.0322  -0.0056 0.0416  427 ARG A CD  
510 N NE  . ARG A 62 ? 0.7596 0.6491 0.6477 0.0425  -0.0121 0.0406  427 ARG A NE  
511 C CZ  . ARG A 62 ? 0.7392 0.6413 0.6257 0.0388  -0.0116 0.0408  427 ARG A CZ  
512 N NH1 . ARG A 62 ? 0.7765 0.6775 0.6649 0.0257  -0.0041 0.0430  427 ARG A NH1 
513 N NH2 . ARG A 62 ? 0.6525 0.5701 0.5361 0.0489  -0.0192 0.0377  427 ARG A NH2 
514 N N   . TYR A 63 ? 0.3170 0.2718 0.2829 0.0290  -0.0113 0.0103  428 TYR A N   
515 C CA  . TYR A 63 ? 0.2250 0.1970 0.2037 0.0340  -0.0112 0.0053  428 TYR A CA  
516 C C   . TYR A 63 ? 0.3070 0.2758 0.2872 0.0277  -0.0058 0.0033  428 TYR A C   
517 O O   . TYR A 63 ? 0.2794 0.2446 0.2566 0.0349  -0.0046 0.0000  428 TYR A O   
518 C CB  . TYR A 63 ? 0.2869 0.2869 0.2843 0.0313  -0.0135 0.0029  428 TYR A CB  
519 C CG  . TYR A 63 ? 0.2717 0.2943 0.2860 0.0329  -0.0110 -0.0008 428 TYR A CG  
520 C CD1 . TYR A 63 ? 0.2779 0.3110 0.2956 0.0462  -0.0129 -0.0037 428 TYR A CD1 
521 C CD2 . TYR A 63 ? 0.2699 0.3043 0.2966 0.0219  -0.0061 -0.0003 428 TYR A CD2 
522 C CE1 . TYR A 63 ? 0.2432 0.3015 0.2778 0.0474  -0.0089 -0.0067 428 TYR A CE1 
523 C CE2 . TYR A 63 ? 0.2982 0.3542 0.3397 0.0224  -0.0020 -0.0016 428 TYR A CE2 
524 C CZ  . TYR A 63 ? 0.3086 0.3782 0.3549 0.0347  -0.0029 -0.0050 428 TYR A CZ  
525 O OH  . TYR A 63 ? 0.2878 0.3827 0.3499 0.0351  0.0028  -0.0059 428 TYR A OH  
526 N N   . TYR A 64 ? 0.2583 0.2289 0.2420 0.0156  -0.0030 0.0048  429 TYR A N   
527 C CA  . TYR A 64 ? 0.2186 0.1879 0.2021 0.0103  0.0008  0.0027  429 TYR A CA  
528 C C   . TYR A 64 ? 0.3175 0.2633 0.2870 0.0115  0.0009  0.0007  429 TYR A C   
529 O O   . TYR A 64 ? 0.2888 0.2333 0.2558 0.0133  0.0022  -0.0041 429 TYR A O   
530 C CB  . TYR A 64 ? 0.2446 0.2197 0.2332 -0.0008 0.0026  0.0050  429 TYR A CB  
531 C CG  . TYR A 64 ? 0.2671 0.2620 0.2695 -0.0032 0.0037  0.0061  429 TYR A CG  
532 C CD1 . TYR A 64 ? 0.2871 0.2971 0.2986 0.0017  0.0050  0.0049  429 TYR A CD1 
533 C CD2 . TYR A 64 ? 0.2440 0.2418 0.2509 -0.0106 0.0042  0.0083  429 TYR A CD2 
534 C CE1 . TYR A 64 ? 0.2440 0.2702 0.2693 -0.0031 0.0072  0.0070  429 TYR A CE1 
535 C CE2 . TYR A 64 ? 0.1976 0.2078 0.2160 -0.0136 0.0054  0.0099  429 TYR A CE2 
536 C CZ  . TYR A 64 ? 0.2359 0.2594 0.2639 -0.0110 0.0072  0.0097  429 TYR A CZ  
537 O OH  . TYR A 64 ? 0.2087 0.2425 0.2492 -0.0165 0.0094  0.0124  429 TYR A OH  
538 N N   . TYR A 65 ? 0.2796 0.2058 0.2391 0.0106  -0.0003 0.0042  430 TYR A N   
539 C CA  . TYR A 65 ? 0.3020 0.2014 0.2489 0.0102  -0.0001 0.0026  430 TYR A CA  
540 C C   . TYR A 65 ? 0.3510 0.2423 0.2918 0.0244  -0.0020 -0.0020 430 TYR A C   
541 O O   . TYR A 65 ? 0.3552 0.2351 0.2907 0.0257  -0.0017 -0.0085 430 TYR A O   
542 C CB  . TYR A 65 ? 0.4143 0.2929 0.3508 0.0063  0.0005  0.0096  430 TYR A CB  
543 C CG  . TYR A 65 ? 0.5787 0.4247 0.5020 0.0067  0.0007  0.0086  430 TYR A CG  
544 C CD1 . TYR A 65 ? 0.7138 0.5511 0.6382 -0.0036 0.0017  0.0027  430 TYR A CD1 
545 C CD2 . TYR A 65 ? 0.7264 0.5494 0.6358 0.0180  -0.0009 0.0129  430 TYR A CD2 
546 C CE1 . TYR A 65 ? 0.7327 0.5374 0.6459 -0.0048 0.0012  0.0001  430 TYR A CE1 
547 C CE2 . TYR A 65 ? 0.7608 0.5485 0.6571 0.0182  -0.0007 0.0121  430 TYR A CE2 
548 C CZ  . TYR A 65 ? 0.7550 0.5327 0.6540 0.0059  0.0005  0.0053  430 TYR A CZ  
549 O OH  . TYR A 65 ? 0.8336 0.5736 0.7205 0.0046  0.0001  0.0030  430 TYR A OH  
550 N N   . GLU A 66 ? 0.3717 0.2701 0.3134 0.0366  -0.0044 0.0001  431 GLU A N   
551 C CA  . GLU A 66 ? 0.3831 0.2767 0.3199 0.0528  -0.0063 -0.0043 431 GLU A CA  
552 C C   . GLU A 66 ? 0.3964 0.3118 0.3429 0.0562  -0.0038 -0.0117 431 GLU A C   
553 O O   . GLU A 66 ? 0.4411 0.3488 0.3809 0.0681  -0.0040 -0.0179 431 GLU A O   
554 C CB  . GLU A 66 ? 0.4017 0.3057 0.3404 0.0656  -0.0105 -0.0009 431 GLU A CB  
555 C CG  . GLU A 66 ? 0.6581 0.5412 0.5833 0.0655  -0.0128 0.0074  431 GLU A CG  
556 C CD  . GLU A 66 ? 0.9344 0.8180 0.8534 0.0844  -0.0187 0.0095  431 GLU A CD  
557 O OE1 . GLU A 66 ? 0.9663 0.8388 0.8735 0.0866  -0.0211 0.0171  431 GLU A OE1 
558 O OE2 . GLU A 66 ? 1.0360 0.9326 0.9612 0.0982  -0.0206 0.0035  431 GLU A OE2 
559 N N   . LYS A 67 ? 0.2798 0.2211 0.2401 0.0470  -0.0011 -0.0107 432 LYS A N   
560 C CA  . LYS A 67 ? 0.2723 0.2365 0.2408 0.0498  0.0028  -0.0152 432 LYS A CA  
561 C C   . LYS A 67 ? 0.3055 0.2632 0.2672 0.0421  0.0053  -0.0189 432 LYS A C   
562 O O   . LYS A 67 ? 0.3181 0.2951 0.2838 0.0434  0.0092  -0.0210 432 LYS A O   
563 C CB  . LYS A 67 ? 0.2265 0.2217 0.2137 0.0446  0.0049  -0.0109 432 LYS A CB  
564 C CG  . LYS A 67 ? 0.2083 0.2183 0.2056 0.0536  0.0014  -0.0100 432 LYS A CG  
565 C CD  . LYS A 67 ? 0.2536 0.2728 0.2513 0.0704  0.0021  -0.0154 432 LYS A CD  
566 C CE  . LYS A 67 ? 0.3660 0.3934 0.3688 0.0826  -0.0039 -0.0155 432 LYS A CE  
567 N NZ  . LYS A 67 ? 0.3835 0.4425 0.4013 0.0948  -0.0015 -0.0200 432 LYS A NZ  
568 N N   . GLY A 68 ? 0.3050 0.2378 0.2567 0.0340  0.0029  -0.0195 433 GLY A N   
569 C CA  . GLY A 68 ? 0.3027 0.2302 0.2487 0.0266  0.0031  -0.0249 433 GLY A CA  
570 C C   . GLY A 68 ? 0.3167 0.2631 0.2712 0.0156  0.0047  -0.0210 433 GLY A C   
571 O O   . GLY A 68 ? 0.3510 0.2989 0.3008 0.0118  0.0041  -0.0258 433 GLY A O   
572 N N   . ILE A 69 ? 0.2312 0.1909 0.1965 0.0114  0.0060  -0.0133 434 ILE A N   
573 C CA  . ILE A 69 ? 0.2571 0.2331 0.2299 0.0036  0.0078  -0.0092 434 ILE A CA  
574 C C   . ILE A 69 ? 0.3382 0.3060 0.3111 -0.0071 0.0057  -0.0075 434 ILE A C   
575 O O   . ILE A 69 ? 0.3359 0.3126 0.3105 -0.0120 0.0056  -0.0074 434 ILE A O   
576 C CB  . ILE A 69 ? 0.3177 0.3114 0.3033 0.0046  0.0102  -0.0032 434 ILE A CB  
577 C CG1 . ILE A 69 ? 0.3406 0.3492 0.3291 0.0139  0.0139  -0.0049 434 ILE A CG1 
578 C CG2 . ILE A 69 ? 0.2987 0.3025 0.2913 -0.0034 0.0116  0.0021  434 ILE A CG2 
579 C CD1 . ILE A 69 ? 0.2810 0.3085 0.2856 0.0140  0.0158  -0.0005 434 ILE A CD1 
580 N N   . MET A 70 ? 0.2747 0.2276 0.2454 -0.0097 0.0043  -0.0057 435 MET A N   
581 C CA  . MET A 70 ? 0.2976 0.2465 0.2700 -0.0198 0.0040  -0.0031 435 MET A CA  
582 C C   . MET A 70 ? 0.3935 0.3189 0.3576 -0.0226 0.0034  -0.0037 435 MET A C   
583 O O   . MET A 70 ? 0.4232 0.3344 0.3800 -0.0149 0.0028  -0.0036 435 MET A O   
584 C CB  . MET A 70 ? 0.2729 0.2318 0.2525 -0.0208 0.0049  0.0030  435 MET A CB  
585 C CG  . MET A 70 ? 0.4608 0.4259 0.4450 -0.0286 0.0056  0.0051  435 MET A CG  
586 S SD  . MET A 70 ? 0.4496 0.4288 0.4422 -0.0261 0.0059  0.0089  435 MET A SD  
587 C CE  . MET A 70 ? 0.4902 0.4814 0.4875 -0.0234 0.0066  0.0084  435 MET A CE  
588 N N   . GLN A 71 ? 0.2879 0.2092 0.2535 -0.0335 0.0039  -0.0039 436 GLN A N   
589 C CA  . GLN A 71 ? 0.3346 0.2325 0.2935 -0.0394 0.0051  -0.0019 436 GLN A CA  
590 C C   . GLN A 71 ? 0.3531 0.2580 0.3173 -0.0482 0.0087  0.0048  436 GLN A C   
591 O O   . GLN A 71 ? 0.3236 0.2498 0.2976 -0.0521 0.0090  0.0044  436 GLN A O   
592 C CB  . GLN A 71 ? 0.4752 0.3597 0.4320 -0.0467 0.0030  -0.0100 436 GLN A CB  
593 C CG  . GLN A 71 ? 0.6574 0.5229 0.6036 -0.0374 0.0003  -0.0166 436 GLN A CG  
594 C CD  . GLN A 71 ? 0.8900 0.7384 0.8334 -0.0461 -0.0027 -0.0263 436 GLN A CD  
595 O OE1 . GLN A 71 ? 1.0033 0.8591 0.9457 -0.0432 -0.0065 -0.0366 436 GLN A OE1 
596 N NE2 . GLN A 71 ? 0.9458 0.7713 0.8879 -0.0574 -0.0009 -0.0232 436 GLN A NE2 
597 N N   . LYS A 72 ? 0.3972 0.2836 0.3530 -0.0498 0.0118  0.0116  437 LYS A N   
598 C CA  . LYS A 72 ? 0.3899 0.2809 0.3483 -0.0589 0.0170  0.0183  437 LYS A CA  
599 C C   . LYS A 72 ? 0.4563 0.3374 0.4190 -0.0740 0.0192  0.0163  437 LYS A C   
600 O O   . LYS A 72 ? 0.5261 0.3803 0.4809 -0.0764 0.0186  0.0151  437 LYS A O   
601 C CB  . LYS A 72 ? 0.4696 0.3466 0.4145 -0.0526 0.0199  0.0278  437 LYS A CB  
602 C CG  . LYS A 72 ? 0.4581 0.3444 0.4034 -0.0590 0.0263  0.0352  437 LYS A CG  
603 C CD  . LYS A 72 ? 0.5279 0.4058 0.4574 -0.0491 0.0278  0.0437  437 LYS A CD  
604 C CE  . LYS A 72 ? 0.5891 0.4814 0.5181 -0.0535 0.0346  0.0498  437 LYS A CE  
605 N NZ  . LYS A 72 ? 0.6585 0.5480 0.5929 -0.0696 0.0428  0.0540  437 LYS A NZ  
606 N N   . VAL A 73 ? 0.3783 0.2819 0.3547 -0.0840 0.0213  0.0149  438 VAL A N   
607 C CA  . VAL A 73 ? 0.3484 0.2498 0.3342 -0.1003 0.0227  0.0113  438 VAL A CA  
608 C C   . VAL A 73 ? 0.4943 0.3769 0.4744 -0.1098 0.0311  0.0218  438 VAL A C   
609 O O   . VAL A 73 ? 0.4684 0.3626 0.4473 -0.1088 0.0375  0.0307  438 VAL A O   
610 C CB  . VAL A 73 ? 0.3649 0.3012 0.3690 -0.1064 0.0219  0.0065  438 VAL A CB  
611 C CG1 . VAL A 73 ? 0.4027 0.3413 0.4201 -0.1252 0.0232  0.0024  438 VAL A CG1 
612 C CG2 . VAL A 73 ? 0.3242 0.2750 0.3304 -0.0966 0.0140  -0.0022 438 VAL A CG2 
613 N N   . ALA A 74 ? 0.6292 0.4814 0.6039 -0.1182 0.0314  0.0212  439 ALA A N   
614 C CA  . ALA A 74 ? 0.6231 0.4591 0.5939 -0.1220 0.0382  0.0325  439 ALA A CA  
615 C C   . ALA A 74 ? 0.6473 0.5092 0.6388 -0.1358 0.0436  0.0345  439 ALA A C   
616 O O   . ALA A 74 ? 0.6886 0.5739 0.6982 -0.1435 0.0398  0.0247  439 ALA A O   
617 C CB  . ALA A 74 ? 0.5740 0.3734 0.5370 -0.1225 0.0350  0.0305  439 ALA A CB  
618 N N   . GLY A 75 ? 0.7998 0.6582 0.7875 -0.1379 0.0525  0.0478  440 GLY A N   
619 C CA  . GLY A 75 ? 0.8888 0.7743 0.8947 -0.1489 0.0596  0.0517  440 GLY A CA  
620 C C   . GLY A 75 ? 0.8873 0.8082 0.8978 -0.1435 0.0630  0.0519  440 GLY A C   
621 O O   . GLY A 75 ? 0.9235 0.8657 0.9438 -0.1484 0.0713  0.0581  440 GLY A O   
622 N N   . GLU A 76 ? 0.8478 0.7755 0.8523 -0.1334 0.0570  0.0453  441 GLU A N   
623 C CA  . GLU A 76 ? 0.8266 0.7825 0.8323 -0.1263 0.0594  0.0455  441 GLU A CA  
624 C C   . GLU A 76 ? 0.8142 0.7545 0.7955 -0.1139 0.0617  0.0535  441 GLU A C   
625 O O   . GLU A 76 ? 0.8908 0.7999 0.8549 -0.1091 0.0601  0.0582  441 GLU A O   
626 C CB  . GLU A 76 ? 0.8280 0.8034 0.8444 -0.1240 0.0510  0.0334  441 GLU A CB  
627 C CG  . GLU A 76 ? 0.8334 0.8312 0.8731 -0.1340 0.0477  0.0247  441 GLU A CG  
628 C CD  . GLU A 76 ? 0.8593 0.8923 0.9153 -0.1361 0.0541  0.0265  441 GLU A CD  
629 O OE1 . GLU A 76 ? 0.8272 0.8664 0.8749 -0.1298 0.0616  0.0341  441 GLU A OE1 
630 O OE2 . GLU A 76 ? 0.8783 0.9334 0.9546 -0.1433 0.0512  0.0195  441 GLU A OE2 
631 N N   . ARG A 77 ? 0.7493 0.7133 0.7304 -0.1045 0.0634  0.0536  442 ARG A N   
632 C CA  . ARG A 77 ? 0.7755 0.7315 0.7363 -0.0897 0.0637  0.0592  442 ARG A CA  
633 C C   . ARG A 77 ? 0.6803 0.6420 0.6403 -0.0748 0.0533  0.0508  442 ARG A C   
634 O O   . ARG A 77 ? 0.7663 0.7108 0.7120 -0.0646 0.0483  0.0519  442 ARG A O   
635 C CB  . ARG A 77 ? 0.8745 0.8511 0.8327 -0.0893 0.0740  0.0654  442 ARG A CB  
636 C CG  . ARG A 77 ? 0.9728 0.9393 0.9064 -0.0756 0.0754  0.0722  442 ARG A CG  
637 C CD  . ARG A 77 ? 1.0781 1.0592 1.0048 -0.0777 0.0885  0.0811  442 ARG A CD  
638 N NE  . ARG A 77 ? 1.1789 1.1486 1.0778 -0.0640 0.0894  0.0881  442 ARG A NE  
639 C CZ  . ARG A 77 ? 1.2443 1.2332 1.1333 -0.0535 0.0932  0.0875  442 ARG A CZ  
640 N NH1 . ARG A 77 ? 1.2163 1.2358 1.1216 -0.0549 0.0973  0.0808  442 ARG A NH1 
641 N NH2 . ARG A 77 ? 1.3161 1.2943 1.1780 -0.0403 0.0924  0.0929  442 ARG A NH2 
642 N N   . TYR A 78 ? 0.3932 0.3789 0.3687 -0.0734 0.0499  0.0425  443 TYR A N   
643 C CA  . TYR A 78 ? 0.3462 0.3373 0.3231 -0.0616 0.0414  0.0354  443 TYR A CA  
644 C C   . TYR A 78 ? 0.2994 0.2987 0.2914 -0.0648 0.0356  0.0279  443 TYR A C   
645 O O   . TYR A 78 ? 0.2830 0.2958 0.2819 -0.0582 0.0316  0.0228  443 TYR A O   
646 C CB  . TYR A 78 ? 0.3878 0.3971 0.3644 -0.0530 0.0429  0.0335  443 TYR A CB  
647 C CG  . TYR A 78 ? 0.4629 0.4660 0.4211 -0.0469 0.0474  0.0395  443 TYR A CG  
648 C CD1 . TYR A 78 ? 0.5087 0.4966 0.4525 -0.0374 0.0413  0.0395  443 TYR A CD1 
649 C CD2 . TYR A 78 ? 0.5524 0.5671 0.5072 -0.0501 0.0577  0.0450  443 TYR A CD2 
650 C CE1 . TYR A 78 ? 0.4541 0.4376 0.3788 -0.0302 0.0441  0.0445  443 TYR A CE1 
651 C CE2 . TYR A 78 ? 0.5323 0.5416 0.4665 -0.0431 0.0620  0.0512  443 TYR A CE2 
652 C CZ  . TYR A 78 ? 0.5368 0.5300 0.4552 -0.0327 0.0545  0.0507  443 TYR A CZ  
653 O OH  . TYR A 78 ? 0.6479 0.6372 0.5438 -0.0241 0.0576  0.0562  443 TYR A OH  
654 N N   . VAL A 79 ? 0.2569 0.2464 0.2526 -0.0745 0.0351  0.0270  444 VAL A N   
655 C CA  . VAL A 79 ? 0.2322 0.2294 0.2392 -0.0772 0.0291  0.0193  444 VAL A CA  
656 C C   . VAL A 79 ? 0.2732 0.2493 0.2715 -0.0732 0.0237  0.0170  444 VAL A C   
657 O O   . VAL A 79 ? 0.2877 0.2411 0.2766 -0.0761 0.0251  0.0199  444 VAL A O   
658 C CB  . VAL A 79 ? 0.2885 0.2957 0.3087 -0.0919 0.0315  0.0170  444 VAL A CB  
659 C CG1 . VAL A 79 ? 0.2454 0.2597 0.2741 -0.0931 0.0235  0.0077  444 VAL A CG1 
660 C CG2 . VAL A 79 ? 0.3039 0.3388 0.3357 -0.0944 0.0376  0.0187  444 VAL A CG2 
661 N N   . TYR A 80 ? 0.1846 0.1679 0.1854 -0.0658 0.0180  0.0122  445 TYR A N   
662 C CA  . TYR A 80 ? 0.2324 0.2018 0.2262 -0.0600 0.0138  0.0095  445 TYR A CA  
663 C C   . TYR A 80 ? 0.2671 0.2467 0.2668 -0.0609 0.0093  0.0026  445 TYR A C   
664 O O   . TYR A 80 ? 0.2787 0.2760 0.2877 -0.0649 0.0084  0.0001  445 TYR A O   
665 C CB  . TYR A 80 ? 0.2647 0.2346 0.2544 -0.0491 0.0125  0.0118  445 TYR A CB  
666 C CG  . TYR A 80 ? 0.3275 0.2881 0.3087 -0.0461 0.0150  0.0172  445 TYR A CG  
667 C CD1 . TYR A 80 ? 0.3550 0.3255 0.3370 -0.0463 0.0182  0.0201  445 TYR A CD1 
668 C CD2 . TYR A 80 ? 0.4340 0.3771 0.4048 -0.0412 0.0139  0.0192  445 TYR A CD2 
669 C CE1 . TYR A 80 ? 0.4169 0.3799 0.3880 -0.0421 0.0201  0.0249  445 TYR A CE1 
670 C CE2 . TYR A 80 ? 0.4889 0.4242 0.4494 -0.0365 0.0152  0.0246  445 TYR A CE2 
671 C CZ  . TYR A 80 ? 0.4874 0.4328 0.4474 -0.0373 0.0183  0.0274  445 TYR A CZ  
672 O OH  . TYR A 80 ? 0.5922 0.5310 0.5390 -0.0313 0.0192  0.0325  445 TYR A OH  
673 N N   . LYS A 81 ? 0.2838 0.2541 0.2770 -0.0555 0.0062  -0.0009 446 LYS A N   
674 C CA  . LYS A 81 ? 0.2583 0.2393 0.2532 -0.0538 0.0020  -0.0071 446 LYS A CA  
675 C C   . LYS A 81 ? 0.2763 0.2530 0.2637 -0.0437 0.0012  -0.0076 446 LYS A C   
676 O O   . LYS A 81 ? 0.2992 0.2612 0.2804 -0.0399 0.0024  -0.0067 446 LYS A O   
677 C CB  . LYS A 81 ? 0.3397 0.3160 0.3355 -0.0627 -0.0010 -0.0149 446 LYS A CB  
678 C CG  . LYS A 81 ? 0.3372 0.2875 0.3231 -0.0634 -0.0015 -0.0187 446 LYS A CG  
679 C CD  . LYS A 81 ? 0.4336 0.3791 0.4217 -0.0735 -0.0057 -0.0287 446 LYS A CD  
680 C CE  . LYS A 81 ? 0.5790 0.4922 0.5571 -0.0755 -0.0059 -0.0323 446 LYS A CE  
681 N NZ  . LYS A 81 ? 0.5778 0.4840 0.5601 -0.0883 -0.0105 -0.0432 446 LYS A NZ  
682 N N   . PHE A 82 ? 0.2291 0.2205 0.2175 -0.0388 -0.0001 -0.0080 447 PHE A N   
683 C CA  . PHE A 82 ? 0.2615 0.2531 0.2432 -0.0304 0.0003  -0.0088 447 PHE A CA  
684 C C   . PHE A 82 ? 0.3082 0.2918 0.2815 -0.0299 -0.0026 -0.0180 447 PHE A C   
685 O O   . PHE A 82 ? 0.3523 0.3376 0.3259 -0.0359 -0.0067 -0.0243 447 PHE A O   
686 C CB  . PHE A 82 ? 0.2673 0.2751 0.2500 -0.0258 0.0007  -0.0050 447 PHE A CB  
687 C CG  . PHE A 82 ? 0.2457 0.2579 0.2362 -0.0258 0.0031  0.0027  447 PHE A CG  
688 C CD1 . PHE A 82 ? 0.2677 0.2860 0.2641 -0.0292 0.0017  0.0038  447 PHE A CD1 
689 C CD2 . PHE A 82 ? 0.3208 0.3322 0.3137 -0.0225 0.0064  0.0078  447 PHE A CD2 
690 C CE1 . PHE A 82 ? 0.2713 0.2913 0.2733 -0.0277 0.0033  0.0092  447 PHE A CE1 
691 C CE2 . PHE A 82 ? 0.4182 0.4310 0.4181 -0.0232 0.0074  0.0129  447 PHE A CE2 
692 C CZ  . PHE A 82 ? 0.3061 0.3215 0.3092 -0.0251 0.0058  0.0133  447 PHE A CZ  
693 N N   . VAL A 83 ? 0.3483 0.3234 0.3145 -0.0224 -0.0011 -0.0198 448 VAL A N   
694 C CA  . VAL A 83 ? 0.3559 0.3216 0.3117 -0.0190 -0.0039 -0.0300 448 VAL A CA  
695 C C   . VAL A 83 ? 0.3527 0.3355 0.3019 -0.0113 -0.0038 -0.0321 448 VAL A C   
696 O O   . VAL A 83 ? 0.4024 0.3890 0.3453 -0.0121 -0.0084 -0.0402 448 VAL A O   
697 C CB  . VAL A 83 ? 0.3395 0.2874 0.2896 -0.0121 -0.0024 -0.0316 448 VAL A CB  
698 C CG1 . VAL A 83 ? 0.3855 0.3216 0.3233 -0.0068 -0.0054 -0.0438 448 VAL A CG1 
699 C CG2 . VAL A 83 ? 0.3268 0.2565 0.2798 -0.0188 -0.0023 -0.0274 448 VAL A CG2 
700 N N   A CYS A 84 ? 0.3687 0.3626 0.3190 -0.0041 0.0017  -0.0249 449 CYS A N   
701 N N   B CYS A 84 ? 0.3713 0.3648 0.3216 -0.0040 0.0017  -0.0250 449 CYS A N   
702 C CA  A CYS A 84 ? 0.4015 0.4120 0.3447 0.0030  0.0042  -0.0236 449 CYS A CA  
703 C CA  B CYS A 84 ? 0.3995 0.4102 0.3433 0.0028  0.0043  -0.0232 449 CYS A CA  
704 C C   A CYS A 84 ? 0.4041 0.4270 0.3523 -0.0006 0.0044  -0.0149 449 CYS A C   
705 C C   B CYS A 84 ? 0.4047 0.4271 0.3534 -0.0014 0.0038  -0.0153 449 CYS A C   
706 O O   A CYS A 84 ? 0.4268 0.4503 0.3860 -0.0045 0.0069  -0.0064 449 CYS A O   
707 O O   B CYS A 84 ? 0.4269 0.4487 0.3868 -0.0063 0.0053  -0.0077 449 CYS A O   
708 C CB  A CYS A 84 ? 0.4059 0.4237 0.3497 0.0113  0.0114  -0.0191 449 CYS A CB  
709 C CB  B CYS A 84 ? 0.3965 0.4153 0.3419 0.0104  0.0117  -0.0176 449 CYS A CB  
710 S SG  A CYS A 84 ? 0.4494 0.4670 0.4105 0.0072  0.0149  -0.0095 449 CYS A SG  
711 S SG  B CYS A 84 ? 0.4416 0.4502 0.3801 0.0204  0.0124  -0.0273 449 CYS A SG  
712 N N   . ASP A 85 ? 0.3460 0.3784 0.2850 0.0020  0.0009  -0.0179 450 ASP A N   
713 C CA  . ASP A 85 ? 0.3176 0.3614 0.2584 0.0017  -0.0001 -0.0101 450 ASP A CA  
714 C C   . ASP A 85 ? 0.2937 0.3421 0.2370 0.0049  0.0082  0.0034  450 ASP A C   
715 O O   . ASP A 85 ? 0.3040 0.3592 0.2378 0.0117  0.0137  0.0066  450 ASP A O   
716 C CB  . ASP A 85 ? 0.3499 0.4048 0.2766 0.0074  -0.0057 -0.0161 450 ASP A CB  
717 C CG  . ASP A 85 ? 0.5015 0.5677 0.4294 0.0089  -0.0086 -0.0087 450 ASP A CG  
718 O OD1 . ASP A 85 ? 0.5799 0.6484 0.5058 0.0134  -0.0025 0.0043  450 ASP A OD1 
719 O OD2 . ASP A 85 ? 0.5960 0.6687 0.5272 0.0060  -0.0169 -0.0161 450 ASP A OD2 
720 N N   . PRO A 86 ? 0.3979 0.4425 0.3539 -0.0002 0.0099  0.0111  451 PRO A N   
721 C CA  . PRO A 86 ? 0.4462 0.4922 0.4070 0.0003  0.0174  0.0228  451 PRO A CA  
722 C C   . PRO A 86 ? 0.4239 0.4776 0.3733 0.0066  0.0211  0.0318  451 PRO A C   
723 O O   . PRO A 86 ? 0.4411 0.4983 0.3901 0.0076  0.0295  0.0402  451 PRO A O   
724 C CB  . PRO A 86 ? 0.5270 0.5657 0.5008 -0.0058 0.0157  0.0263  451 PRO A CB  
725 C CG  . PRO A 86 ? 0.5117 0.5503 0.4851 -0.0074 0.0084  0.0194  451 PRO A CG  
726 C CD  . PRO A 86 ? 0.4824 0.5216 0.4489 -0.0071 0.0053  0.0089  451 PRO A CD  
727 N N   . ASP A 87 ? 0.3461 0.4038 0.2857 0.0108  0.0153  0.0309  452 ASP A N   
728 C CA  . ASP A 87 ? 0.4275 0.4917 0.3522 0.0190  0.0184  0.0407  452 ASP A CA  
729 C C   . ASP A 87 ? 0.4443 0.5178 0.3532 0.0257  0.0222  0.0374  452 ASP A C   
730 O O   . ASP A 87 ? 0.4812 0.5594 0.3800 0.0307  0.0306  0.0487  452 ASP A O   
731 C CB  . ASP A 87 ? 0.6441 0.7130 0.5621 0.0242  0.0095  0.0394  452 ASP A CB  
732 C CG  . ASP A 87 ? 0.7984 0.8593 0.7291 0.0211  0.0079  0.0453  452 ASP A CG  
733 O OD1 . ASP A 87 ? 0.8346 0.8850 0.7694 0.0195  0.0149  0.0570  452 ASP A OD1 
734 O OD2 . ASP A 87 ? 0.8066 0.8719 0.7439 0.0202  -0.0001 0.0377  452 ASP A OD2 
735 N N   . ALA A 88 ? 0.3641 0.4393 0.2701 0.0263  0.0166  0.0223  453 ALA A N   
736 C CA  . ALA A 88 ? 0.3577 0.4412 0.2467 0.0347  0.0194  0.0168  453 ALA A CA  
737 C C   . ALA A 88 ? 0.2818 0.3673 0.1761 0.0348  0.0309  0.0219  453 ALA A C   
738 O O   . ALA A 88 ? 0.2995 0.3960 0.1795 0.0433  0.0375  0.0232  453 ALA A O   
739 C CB  . ALA A 88 ? 0.3338 0.4144 0.2186 0.0348  0.0097  -0.0023 453 ALA A CB  
740 N N   . LEU A 89 ? 0.2765 0.3549 0.1912 0.0262  0.0335  0.0250  454 LEU A N   
741 C CA  . LEU A 89 ? 0.2570 0.3419 0.1805 0.0261  0.0436  0.0294  454 LEU A CA  
742 C C   . LEU A 89 ? 0.2751 0.3705 0.1954 0.0272  0.0549  0.0454  454 LEU A C   
743 O O   . LEU A 89 ? 0.2940 0.4023 0.2176 0.0293  0.0650  0.0488  454 LEU A O   
744 C CB  . LEU A 89 ? 0.3080 0.3846 0.2537 0.0170  0.0422  0.0290  454 LEU A CB  
745 C CG  . LEU A 89 ? 0.2436 0.3099 0.1917 0.0169  0.0343  0.0151  454 LEU A CG  
746 C CD1 . LEU A 89 ? 0.3071 0.3631 0.2722 0.0082  0.0308  0.0159  454 LEU A CD1 
747 C CD2 . LEU A 89 ? 0.3045 0.3777 0.2491 0.0253  0.0384  0.0080  454 LEU A CD2 
748 N N   . PHE A 90 ? 0.2866 0.3770 0.2008 0.0262  0.0542  0.0562  455 PHE A N   
749 C CA  . PHE A 90 ? 0.2984 0.3937 0.2088 0.0261  0.0660  0.0739  455 PHE A CA  
750 C C   . PHE A 90 ? 0.4057 0.5020 0.2910 0.0357  0.0650  0.0815  455 PHE A C   
751 O O   . PHE A 90 ? 0.5696 0.6622 0.4502 0.0350  0.0729  0.0988  455 PHE A O   
752 C CB  . PHE A 90 ? 0.3243 0.4078 0.2560 0.0141  0.0685  0.0836  455 PHE A CB  
753 C CG  . PHE A 90 ? 0.3418 0.4292 0.2967 0.0061  0.0703  0.0775  455 PHE A CG  
754 C CD1 . PHE A 90 ? 0.3971 0.4764 0.3630 0.0028  0.0603  0.0653  455 PHE A CD1 
755 C CD2 . PHE A 90 ? 0.3965 0.4989 0.3612 0.0031  0.0823  0.0838  455 PHE A CD2 
756 C CE1 . PHE A 90 ? 0.3591 0.4431 0.3436 -0.0021 0.0610  0.0597  455 PHE A CE1 
757 C CE2 . PHE A 90 ? 0.3762 0.4865 0.3629 -0.0024 0.0827  0.0771  455 PHE A CE2 
758 C CZ  . PHE A 90 ? 0.3423 0.4424 0.3375 -0.0042 0.0714  0.0650  455 PHE A CZ  
759 N N   . SER A 91 ? 0.4012 0.5024 0.2693 0.0448  0.0556  0.0690  456 SER A N   
760 C CA  . SER A 91 ? 0.4359 0.5404 0.2796 0.0555  0.0518  0.0741  456 SER A CA  
761 C C   . SER A 91 ? 0.4476 0.5624 0.2727 0.0640  0.0617  0.0823  456 SER A C   
762 O O   . SER A 91 ? 0.4579 0.5703 0.2683 0.0707  0.0597  0.0900  456 SER A O   
763 C CB  . SER A 91 ? 0.4100 0.5180 0.2454 0.0606  0.0365  0.0551  456 SER A CB  
764 O OG  . SER A 91 ? 0.3716 0.4871 0.2006 0.0644  0.0361  0.0399  456 SER A OG  
765 N N   . MET A 92 ? 0.3885 0.5131 0.2176 0.0636  0.0707  0.0787  457 MET A N   
766 C CA  . MET A 92 ? 0.4427 0.5766 0.2578 0.0711  0.0784  0.0835  457 MET A CA  
767 C C   . MET A 92 ? 0.5128 0.6431 0.3384 0.0629  0.0919  0.1029  457 MET A C   
768 O O   . MET A 92 ? 0.5576 0.6786 0.4041 0.0507  0.0954  0.1104  457 MET A O   
769 C CB  . MET A 92 ? 0.3855 0.5335 0.1974 0.0772  0.0813  0.0692  457 MET A CB  
770 C CG  . MET A 92 ? 0.4406 0.5877 0.2479 0.0817  0.0690  0.0476  457 MET A CG  
771 S SD  . MET A 92 ? 0.4325 0.5912 0.2385 0.0896  0.0741  0.0325  457 MET A SD  
772 C CE  . MET A 92 ? 0.5746 0.7254 0.3637 0.0974  0.0565  0.0067  457 MET A CE  
773 O OXT . MET A 92 ? 0.5458 0.6817 0.3585 0.0677  0.0993  0.1111  457 MET A OXT 
774 O O   . HOH B .  ? 0.6393 0.6658 0.6413 -0.0867 0.0586  0.0400  501 HOH A O   
775 O O   . HOH B .  ? 0.3976 0.3793 0.3677 -0.0455 -0.0164 -0.0430 502 HOH A O   
776 O O   . HOH B .  ? 0.5901 0.5069 0.7103 -0.0766 -0.0546 -0.0708 503 HOH A O   
777 O O   . HOH B .  ? 0.3691 0.4168 0.3564 0.0658  -0.0187 0.0491  504 HOH A O   
778 O O   . HOH B .  ? 0.2274 0.2943 0.2895 -0.0134 0.0163  0.0131  505 HOH A O   
779 O O   . HOH B .  ? 0.6557 0.5322 0.6558 0.0588  -0.0082 0.0308  506 HOH A O   
780 O O   . HOH B .  ? 0.3808 0.4654 0.4589 -0.1161 0.0096  -0.0174 507 HOH A O   
781 O O   . HOH B .  ? 0.3016 0.4338 0.3794 0.0599  0.0011  -0.0136 508 HOH A O   
782 O O   . HOH B .  ? 0.3784 0.5044 0.3871 0.0375  0.0405  -0.0187 509 HOH A O   
783 O O   . HOH B .  ? 0.6412 0.6353 0.5804 -0.0217 -0.0218 -0.0584 510 HOH A O   
784 O O   . HOH B .  ? 0.7281 0.6552 0.6364 -0.0300 0.0354  0.0540  511 HOH A O   
785 O O   . HOH B .  ? 0.4709 0.4754 0.4454 -0.0085 0.0092  -0.0041 512 HOH A O   
786 O O   . HOH B .  ? 0.6801 0.7170 0.6445 0.0076  0.0106  0.0495  513 HOH A O   
787 O O   . HOH B .  ? 0.4265 0.3826 0.4265 0.0159  0.0056  0.0569  514 HOH A O   
788 O O   . HOH B .  ? 0.3134 0.5004 0.3949 0.0065  0.0195  -0.0069 515 HOH A O   
789 O O   . HOH B .  ? 0.3567 0.3707 0.3531 -0.0646 -0.0215 -0.0450 516 HOH A O   
790 O O   . HOH B .  ? 0.7469 0.5793 0.6696 -0.0852 0.0473  0.0614  517 HOH A O   
791 O O   . HOH B .  ? 0.6534 0.6433 0.7220 -0.1724 0.0763  0.0522  518 HOH A O   
792 O O   . HOH B .  ? 0.4220 0.4674 0.3542 0.0376  0.0225  -0.0355 519 HOH A O   
793 O O   . HOH B .  ? 0.2843 0.3444 0.3164 0.0173  0.0001  0.0102  520 HOH A O   
794 O O   . HOH B .  ? 0.6575 0.4903 0.5905 -0.0397 0.0091  0.0097  521 HOH A O   
795 O O   . HOH B .  ? 0.8317 0.5882 0.7493 -0.0502 -0.0044 -0.0323 522 HOH A O   
796 O O   . HOH B .  ? 0.7560 0.6788 0.7641 -0.1153 -0.0021 -0.0327 523 HOH A O   
797 O O   . HOH B .  ? 0.5652 0.6084 0.5301 0.0329  0.0136  -0.0242 524 HOH A O   
798 O O   . HOH B .  ? 0.4890 0.4168 0.4609 -0.0868 0.0401  0.0381  525 HOH A O   
799 O O   . HOH B .  ? 0.5289 0.4724 0.5389 0.0488  -0.0073 -0.0140 526 HOH A O   
800 O O   . HOH B .  ? 0.6570 0.5372 0.5530 0.0000  0.0107  0.0479  527 HOH A O   
801 O O   . HOH B .  ? 0.2714 0.3818 0.3182 -0.0544 -0.0162 -0.0209 528 HOH A O   
802 O O   . HOH B .  ? 0.6791 0.6747 0.8422 -0.0942 -0.0823 -0.1030 529 HOH A O   
803 O O   . HOH B .  ? 0.5360 0.6336 0.5349 0.0261  -0.0211 0.0235  530 HOH A O   
804 O O   . HOH B .  ? 0.6365 0.6966 0.5657 0.0741  -0.0869 -0.0320 531 HOH A O   
805 O O   . HOH B .  ? 0.4382 0.4313 0.3067 0.0356  -0.0082 0.0054  532 HOH A O   
806 O O   . HOH B .  ? 0.9064 1.0901 0.9554 0.0284  0.0458  -0.0131 533 HOH A O   
807 O O   . HOH B .  ? 0.4383 0.5727 0.2224 0.0870  0.0400  0.0462  534 HOH A O   
808 O O   . HOH B .  ? 0.6776 0.7172 0.6846 -0.0210 0.0487  0.0698  535 HOH A O   
809 O O   . HOH B .  ? 0.4990 0.5002 0.4315 0.0236  -0.0207 -0.0367 536 HOH A O   
810 O O   . HOH B .  ? 0.5799 0.5384 0.5646 0.0563  -0.0090 -0.0530 537 HOH A O   
811 O O   . HOH B .  ? 0.5493 0.6074 0.7287 -0.0958 0.0073  0.0094  538 HOH A O   
812 O O   . HOH B .  ? 0.5121 0.5891 0.5077 -0.0458 0.0581  0.0283  539 HOH A O   
813 O O   . HOH B .  ? 0.6932 0.6209 0.5977 -0.0482 0.0548  0.0684  540 HOH A O   
814 O O   . HOH B .  ? 0.6047 0.7087 0.4028 0.0806  0.0360  0.0895  541 HOH A O   
815 O O   . HOH B .  ? 0.5851 0.6521 0.5376 0.0050  -0.0073 0.0119  542 HOH A O   
816 O O   . HOH B .  ? 0.7093 0.6202 0.7234 0.0336  -0.0077 0.0051  543 HOH A O   
817 O O   . HOH B .  ? 0.6148 0.6848 0.4999 0.0368  0.0405  0.0826  544 HOH A O   
818 O O   . HOH B .  ? 0.5324 0.4031 0.4676 0.0016  -0.0008 -0.0177 545 HOH A O   
819 O O   . HOH B .  ? 0.9050 0.8473 0.7702 0.0585  -0.0273 0.0337  546 HOH A O   
820 O O   . HOH B .  ? 0.5309 0.7458 0.6695 -0.1118 -0.0155 -0.0454 547 HOH A O   
821 O O   . HOH B .  ? 0.5208 0.4891 0.4732 0.0590  -0.0291 0.0120  548 HOH A O   
822 O O   . HOH B .  ? 0.4499 0.4919 0.5012 -0.0115 -0.0286 -0.0143 549 HOH A O   
823 O O   . HOH B .  ? 0.3277 0.3731 0.2617 0.0145  0.0319  -0.0021 550 HOH A O   
824 O O   . HOH B .  ? 0.5632 0.6375 0.6511 -0.0178 -0.0258 -0.0150 551 HOH A O   
825 O O   . HOH B .  ? 0.3325 0.2479 0.3768 -0.0225 -0.0196 -0.0220 552 HOH A O   
826 O O   . HOH B .  ? 0.5394 0.4690 0.5571 0.0136  -0.0010 0.0277  553 HOH A O   
827 O O   . HOH B .  ? 0.4236 0.3463 0.4542 -0.0070 -0.0104 -0.0072 554 HOH A O   
828 O O   . HOH B .  ? 0.4792 0.5228 0.4488 -0.0028 0.0393  0.0632  555 HOH A O   
829 O O   . HOH B .  ? 0.3230 0.4265 0.3649 0.0036  -0.0056 0.0075  556 HOH A O   
830 O O   . HOH B .  ? 0.6513 0.7213 0.6758 0.1093  -0.0187 -0.0178 557 HOH A O   
831 O O   . HOH B .  ? 0.4542 0.5512 0.3492 0.0297  -0.0182 -0.0066 558 HOH A O   
832 O O   . HOH B .  ? 0.4634 0.6095 0.5260 -0.0912 -0.0553 -0.0810 559 HOH A O   
833 O O   . HOH B .  ? 0.6242 0.6015 0.6350 -0.0065 -0.0532 -0.0700 560 HOH A O   
834 O O   . HOH B .  ? 0.4147 0.4934 0.4373 0.0395  -0.0133 0.0228  561 HOH A O   
835 O O   . HOH B .  ? 0.3855 0.4759 0.4249 0.0781  0.0033  -0.0127 562 HOH A O   
836 O O   . HOH B .  ? 0.4347 0.4366 0.4522 -0.0953 -0.0213 -0.0523 563 HOH A O   
837 O O   . HOH B .  ? 0.4264 0.4287 0.4349 -0.0187 0.0251  0.0574  564 HOH A O   
838 O O   . HOH B .  ? 0.4827 0.5444 0.4165 -0.0082 -0.0306 -0.0482 565 HOH A O   
839 O O   . HOH B .  ? 0.5880 0.6012 0.4642 0.0468  -0.0196 -0.0380 566 HOH A O   
840 O O   . HOH B .  ? 0.7719 0.8525 0.6238 0.0429  0.0840  0.1292  567 HOH A O   
841 O O   . HOH B .  ? 0.4660 0.6828 0.5944 -0.0844 0.0154  -0.0161 568 HOH A O   
842 O O   . HOH B .  ? 0.7250 0.7244 0.7959 -0.1572 0.0343  0.0046  569 HOH A O   
843 O O   . HOH B .  ? 0.5611 0.4706 0.4905 -0.0125 0.0096  0.0339  570 HOH A O   
844 O O   . HOH B .  ? 0.4495 0.3645 0.4068 -0.0212 0.0063  0.0138  571 HOH A O   
845 O O   . HOH B .  ? 0.7021 0.6536 0.5659 -0.0038 0.0393  0.0588  572 HOH A O   
846 O O   . HOH B .  ? 0.5869 0.4713 0.5141 0.0091  -0.0036 -0.0412 573 HOH A O   
847 O O   . HOH B .  ? 0.7679 0.7479 0.7354 0.1158  -0.0046 -0.0272 574 HOH A O   
848 O O   . HOH B .  ? 0.6997 0.7569 0.5878 0.1095  -0.0976 -0.0193 575 HOH A O   
849 O O   . HOH B .  ? 0.4396 0.5052 0.4162 0.0091  -0.0090 0.0268  576 HOH A O   
850 O O   . HOH B .  ? 0.6176 0.6304 0.7064 -0.0663 0.0470  0.0684  577 HOH A O   
851 O O   . HOH B .  ? 0.5624 0.6579 0.5480 0.0166  -0.0209 0.0190  578 HOH A O   
852 O O   . HOH B .  ? 0.5373 0.6372 0.6255 -0.1253 0.0300  -0.0018 579 HOH A O   
853 O O   . HOH B .  ? 0.7503 0.7021 0.7069 0.1092  -0.0137 -0.0153 580 HOH A O   
854 O O   . HOH B .  ? 0.4204 0.5555 0.5392 -0.1374 0.0053  -0.0302 581 HOH A O   
855 O O   . HOH B .  ? 0.7438 0.6885 0.6387 0.0832  -0.0412 0.0268  582 HOH A O   
856 O O   . HOH B .  ? 0.4253 0.3176 0.3626 -0.0141 0.0073  0.0250  583 HOH A O   
857 O O   . HOH B .  ? 0.7432 0.6944 0.6139 0.0867  -0.0458 0.0292  584 HOH A O   
858 O O   . HOH B .  ? 0.3609 0.4607 0.4018 0.0285  -0.0070 0.0101  585 HOH A O   
859 O O   . HOH B .  ? 0.8053 0.9394 0.8954 -0.1114 0.0467  0.0105  586 HOH A O   
860 O O   . HOH B .  ? 0.5242 0.6478 0.5897 0.0874  -0.0158 -0.0185 587 HOH A O   
861 O O   . HOH B .  ? 0.7564 0.8001 0.7883 -0.1052 -0.0420 -0.0809 588 HOH A O   
862 O O   . HOH B .  ? 0.8081 0.7992 0.8548 -0.0443 0.0401  0.0713  589 HOH A O   
863 O O   . HOH B .  ? 0.7987 0.7733 0.6393 0.0330  0.0101  0.0328  590 HOH A O   
864 O O   . HOH B .  ? 0.6269 0.6072 0.5960 0.0686  -0.0267 0.0053  591 HOH A O   
865 O O   . HOH B .  ? 0.8057 0.8557 0.6760 0.0323  0.0796  0.1402  592 HOH A O   
866 O O   . HOH B .  ? 0.6421 0.6865 0.6251 -0.0539 -0.0383 -0.0654 593 HOH A O   
867 O O   . HOH B .  ? 0.7635 0.7620 0.5823 0.0585  -0.0120 0.0057  594 HOH A O   
868 O O   . HOH B .  ? 0.5025 0.5759 0.4754 -0.0311 -0.0358 -0.0481 595 HOH A O   
869 O O   . HOH B .  ? 0.6423 0.7192 0.6535 -0.0784 -0.0554 -0.0893 596 HOH A O   
870 O O   . HOH B .  ? 0.5906 0.7282 0.6030 -0.0516 -0.0607 -0.0751 597 HOH A O   
871 O O   . HOH B .  ? 0.7502 0.7383 0.5511 0.0728  -0.0260 0.0143  598 HOH A O   
872 O O   . HOH B .  ? 0.5407 0.5420 0.5569 -0.0270 0.0386  0.0730  599 HOH A O   
873 O O   . HOH B .  ? 0.5817 0.6088 0.5623 -0.0060 0.0252  0.0550  600 HOH A O   
874 O O   . HOH B .  ? 0.6368 0.5226 0.6697 -0.0077 -0.0249 -0.0357 601 HOH A O   
875 O O   . HOH B .  ? 0.2884 0.4360 0.3456 0.0546  -0.0128 0.0043  602 HOH A O   
876 O O   . HOH B .  ? 0.4713 0.6427 0.4842 0.0178  0.0642  -0.0052 603 HOH A O   
877 O O   . HOH B .  ? 0.5373 0.5608 0.4685 -0.0184 -0.0326 -0.0687 604 HOH A O   
878 O O   . HOH B .  ? 0.4498 0.6789 0.5503 0.0282  0.0083  -0.0120 605 HOH A O   
879 O O   . HOH B .  ? 0.4740 0.5236 0.3801 0.0115  0.0471  0.0151  606 HOH A O   
880 O O   . HOH B .  ? 0.5691 0.7338 0.7018 -0.1352 0.0270  -0.0125 607 HOH A O   
881 O O   . HOH B .  ? 0.4716 0.6387 0.5712 -0.0857 0.0312  -0.0011 608 HOH A O   
882 O O   . HOH B .  ? 0.6472 0.8360 0.7283 0.0226  -0.0046 -0.0053 609 HOH A O   
883 O O   . HOH B .  ? 0.5415 0.7699 0.5997 0.0046  0.0700  -0.0028 610 HOH A O   
# 
